data_4Q5C
#
_entry.id   4Q5C
#
_cell.length_a   195.200
_cell.length_b   195.200
_cell.length_c   195.200
_cell.angle_alpha   90.00
_cell.angle_beta   90.00
_cell.angle_gamma   90.00
#
_symmetry.space_group_name_H-M   'P 21 3'
#
loop_
_entity.id
_entity.type
_entity.pdbx_description
1 polymer 'Eight-heme nitrite reductase'
2 non-polymer 'HEME C'
3 non-polymer 'SULFITE ION'
4 non-polymer 'CALCIUM ION'
5 non-polymer (4S)-2-METHYL-2,4-PENTANEDIOL
6 non-polymer 'ACETATE ION'
7 non-polymer 2-AMINO-2-HYDROXYMETHYL-PROPANE-1,3-DIOL
8 water water
#
_entity_poly.entity_id   1
_entity_poly.type   'polypeptide(L)'
_entity_poly.pdbx_seq_one_letter_code
;NLKPVDAMQCFDCHTQIEDMHTVGKHATVNCVHCHDATEHVETASSRRMGERPVTRMDLEACATCHTAQFNSFVEVRHES
HPRLEKATPTSRSPMFDKLIAGHGFAFEHAEPRSHAFMLVDHFVVDRAYGGRFQFKNWQKVTDGMGAVRGAWTVLTDADP
ESSDQRRFLSQTATAANPVCLNCKTQDHILDWAYMGDEHEAAKWSRTSEVVEFARDLNHPLNCFMCHDPHSAGPRVVRDG
LINAVVDRGLGTYPHDPVKSEQQGMTKVTFQRGREDFRAIGLLDTADSNVMCAQCHVEYNCNPGYQLSDGSRVGMDDRRA
NHFFWANVFDYKEAAQEIDFFDFRHATTGAALPKLQHPEAETFWGSVHERNGVACADCHMPKVQLENGKVYTSHSQRTPR
DMMGQACLNCHAEWTEDQALYAIDYIKNYTHGKIVKSEYWLAKMIDLFPVAKRAGVSEDVLNQARELHYDAHLYWEWWTA
ENSVGFHNPDQARESLMTSISKSKEAVSLLNDAIDAQVASR
;
_entity_poly.pdbx_strand_id   A,B
#
loop_
_chem_comp.id
_chem_comp.type
_chem_comp.name
_chem_comp.formula
ACT non-polymer 'ACETATE ION' 'C2 H3 O2 -1'
CA non-polymer 'CALCIUM ION' 'Ca 2'
HEC non-polymer 'HEME C' 'C34 H34 Fe N4 O4'
MPD non-polymer (4S)-2-METHYL-2,4-PENTANEDIOL 'C6 H14 O2'
SO3 non-polymer 'SULFITE ION' 'O3 S -2'
TRS non-polymer 2-AMINO-2-HYDROXYMETHYL-PROPANE-1,3-DIOL 'C4 H12 N O3 1'
#
# COMPACT_ATOMS: atom_id res chain seq x y z
N ASN A 1 -11.39 18.69 6.62
CA ASN A 1 -10.87 17.77 7.65
C ASN A 1 -12.04 17.26 8.48
N LEU A 2 -12.06 15.97 8.77
CA LEU A 2 -13.19 15.39 9.51
C LEU A 2 -13.12 15.77 10.98
N LYS A 3 -14.29 15.99 11.60
CA LYS A 3 -14.35 16.26 13.04
C LYS A 3 -15.13 15.12 13.69
N PRO A 4 -14.56 14.50 14.73
CA PRO A 4 -15.24 13.31 15.29
C PRO A 4 -16.58 13.66 15.96
N VAL A 5 -17.49 12.72 15.96
CA VAL A 5 -18.79 12.89 16.63
C VAL A 5 -18.82 12.06 17.89
N ASP A 6 -19.78 12.36 18.76
CA ASP A 6 -19.94 11.60 19.99
C ASP A 6 -20.66 10.26 19.75
N ALA A 7 -19.88 9.18 19.59
CA ALA A 7 -20.46 7.86 19.27
C ALA A 7 -21.32 7.32 20.40
N MET A 8 -20.96 7.67 21.64
CA MET A 8 -21.75 7.24 22.81
C MET A 8 -23.21 7.69 22.72
N GLN A 9 -23.44 8.88 22.19
CA GLN A 9 -24.79 9.35 22.01
C GLN A 9 -25.55 8.49 20.97
N CYS A 10 -24.87 8.14 19.88
CA CYS A 10 -25.52 7.27 18.90
C CYS A 10 -25.95 5.96 19.55
N PHE A 11 -25.11 5.42 20.42
CA PHE A 11 -25.32 4.11 21.01
C PHE A 11 -26.53 4.08 21.97
N ASP A 12 -27.00 5.25 22.39
CA ASP A 12 -28.22 5.33 23.21
C ASP A 12 -29.42 4.79 22.46
N CYS A 13 -29.34 4.81 21.12
CA CYS A 13 -30.39 4.25 20.27
C CYS A 13 -29.91 3.03 19.48
N HIS A 14 -28.65 3.03 19.09
CA HIS A 14 -28.19 2.00 18.17
C HIS A 14 -27.42 0.91 18.94
N THR A 15 -28.16 0.04 19.65
CA THR A 15 -27.53 -0.99 20.48
C THR A 15 -26.82 -2.11 19.70
N GLN A 16 -27.32 -2.50 18.53
CA GLN A 16 -26.63 -3.53 17.74
C GLN A 16 -25.32 -2.96 17.22
N ILE A 17 -25.36 -1.71 16.74
CA ILE A 17 -24.09 -1.07 16.30
C ILE A 17 -23.13 -0.97 17.47
N GLU A 18 -23.62 -0.56 18.65
CA GLU A 18 -22.75 -0.53 19.82
C GLU A 18 -22.04 -1.85 20.08
N ASP A 19 -22.80 -2.94 20.06
CA ASP A 19 -22.25 -4.26 20.38
C ASP A 19 -21.19 -4.69 19.35
N MET A 20 -21.38 -4.28 18.10
CA MET A 20 -20.43 -4.62 17.04
C MET A 20 -19.21 -3.72 17.04
N HIS A 21 -19.45 -2.42 17.10
CA HIS A 21 -18.36 -1.43 16.98
C HIS A 21 -17.44 -1.42 18.18
N THR A 22 -17.99 -1.52 19.39
CA THR A 22 -17.13 -1.38 20.57
C THR A 22 -16.19 -2.57 20.77
N VAL A 23 -16.51 -3.72 20.17
CA VAL A 23 -15.77 -4.98 20.38
C VAL A 23 -14.71 -5.25 19.29
N GLY A 24 -15.00 -4.84 18.07
CA GLY A 24 -14.13 -5.17 16.93
C GLY A 24 -12.94 -4.26 16.73
N LYS A 25 -12.27 -4.44 15.60
CA LYS A 25 -11.04 -3.70 15.34
C LYS A 25 -11.30 -2.31 14.75
N HIS A 26 -12.56 -1.91 14.65
CA HIS A 26 -12.89 -0.53 14.28
C HIS A 26 -13.45 0.24 15.51
N ALA A 27 -13.18 -0.25 16.71
CA ALA A 27 -13.66 0.45 17.91
C ALA A 27 -13.15 1.89 18.02
N THR A 28 -12.00 2.19 17.40
CA THR A 28 -11.44 3.55 17.42
C THR A 28 -11.76 4.36 16.18
N VAL A 29 -12.50 3.77 15.24
CA VAL A 29 -12.83 4.44 13.98
C VAL A 29 -14.13 5.22 14.14
N ASN A 30 -14.04 6.54 14.14
CA ASN A 30 -15.21 7.36 14.43
C ASN A 30 -16.28 7.28 13.35
N CYS A 31 -17.54 7.44 13.72
CA CYS A 31 -18.65 7.32 12.77
C CYS A 31 -18.56 8.34 11.63
N VAL A 32 -17.86 9.47 11.87
CA VAL A 32 -17.84 10.54 10.87
C VAL A 32 -17.08 10.11 9.59
N HIS A 33 -16.31 9.05 9.70
CA HIS A 33 -15.67 8.49 8.49
C HIS A 33 -16.65 8.01 7.46
N CYS A 34 -17.87 7.64 7.87
CA CYS A 34 -18.82 7.07 6.93
C CYS A 34 -20.24 7.61 7.02
N HIS A 35 -20.51 8.44 8.03
CA HIS A 35 -21.87 8.94 8.24
C HIS A 35 -21.83 10.44 8.52
N ASP A 36 -22.81 11.16 7.95
CA ASP A 36 -23.05 12.57 8.30
C ASP A 36 -24.42 12.55 8.98
N ALA A 37 -24.42 12.66 10.30
CA ALA A 37 -25.64 12.42 11.07
C ALA A 37 -26.02 13.64 11.93
N THR A 38 -25.45 14.81 11.63
CA THR A 38 -25.71 15.99 12.48
C THR A 38 -27.22 16.30 12.65
N GLU A 39 -27.91 16.43 11.53
CA GLU A 39 -29.34 16.75 11.56
C GLU A 39 -30.16 15.56 12.08
N HIS A 40 -29.73 14.34 11.73
CA HIS A 40 -30.34 13.11 12.27
C HIS A 40 -30.37 13.15 13.80
N VAL A 41 -29.23 13.41 14.42
CA VAL A 41 -29.12 13.34 15.89
C VAL A 41 -30.02 14.41 16.53
N GLU A 42 -30.17 15.52 15.85
CA GLU A 42 -31.00 16.63 16.36
C GLU A 42 -32.48 16.30 16.35
N THR A 43 -32.90 15.41 15.47
CA THR A 43 -34.33 15.19 15.19
C THR A 43 -34.84 13.79 15.54
N ALA A 44 -33.94 12.81 15.70
CA ALA A 44 -34.33 11.44 15.96
C ALA A 44 -34.87 11.22 17.38
N SER A 45 -35.71 10.20 17.52
CA SER A 45 -35.94 9.55 18.82
C SER A 45 -35.60 8.10 18.64
N SER A 46 -35.61 7.31 19.70
CA SER A 46 -35.37 5.88 19.58
C SER A 46 -36.43 5.17 18.71
N ARG A 47 -37.53 5.89 18.44
CA ARG A 47 -38.68 5.33 17.70
C ARG A 47 -38.99 6.07 16.39
N ARG A 48 -38.22 7.09 16.03
CA ARG A 48 -38.47 7.85 14.81
C ARG A 48 -37.10 8.27 14.26
N MET A 49 -36.84 8.00 12.99
CA MET A 49 -35.54 8.37 12.40
C MET A 49 -35.27 9.87 12.40
N GLY A 50 -36.32 10.69 12.26
CA GLY A 50 -36.10 12.11 11.97
C GLY A 50 -35.41 12.25 10.63
N GLU A 51 -34.53 13.24 10.52
CA GLU A 51 -33.77 13.48 9.28
C GLU A 51 -32.88 12.27 9.01
N ARG A 52 -32.89 11.80 7.77
CA ARG A 52 -32.11 10.63 7.41
C ARG A 52 -30.61 11.00 7.38
N PRO A 53 -29.76 10.29 8.13
CA PRO A 53 -28.33 10.59 8.05
C PRO A 53 -27.76 10.12 6.68
N VAL A 54 -26.65 10.72 6.27
CA VAL A 54 -25.99 10.33 5.02
C VAL A 54 -25.03 9.19 5.33
N THR A 55 -25.02 8.16 4.50
CA THR A 55 -24.03 7.09 4.66
C THR A 55 -23.20 7.02 3.39
N ARG A 56 -21.90 7.03 3.55
CA ARG A 56 -20.96 6.92 2.41
C ARG A 56 -20.84 5.46 2.02
N MET A 57 -20.93 5.20 0.72
CA MET A 57 -20.81 3.84 0.18
C MET A 57 -19.60 3.78 -0.78
N ASP A 58 -18.92 4.91 -0.94
CA ASP A 58 -17.75 4.95 -1.85
C ASP A 58 -16.58 4.17 -1.23
N LEU A 59 -15.78 3.55 -2.09
CA LEU A 59 -14.69 2.73 -1.60
C LEU A 59 -13.58 3.60 -1.01
N GLU A 60 -13.52 4.87 -1.41
CA GLU A 60 -12.54 5.80 -0.85
C GLU A 60 -12.75 5.96 0.66
N ALA A 61 -13.96 5.68 1.17
CA ALA A 61 -14.18 5.73 2.63
C ALA A 61 -13.28 4.77 3.40
N CYS A 62 -12.89 3.68 2.75
CA CYS A 62 -12.01 2.68 3.34
C CYS A 62 -10.56 2.88 2.90
N ALA A 63 -10.36 3.45 1.71
CA ALA A 63 -9.02 3.58 1.12
C ALA A 63 -8.13 4.53 1.89
N THR A 64 -8.76 5.44 2.66
CA THR A 64 -8.05 6.40 3.49
C THR A 64 -7.11 5.70 4.49
N CYS A 65 -7.59 4.62 5.11
CA CYS A 65 -6.79 3.88 6.08
C CYS A 65 -6.29 2.52 5.53
N HIS A 66 -6.79 2.12 4.34
CA HIS A 66 -6.42 0.81 3.79
C HIS A 66 -6.07 0.93 2.29
N THR A 67 -5.12 1.84 2.02
CA THR A 67 -4.70 2.13 0.62
C THR A 67 -4.18 0.89 -0.08
N ALA A 68 -3.41 0.04 0.60
CA ALA A 68 -2.82 -1.14 -0.05
C ALA A 68 -3.86 -2.08 -0.61
N GLN A 69 -4.89 -2.38 0.20
CA GLN A 69 -5.97 -3.23 -0.23
C GLN A 69 -6.77 -2.57 -1.34
N PHE A 70 -7.09 -1.28 -1.21
CA PHE A 70 -7.82 -0.57 -2.25
C PHE A 70 -7.05 -0.58 -3.59
N ASN A 71 -5.76 -0.26 -3.54
CA ASN A 71 -5.00 -0.21 -4.79
C ASN A 71 -4.86 -1.58 -5.44
N SER A 72 -4.73 -2.63 -4.63
CA SER A 72 -4.63 -3.96 -5.20
C SER A 72 -5.96 -4.35 -5.85
N PHE A 73 -7.07 -3.95 -5.21
CA PHE A 73 -8.41 -4.19 -5.80
C PHE A 73 -8.63 -3.47 -7.14
N VAL A 74 -8.23 -2.22 -7.25
CA VAL A 74 -8.67 -1.40 -8.40
C VAL A 74 -7.77 -1.63 -9.62
N GLU A 75 -6.64 -2.30 -9.43
CA GLU A 75 -5.74 -2.57 -10.54
C GLU A 75 -6.48 -3.27 -11.67
N VAL A 76 -6.23 -2.82 -12.90
CA VAL A 76 -6.84 -3.42 -14.08
C VAL A 76 -5.90 -4.45 -14.66
N ARG A 77 -6.38 -5.68 -14.86
CA ARG A 77 -5.57 -6.71 -15.50
C ARG A 77 -5.76 -6.58 -17.01
N HIS A 78 -4.81 -5.93 -17.67
CA HIS A 78 -4.98 -5.71 -19.12
C HIS A 78 -4.95 -7.02 -19.91
N GLU A 79 -4.33 -8.06 -19.34
CA GLU A 79 -4.32 -9.38 -19.97
C GLU A 79 -5.69 -10.10 -19.94
N SER A 80 -6.63 -9.61 -19.11
CA SER A 80 -7.98 -10.14 -19.14
C SER A 80 -8.70 -9.43 -20.27
N HIS A 81 -8.73 -10.09 -21.41
CA HIS A 81 -9.18 -9.43 -22.64
C HIS A 81 -10.60 -8.91 -22.50
N PRO A 82 -10.84 -7.66 -22.92
CA PRO A 82 -12.14 -7.04 -22.69
C PRO A 82 -13.12 -7.23 -23.84
N ARG A 83 -14.41 -7.26 -23.48
CA ARG A 83 -15.52 -7.35 -24.41
C ARG A 83 -15.37 -8.52 -25.40
N LEU A 84 -14.85 -9.63 -24.89
CA LEU A 84 -14.54 -10.79 -25.74
C LEU A 84 -15.73 -11.76 -25.71
N GLU A 85 -16.44 -11.83 -26.84
CA GLU A 85 -17.66 -12.65 -26.96
C GLU A 85 -17.37 -14.16 -26.84
N LYS A 86 -18.09 -14.86 -25.96
CA LYS A 86 -17.87 -16.29 -25.72
C LYS A 86 -18.39 -17.17 -26.86
N ALA A 87 -19.35 -16.66 -27.62
CA ALA A 87 -19.93 -17.42 -28.74
C ALA A 87 -19.08 -17.25 -30.02
N THR A 88 -17.78 -17.48 -29.90
CA THR A 88 -16.87 -17.43 -31.07
C THR A 88 -15.99 -18.69 -31.03
N PRO A 89 -15.42 -19.06 -32.19
CA PRO A 89 -14.68 -20.33 -32.26
C PRO A 89 -13.45 -20.33 -31.38
N THR A 90 -12.94 -19.15 -31.03
CA THR A 90 -11.71 -19.08 -30.23
C THR A 90 -11.98 -18.84 -28.74
N SER A 91 -13.25 -18.83 -28.34
CA SER A 91 -13.59 -18.62 -26.93
C SER A 91 -14.28 -19.85 -26.32
N ARG A 92 -15.06 -19.64 -25.27
CA ARG A 92 -15.49 -20.75 -24.41
C ARG A 92 -16.58 -21.62 -25.03
N SER A 93 -17.40 -21.04 -25.90
CA SER A 93 -18.57 -21.77 -26.34
C SER A 93 -18.82 -21.53 -27.83
N PRO A 94 -18.07 -22.23 -28.71
CA PRO A 94 -18.20 -21.96 -30.16
C PRO A 94 -19.60 -22.09 -30.73
N MET A 95 -20.43 -22.98 -30.17
CA MET A 95 -21.78 -23.17 -30.70
C MET A 95 -22.86 -22.57 -29.78
N PHE A 96 -22.48 -21.57 -28.99
CA PHE A 96 -23.39 -20.98 -28.04
C PHE A 96 -24.68 -20.40 -28.66
N ASP A 97 -24.58 -19.75 -29.82
CA ASP A 97 -25.78 -19.15 -30.40
C ASP A 97 -26.83 -20.19 -30.75
N LYS A 98 -26.40 -21.32 -31.31
CA LYS A 98 -27.35 -22.39 -31.64
C LYS A 98 -27.97 -22.96 -30.38
N LEU A 99 -27.14 -23.19 -29.36
CA LEU A 99 -27.56 -23.88 -28.16
C LEU A 99 -28.40 -23.01 -27.23
N ILE A 100 -28.14 -21.70 -27.22
CA ILE A 100 -28.82 -20.79 -26.30
C ILE A 100 -30.01 -20.05 -26.94
N ALA A 101 -30.27 -20.34 -28.21
CA ALA A 101 -31.28 -19.64 -29.00
C ALA A 101 -32.61 -19.60 -28.24
N GLY A 102 -33.15 -18.39 -28.11
CA GLY A 102 -34.35 -18.16 -27.30
C GLY A 102 -34.06 -17.44 -25.99
N HIS A 103 -32.79 -17.36 -25.60
CA HIS A 103 -32.40 -16.69 -24.37
C HIS A 103 -31.71 -15.35 -24.68
N GLY A 104 -31.83 -14.41 -23.73
CA GLY A 104 -31.20 -13.08 -23.88
C GLY A 104 -29.68 -13.10 -24.04
N PHE A 105 -29.02 -14.15 -23.55
CA PHE A 105 -27.55 -14.20 -23.66
C PHE A 105 -27.10 -14.30 -25.13
N ALA A 106 -28.01 -14.69 -26.03
CA ALA A 106 -27.67 -14.73 -27.48
C ALA A 106 -27.32 -13.35 -28.02
N PHE A 107 -27.77 -12.30 -27.35
CA PHE A 107 -27.45 -10.93 -27.79
C PHE A 107 -26.02 -10.51 -27.47
N GLU A 108 -25.47 -10.98 -26.36
CA GLU A 108 -24.04 -10.78 -26.04
C GLU A 108 -23.71 -11.50 -24.74
N HIS A 109 -22.59 -12.22 -24.71
CA HIS A 109 -22.12 -12.81 -23.47
C HIS A 109 -20.59 -12.79 -23.54
N ALA A 110 -19.98 -11.80 -22.91
CA ALA A 110 -18.51 -11.69 -22.97
C ALA A 110 -17.83 -12.44 -21.81
N GLU A 111 -16.55 -12.73 -21.97
CA GLU A 111 -15.71 -13.21 -20.87
C GLU A 111 -15.66 -12.16 -19.74
N PRO A 112 -15.47 -12.59 -18.48
CA PRO A 112 -15.31 -11.62 -17.39
C PRO A 112 -13.99 -10.85 -17.52
N ARG A 113 -13.96 -9.66 -16.97
CA ARG A 113 -12.71 -8.91 -16.82
C ARG A 113 -12.64 -8.38 -15.38
N SER A 114 -11.68 -7.49 -15.09
CA SER A 114 -11.37 -7.10 -13.70
C SER A 114 -12.60 -6.53 -12.96
N HIS A 115 -12.63 -6.83 -11.67
CA HIS A 115 -13.75 -6.44 -10.79
C HIS A 115 -14.09 -4.93 -10.85
N ALA A 116 -13.09 -4.07 -11.08
CA ALA A 116 -13.36 -2.61 -11.15
C ALA A 116 -14.51 -2.28 -12.10
N PHE A 117 -14.67 -3.10 -13.14
CA PHE A 117 -15.62 -2.83 -14.21
C PHE A 117 -16.99 -3.48 -14.06
N MET A 118 -17.27 -4.14 -12.93
CA MET A 118 -18.47 -5.00 -12.92
C MET A 118 -19.76 -4.21 -13.13
N LEU A 119 -19.86 -3.03 -12.51
CA LEU A 119 -21.12 -2.30 -12.63
C LEU A 119 -21.23 -1.64 -14.01
N VAL A 120 -20.16 -1.01 -14.47
CA VAL A 120 -20.22 -0.42 -15.82
C VAL A 120 -20.46 -1.48 -16.91
N ASP A 121 -19.85 -2.65 -16.75
CA ASP A 121 -20.02 -3.70 -17.75
C ASP A 121 -21.45 -4.23 -17.76
N HIS A 122 -22.04 -4.38 -16.56
CA HIS A 122 -23.45 -4.74 -16.42
C HIS A 122 -24.32 -3.70 -17.16
N PHE A 123 -23.99 -2.41 -17.01
CA PHE A 123 -24.79 -1.38 -17.63
C PHE A 123 -24.68 -1.33 -19.16
N VAL A 124 -23.48 -1.63 -19.71
CA VAL A 124 -23.25 -1.44 -21.15
C VAL A 124 -23.37 -2.68 -22.04
N VAL A 125 -23.46 -3.88 -21.44
CA VAL A 125 -23.56 -5.10 -22.26
C VAL A 125 -24.85 -5.09 -23.12
N ASP A 126 -24.77 -5.64 -24.33
CA ASP A 126 -25.91 -5.51 -25.26
C ASP A 126 -27.19 -6.22 -24.77
N ARG A 127 -27.06 -7.19 -23.86
CA ARG A 127 -28.23 -7.95 -23.42
C ARG A 127 -29.00 -7.28 -22.30
N ALA A 128 -28.48 -6.19 -21.74
CA ALA A 128 -29.01 -5.67 -20.45
C ALA A 128 -30.06 -4.55 -20.52
N TYR A 129 -29.73 -3.46 -21.21
CA TYR A 129 -30.56 -2.24 -21.16
C TYR A 129 -30.91 -1.72 -22.56
N GLY A 130 -30.99 -2.63 -23.54
CA GLY A 130 -31.34 -2.25 -24.91
C GLY A 130 -30.32 -1.32 -25.56
N GLY A 131 -29.09 -1.30 -25.04
CA GLY A 131 -28.11 -0.33 -25.53
C GLY A 131 -28.27 1.12 -25.07
N ARG A 132 -29.14 1.33 -24.07
CA ARG A 132 -29.35 2.67 -23.48
C ARG A 132 -28.07 3.31 -22.95
N PHE A 133 -27.24 2.51 -22.28
CA PHE A 133 -26.03 3.06 -21.67
C PHE A 133 -24.77 2.70 -22.47
N GLN A 134 -23.86 3.66 -22.56
CA GLN A 134 -22.57 3.47 -23.24
C GLN A 134 -21.51 4.14 -22.41
N PHE A 135 -20.26 3.72 -22.57
CA PHE A 135 -19.18 4.57 -22.09
C PHE A 135 -19.24 5.93 -22.82
N LYS A 136 -18.79 6.99 -22.16
CA LYS A 136 -18.84 8.35 -22.77
C LYS A 136 -18.15 8.36 -24.15
N ASN A 137 -17.09 7.56 -24.29
CA ASN A 137 -16.47 7.29 -25.59
C ASN A 137 -15.71 5.98 -25.48
N TRP A 138 -15.16 5.50 -26.59
CA TRP A 138 -14.47 4.21 -26.56
C TRP A 138 -13.12 4.25 -25.81
N GLN A 139 -12.59 5.43 -25.47
CA GLN A 139 -11.36 5.49 -24.67
C GLN A 139 -11.64 5.09 -23.21
N LYS A 140 -12.87 5.33 -22.76
CA LYS A 140 -13.19 5.16 -21.32
C LYS A 140 -13.19 3.73 -20.85
N VAL A 141 -13.15 2.78 -21.79
CA VAL A 141 -13.16 1.37 -21.44
C VAL A 141 -11.94 0.97 -20.63
N THR A 142 -10.89 1.79 -20.65
CA THR A 142 -9.68 1.47 -19.90
C THR A 142 -9.73 1.94 -18.44
N ASP A 143 -10.74 2.77 -18.09
CA ASP A 143 -10.61 3.58 -16.89
C ASP A 143 -11.21 2.91 -15.67
N GLY A 144 -10.45 2.00 -15.08
CA GLY A 144 -10.92 1.25 -13.90
C GLY A 144 -11.10 2.16 -12.70
N MET A 145 -10.14 3.05 -12.48
CA MET A 145 -10.25 3.97 -11.37
C MET A 145 -11.50 4.86 -11.50
N GLY A 146 -11.79 5.29 -12.72
CA GLY A 146 -12.97 6.11 -12.97
C GLY A 146 -14.25 5.33 -12.71
N ALA A 147 -14.29 4.07 -13.16
CA ALA A 147 -15.49 3.23 -12.90
C ALA A 147 -15.71 3.10 -11.39
N VAL A 148 -14.63 2.89 -10.64
CA VAL A 148 -14.71 2.74 -9.18
C VAL A 148 -15.19 4.05 -8.54
N ARG A 149 -14.69 5.19 -8.99
CA ARG A 149 -15.16 6.50 -8.49
C ARG A 149 -16.67 6.62 -8.70
N GLY A 150 -17.13 6.13 -9.85
CA GLY A 150 -18.57 6.00 -10.08
C GLY A 150 -18.96 5.76 -11.52
N ALA A 151 -19.91 4.86 -11.72
CA ALA A 151 -20.37 4.51 -13.08
C ALA A 151 -20.74 5.72 -13.91
N TRP A 152 -21.42 6.68 -13.27
CA TRP A 152 -21.94 7.79 -14.06
C TRP A 152 -20.90 8.87 -14.35
N THR A 153 -19.69 8.69 -13.82
CA THR A 153 -18.55 9.51 -14.25
C THR A 153 -17.98 9.07 -15.60
N VAL A 154 -18.28 7.84 -16.02
CA VAL A 154 -17.71 7.29 -17.26
C VAL A 154 -18.75 6.85 -18.30
N LEU A 155 -20.03 6.82 -17.93
CA LEU A 155 -21.11 6.38 -18.82
C LEU A 155 -22.04 7.52 -19.21
N THR A 156 -22.76 7.32 -20.32
CA THR A 156 -23.82 8.22 -20.77
C THR A 156 -25.11 7.42 -20.98
N ASP A 157 -26.24 8.11 -20.87
CA ASP A 157 -27.56 7.52 -21.03
C ASP A 157 -28.14 8.13 -22.30
N ALA A 158 -28.55 7.27 -23.24
CA ALA A 158 -29.12 7.73 -24.53
C ALA A 158 -30.38 8.61 -24.39
N ASP A 159 -31.13 8.42 -23.30
CA ASP A 159 -32.35 9.21 -23.10
C ASP A 159 -32.66 9.46 -21.62
N PRO A 160 -32.02 10.48 -21.03
CA PRO A 160 -32.24 10.79 -19.62
C PRO A 160 -33.72 11.13 -19.29
N GLU A 161 -34.52 11.43 -20.31
CA GLU A 161 -35.93 11.85 -20.13
C GLU A 161 -36.95 10.71 -20.01
N SER A 162 -36.52 9.48 -20.27
CA SER A 162 -37.42 8.35 -20.12
C SER A 162 -36.80 7.30 -19.19
N SER A 163 -37.65 6.50 -18.57
CA SER A 163 -37.15 5.51 -17.63
C SER A 163 -37.55 4.08 -18.00
N ASP A 164 -38.13 3.89 -19.18
CA ASP A 164 -38.55 2.55 -19.58
C ASP A 164 -37.39 1.76 -20.15
N GLN A 165 -37.45 0.44 -19.97
CA GLN A 165 -36.56 -0.48 -20.69
C GLN A 165 -37.03 -0.61 -22.13
N ARG A 166 -36.20 -0.21 -23.07
CA ARG A 166 -36.50 -0.43 -24.49
C ARG A 166 -35.21 -0.57 -25.28
N ARG A 167 -35.34 -1.09 -26.49
CA ARG A 167 -34.20 -1.18 -27.41
C ARG A 167 -33.84 0.17 -28.03
N PHE A 168 -32.55 0.52 -27.97
CA PHE A 168 -32.01 1.69 -28.63
C PHE A 168 -31.24 1.31 -29.89
N LEU A 169 -30.83 0.05 -29.97
CA LEU A 169 -30.23 -0.54 -31.17
C LEU A 169 -30.90 -1.89 -31.38
N SER A 170 -30.90 -2.37 -32.63
CA SER A 170 -31.75 -3.52 -32.97
C SER A 170 -31.36 -4.79 -32.24
N GLN A 171 -30.06 -5.07 -32.20
CA GLN A 171 -29.59 -6.36 -31.67
C GLN A 171 -29.13 -6.24 -30.21
N THR A 172 -30.08 -5.84 -29.38
CA THR A 172 -29.88 -5.73 -27.95
C THR A 172 -31.10 -6.36 -27.28
N ALA A 173 -31.01 -6.56 -25.98
CA ALA A 173 -32.13 -7.07 -25.18
C ALA A 173 -32.21 -6.24 -23.92
N THR A 174 -33.32 -6.41 -23.20
CA THR A 174 -33.54 -5.64 -21.97
C THR A 174 -33.68 -6.59 -20.78
N ALA A 175 -32.68 -7.47 -20.61
CA ALA A 175 -32.75 -8.52 -19.57
C ALA A 175 -32.52 -7.97 -18.16
N ALA A 176 -31.91 -6.79 -18.03
CA ALA A 176 -31.60 -6.25 -16.69
C ALA A 176 -32.88 -6.03 -15.88
N ASN A 177 -32.76 -6.30 -14.58
CA ASN A 177 -33.82 -6.05 -13.60
C ASN A 177 -33.12 -5.76 -12.29
N PRO A 178 -33.87 -5.33 -11.26
CA PRO A 178 -33.20 -4.87 -10.05
C PRO A 178 -32.40 -5.97 -9.32
N VAL A 179 -32.78 -7.23 -9.46
CA VAL A 179 -32.06 -8.29 -8.75
C VAL A 179 -30.58 -8.34 -9.23
N CYS A 180 -30.35 -8.11 -10.53
CA CYS A 180 -28.95 -8.17 -11.05
C CYS A 180 -28.00 -7.34 -10.22
N LEU A 181 -28.45 -6.15 -9.84
CA LEU A 181 -27.54 -5.15 -9.25
C LEU A 181 -26.93 -5.59 -7.93
N ASN A 182 -27.60 -6.54 -7.26
CA ASN A 182 -27.09 -7.07 -6.01
C ASN A 182 -25.75 -7.74 -6.10
N CYS A 183 -25.40 -8.20 -7.31
CA CYS A 183 -24.08 -8.80 -7.55
C CYS A 183 -23.16 -7.84 -8.29
N LYS A 184 -23.49 -6.55 -8.35
CA LYS A 184 -22.61 -5.57 -9.01
C LYS A 184 -22.22 -4.44 -8.06
N THR A 185 -23.06 -4.20 -7.05
CA THR A 185 -22.89 -3.10 -6.13
C THR A 185 -23.73 -3.39 -4.88
N GLN A 186 -23.41 -2.72 -3.78
CA GLN A 186 -24.35 -2.65 -2.65
C GLN A 186 -24.54 -1.21 -2.21
N ASP A 187 -24.48 -0.28 -3.16
CA ASP A 187 -24.78 1.12 -2.87
C ASP A 187 -26.21 1.25 -2.31
N HIS A 188 -27.08 0.31 -2.69
CA HIS A 188 -28.50 0.32 -2.29
C HIS A 188 -28.77 -0.43 -0.98
N ILE A 189 -27.72 -0.81 -0.24
CA ILE A 189 -27.85 -1.68 0.94
C ILE A 189 -28.86 -1.17 2.00
N LEU A 190 -29.03 0.15 2.10
CA LEU A 190 -30.00 0.74 3.06
C LEU A 190 -31.35 1.07 2.42
N ASP A 191 -31.51 0.73 1.14
CA ASP A 191 -32.67 1.14 0.36
C ASP A 191 -33.42 -0.03 -0.27
N TRP A 192 -33.04 -1.23 0.15
CA TRP A 192 -33.50 -2.45 -0.45
C TRP A 192 -33.83 -3.42 0.68
N ALA A 193 -35.07 -3.89 0.72
CA ALA A 193 -35.42 -4.81 1.79
C ALA A 193 -34.91 -6.20 1.41
N TYR A 194 -34.70 -7.03 2.44
CA TYR A 194 -34.21 -8.39 2.23
C TYR A 194 -34.99 -9.12 1.13
N MET A 195 -34.23 -9.69 0.17
CA MET A 195 -34.74 -10.41 -1.00
C MET A 195 -35.36 -9.51 -2.07
N GLY A 196 -35.47 -8.21 -1.79
CA GLY A 196 -36.12 -7.28 -2.71
C GLY A 196 -37.63 -7.37 -2.61
N ASP A 197 -38.12 -7.91 -1.49
CA ASP A 197 -39.58 -7.91 -1.26
C ASP A 197 -40.08 -6.47 -1.13
N GLU A 198 -41.36 -6.25 -1.42
CA GLU A 198 -41.95 -4.93 -1.19
C GLU A 198 -41.87 -4.60 0.30
N HIS A 199 -41.57 -3.35 0.60
CA HIS A 199 -41.43 -2.90 2.00
C HIS A 199 -41.63 -1.41 2.04
N GLU A 200 -42.41 -0.93 3.03
CA GLU A 200 -42.65 0.51 3.12
C GLU A 200 -41.38 1.33 3.21
N ALA A 201 -40.31 0.74 3.75
CA ALA A 201 -39.08 1.48 3.98
C ALA A 201 -38.07 1.34 2.83
N ALA A 202 -38.42 0.55 1.81
CA ALA A 202 -37.54 0.30 0.65
C ALA A 202 -37.88 1.21 -0.53
N LYS A 203 -36.91 2.01 -0.95
CA LYS A 203 -36.98 2.80 -2.18
C LYS A 203 -37.03 1.88 -3.40
N TRP A 204 -36.28 0.79 -3.32
CA TRP A 204 -36.08 -0.12 -4.44
C TRP A 204 -36.49 -1.53 -4.08
N SER A 205 -36.99 -2.27 -5.06
CA SER A 205 -37.40 -3.66 -4.87
C SER A 205 -37.28 -4.42 -6.17
N ARG A 206 -37.59 -5.73 -6.13
CA ARG A 206 -37.58 -6.55 -7.36
C ARG A 206 -38.46 -5.97 -8.46
N THR A 207 -39.49 -5.21 -8.10
CA THR A 207 -40.43 -4.71 -9.11
C THR A 207 -40.16 -3.27 -9.56
N SER A 208 -39.06 -2.67 -9.11
CA SER A 208 -38.75 -1.28 -9.49
C SER A 208 -38.45 -1.15 -10.98
N GLU A 209 -38.55 0.08 -11.47
CA GLU A 209 -38.08 0.37 -12.82
C GLU A 209 -36.55 0.34 -12.80
N VAL A 210 -35.98 -0.65 -13.48
CA VAL A 210 -34.53 -0.89 -13.37
C VAL A 210 -33.68 0.28 -13.90
N VAL A 211 -34.18 0.99 -14.91
CA VAL A 211 -33.43 2.17 -15.40
C VAL A 211 -33.33 3.25 -14.33
N GLU A 212 -34.42 3.46 -13.56
CA GLU A 212 -34.38 4.43 -12.49
C GLU A 212 -33.42 3.99 -11.38
N PHE A 213 -33.49 2.70 -11.03
CA PHE A 213 -32.62 2.09 -10.01
C PHE A 213 -31.16 2.27 -10.46
N ALA A 214 -30.89 1.95 -11.73
CA ALA A 214 -29.52 2.05 -12.29
C ALA A 214 -28.90 3.41 -12.04
N ARG A 215 -29.68 4.47 -12.29
CA ARG A 215 -29.19 5.84 -12.19
C ARG A 215 -28.75 6.23 -10.78
N ASP A 216 -29.28 5.54 -9.77
CA ASP A 216 -28.98 5.78 -8.37
C ASP A 216 -27.75 5.00 -7.88
N LEU A 217 -27.15 4.17 -8.75
CA LEU A 217 -26.07 3.27 -8.32
C LEU A 217 -24.74 3.68 -8.95
N ASN A 218 -23.65 3.58 -8.18
CA ASN A 218 -22.36 4.11 -8.60
C ASN A 218 -21.15 3.21 -8.51
N HIS A 219 -21.01 2.50 -7.39
CA HIS A 219 -19.72 1.86 -7.08
C HIS A 219 -19.79 0.36 -7.23
N PRO A 220 -18.74 -0.24 -7.78
CA PRO A 220 -18.67 -1.68 -7.89
C PRO A 220 -18.16 -2.31 -6.58
N LEU A 221 -18.56 -3.56 -6.32
CA LEU A 221 -17.95 -4.41 -5.28
C LEU A 221 -17.51 -3.60 -4.04
N ASN A 222 -18.49 -3.00 -3.34
CA ASN A 222 -18.11 -2.19 -2.20
C ASN A 222 -17.32 -3.01 -1.19
N CYS A 223 -16.36 -2.37 -0.53
CA CYS A 223 -15.49 -3.08 0.40
C CYS A 223 -16.30 -3.76 1.51
N PHE A 224 -17.39 -3.13 1.90
CA PHE A 224 -18.20 -3.68 2.98
C PHE A 224 -19.02 -4.90 2.58
N MET A 225 -18.96 -5.32 1.32
CA MET A 225 -19.64 -6.57 0.97
C MET A 225 -19.04 -7.78 1.69
N CYS A 226 -17.77 -7.73 2.11
CA CYS A 226 -17.11 -8.84 2.79
C CYS A 226 -16.67 -8.53 4.21
N HIS A 227 -16.70 -7.24 4.57
CA HIS A 227 -16.17 -6.80 5.84
C HIS A 227 -17.24 -5.90 6.49
N ASP A 228 -17.67 -6.27 7.71
CA ASP A 228 -18.62 -5.39 8.38
C ASP A 228 -17.95 -4.05 8.73
N PRO A 229 -18.59 -2.91 8.38
CA PRO A 229 -17.89 -1.65 8.60
C PRO A 229 -17.81 -1.26 10.09
N HIS A 230 -18.70 -1.85 10.88
CA HIS A 230 -18.73 -1.57 12.31
C HIS A 230 -17.79 -2.43 13.13
N SER A 231 -17.78 -3.75 12.89
CA SER A 231 -16.88 -4.62 13.66
C SER A 231 -15.54 -4.92 12.95
N ALA A 232 -15.51 -4.60 11.65
CA ALA A 232 -14.41 -4.96 10.70
C ALA A 232 -14.34 -6.48 10.49
N GLY A 233 -15.30 -7.23 11.03
CA GLY A 233 -15.26 -8.69 10.96
C GLY A 233 -15.81 -9.22 9.63
N PRO A 234 -15.55 -10.52 9.34
CA PRO A 234 -15.95 -11.07 8.05
C PRO A 234 -17.45 -11.30 7.95
N ARG A 235 -18.02 -11.02 6.78
CA ARG A 235 -19.46 -11.13 6.60
C ARG A 235 -19.82 -11.29 5.14
N VAL A 236 -21.09 -11.60 4.91
CA VAL A 236 -21.72 -11.43 3.61
C VAL A 236 -22.93 -10.51 3.81
N VAL A 237 -23.31 -9.84 2.73
CA VAL A 237 -24.52 -9.01 2.73
C VAL A 237 -25.57 -9.47 1.72
N ARG A 238 -25.20 -10.39 0.81
CA ARG A 238 -26.09 -10.76 -0.27
C ARG A 238 -27.27 -11.56 0.26
N ASP A 239 -28.46 -11.02 0.05
CA ASP A 239 -29.69 -11.63 0.58
C ASP A 239 -29.91 -13.06 0.14
N GLY A 240 -29.73 -13.34 -1.16
CA GLY A 240 -29.92 -14.69 -1.71
C GLY A 240 -29.03 -15.73 -1.06
N LEU A 241 -27.82 -15.34 -0.66
CA LEU A 241 -26.90 -16.27 -0.03
C LEU A 241 -27.33 -16.57 1.41
N ILE A 242 -27.65 -15.51 2.15
CA ILE A 242 -28.14 -15.63 3.54
C ILE A 242 -29.41 -16.50 3.53
N ASN A 243 -30.26 -16.27 2.54
CA ASN A 243 -31.49 -17.07 2.38
C ASN A 243 -31.22 -18.57 2.19
N ALA A 244 -30.27 -18.93 1.31
CA ALA A 244 -29.91 -20.34 1.12
C ALA A 244 -29.26 -20.94 2.36
N VAL A 245 -28.26 -20.26 2.92
CA VAL A 245 -27.45 -20.81 3.98
C VAL A 245 -28.24 -20.91 5.30
N VAL A 246 -28.93 -19.82 5.64
CA VAL A 246 -29.54 -19.67 6.97
C VAL A 246 -31.04 -19.98 6.90
N ASP A 247 -31.80 -19.20 6.13
CA ASP A 247 -33.28 -19.36 6.13
C ASP A 247 -33.72 -20.77 5.72
N ARG A 248 -33.09 -21.33 4.70
CA ARG A 248 -33.44 -22.65 4.19
C ARG A 248 -32.64 -23.76 4.85
N GLY A 249 -31.78 -23.38 5.80
CA GLY A 249 -31.01 -24.29 6.61
C GLY A 249 -30.05 -25.19 5.86
N LEU A 250 -29.58 -24.74 4.68
CA LEU A 250 -28.68 -25.59 3.87
C LEU A 250 -27.25 -25.61 4.41
N GLY A 251 -26.87 -24.57 5.16
CA GLY A 251 -25.52 -24.50 5.73
C GLY A 251 -24.55 -23.88 4.73
N THR A 252 -23.38 -23.47 5.22
CA THR A 252 -22.35 -22.90 4.34
C THR A 252 -21.71 -23.95 3.42
N TYR A 253 -21.63 -25.20 3.89
CA TYR A 253 -21.13 -26.34 3.12
C TYR A 253 -22.18 -27.46 3.14
N PRO A 254 -23.12 -27.42 2.19
CA PRO A 254 -24.25 -28.37 2.24
C PRO A 254 -23.83 -29.84 2.25
N HIS A 255 -22.65 -30.14 1.74
CA HIS A 255 -22.14 -31.52 1.73
C HIS A 255 -21.26 -31.85 2.94
N ASP A 256 -21.09 -30.91 3.86
CA ASP A 256 -20.23 -31.17 5.01
C ASP A 256 -20.79 -30.49 6.25
N PRO A 257 -21.60 -31.22 7.04
CA PRO A 257 -22.23 -30.61 8.24
C PRO A 257 -21.20 -30.17 9.29
N VAL A 258 -20.08 -30.87 9.39
CA VAL A 258 -19.06 -30.48 10.35
C VAL A 258 -18.41 -29.14 9.96
N LYS A 259 -18.01 -29.01 8.69
CA LYS A 259 -17.40 -27.77 8.23
C LYS A 259 -18.44 -26.63 8.27
N SER A 260 -19.69 -26.96 7.99
CA SER A 260 -20.78 -25.98 8.08
C SER A 260 -20.91 -25.41 9.49
N GLU A 261 -20.67 -26.25 10.50
CA GLU A 261 -20.77 -25.80 11.89
C GLU A 261 -19.53 -24.98 12.29
N GLN A 262 -18.35 -25.38 11.83
CA GLN A 262 -17.12 -24.71 12.20
C GLN A 262 -16.95 -23.37 11.48
N GLN A 263 -17.48 -23.32 10.26
CA GLN A 263 -17.35 -22.16 9.37
C GLN A 263 -18.75 -21.70 8.98
N GLY A 264 -19.52 -21.32 9.99
CA GLY A 264 -20.92 -20.96 9.79
C GLY A 264 -21.20 -19.47 9.67
N MET A 265 -22.47 -19.16 9.59
CA MET A 265 -22.96 -17.82 9.35
C MET A 265 -24.04 -17.50 10.39
N THR A 266 -24.03 -16.27 10.92
CA THR A 266 -25.07 -15.80 11.85
C THR A 266 -25.82 -14.65 11.22
N LYS A 267 -27.13 -14.83 11.04
CA LYS A 267 -27.96 -13.78 10.45
C LYS A 267 -28.24 -12.69 11.47
N VAL A 268 -27.93 -11.45 11.09
CA VAL A 268 -28.21 -10.28 11.91
C VAL A 268 -29.20 -9.42 11.14
N THR A 269 -30.32 -9.08 11.79
CA THR A 269 -31.41 -8.36 11.13
C THR A 269 -31.53 -6.92 11.66
N PHE A 270 -31.77 -5.97 10.75
CA PHE A 270 -32.01 -4.58 11.11
C PHE A 270 -33.44 -4.20 10.76
N GLN A 271 -34.05 -3.39 11.63
CA GLN A 271 -35.47 -3.05 11.46
C GLN A 271 -35.69 -1.63 11.02
N ARG A 272 -36.85 -1.40 10.38
CA ARG A 272 -37.35 -0.07 10.14
C ARG A 272 -38.77 -0.04 10.68
N GLY A 273 -39.07 0.97 11.50
CA GLY A 273 -40.43 1.12 12.04
C GLY A 273 -40.81 -0.14 12.81
N ARG A 274 -39.81 -0.71 13.48
CA ARG A 274 -39.98 -1.94 14.25
C ARG A 274 -40.50 -3.16 13.43
N GLU A 275 -40.23 -3.17 12.12
CA GLU A 275 -40.47 -4.33 11.27
C GLU A 275 -39.12 -4.74 10.65
N ASP A 276 -38.89 -6.04 10.47
CA ASP A 276 -37.61 -6.49 9.84
C ASP A 276 -37.46 -5.84 8.48
N PHE A 277 -36.22 -5.43 8.14
CA PHE A 277 -36.01 -4.73 6.88
C PHE A 277 -34.88 -5.36 6.08
N ARG A 278 -33.69 -5.39 6.66
CA ARG A 278 -32.50 -5.92 5.93
C ARG A 278 -31.70 -6.85 6.83
N ALA A 279 -30.76 -7.60 6.26
CA ALA A 279 -29.99 -8.55 7.06
C ALA A 279 -28.58 -8.67 6.49
N ILE A 280 -27.69 -9.11 7.36
CA ILE A 280 -26.32 -9.46 7.00
C ILE A 280 -26.03 -10.82 7.60
N GLY A 281 -24.96 -11.47 7.11
CA GLY A 281 -24.56 -12.78 7.62
C GLY A 281 -23.14 -12.70 8.12
N LEU A 282 -22.95 -12.68 9.44
CA LEU A 282 -21.60 -12.64 10.02
C LEU A 282 -20.98 -14.03 9.96
N LEU A 283 -19.75 -14.11 9.49
CA LEU A 283 -19.10 -15.41 9.32
C LEU A 283 -18.27 -15.74 10.55
N ASP A 284 -18.24 -17.03 10.90
CA ASP A 284 -17.45 -17.50 12.03
C ASP A 284 -15.97 -17.29 11.81
N THR A 285 -15.55 -17.37 10.53
CA THR A 285 -14.14 -17.22 10.17
C THR A 285 -14.08 -16.38 8.90
N ALA A 286 -12.88 -15.94 8.52
CA ALA A 286 -12.73 -15.14 7.30
C ALA A 286 -12.69 -16.08 6.09
N ASP A 287 -13.86 -16.64 5.77
CA ASP A 287 -13.95 -17.74 4.81
C ASP A 287 -14.28 -17.19 3.42
N SER A 288 -13.25 -17.05 2.60
CA SER A 288 -13.48 -16.50 1.27
C SER A 288 -14.39 -17.36 0.41
N ASN A 289 -14.49 -18.67 0.66
CA ASN A 289 -15.39 -19.47 -0.16
C ASN A 289 -16.79 -18.89 -0.08
N VAL A 290 -17.20 -18.48 1.13
CA VAL A 290 -18.54 -17.95 1.31
C VAL A 290 -18.65 -16.46 0.91
N MET A 291 -17.59 -15.69 1.14
CA MET A 291 -17.57 -14.30 0.67
C MET A 291 -17.74 -14.23 -0.85
N CYS A 292 -16.99 -15.08 -1.58
CA CYS A 292 -17.05 -15.01 -3.04
C CYS A 292 -18.36 -15.57 -3.58
N ALA A 293 -18.98 -16.47 -2.80
CA ALA A 293 -20.26 -17.07 -3.14
C ALA A 293 -21.42 -16.08 -3.06
N GLN A 294 -21.17 -14.85 -2.62
CA GLN A 294 -22.20 -13.85 -2.80
C GLN A 294 -22.54 -13.61 -4.27
N CYS A 295 -21.60 -13.86 -5.19
CA CYS A 295 -21.84 -13.60 -6.59
C CYS A 295 -21.49 -14.73 -7.54
N HIS A 296 -20.47 -15.50 -7.18
CA HIS A 296 -19.94 -16.54 -8.09
C HIS A 296 -20.69 -17.85 -7.85
N VAL A 297 -22.01 -17.79 -8.10
CA VAL A 297 -22.95 -18.92 -7.91
C VAL A 297 -23.92 -18.92 -9.05
N GLU A 298 -24.59 -20.07 -9.21
CA GLU A 298 -25.78 -20.18 -10.07
C GLU A 298 -27.03 -19.66 -9.33
N TYR A 299 -27.84 -18.91 -10.05
CA TYR A 299 -28.90 -18.13 -9.40
C TYR A 299 -30.06 -17.92 -10.36
N ASN A 300 -31.22 -17.56 -9.81
CA ASN A 300 -32.25 -16.85 -10.54
C ASN A 300 -32.16 -15.38 -10.20
N CYS A 301 -32.23 -14.54 -11.23
CA CYS A 301 -32.25 -13.08 -11.05
C CYS A 301 -32.98 -12.56 -12.26
N ASN A 302 -34.20 -13.05 -12.44
CA ASN A 302 -34.91 -12.95 -13.69
C ASN A 302 -36.28 -13.57 -13.56
N PRO A 303 -37.19 -13.17 -14.43
CA PRO A 303 -38.44 -13.90 -14.56
C PRO A 303 -38.18 -15.24 -15.27
N GLY A 304 -39.14 -16.16 -15.14
CA GLY A 304 -39.03 -17.45 -15.80
C GLY A 304 -40.42 -18.03 -15.94
N TYR A 305 -40.49 -19.36 -15.87
CA TYR A 305 -41.75 -20.09 -16.11
C TYR A 305 -41.83 -21.27 -15.17
N GLN A 306 -43.05 -21.77 -14.90
CA GLN A 306 -43.16 -22.98 -14.08
C GLN A 306 -43.03 -24.24 -14.92
N LEU A 307 -42.27 -25.20 -14.40
CA LEU A 307 -42.13 -26.50 -15.04
C LEU A 307 -43.48 -27.22 -15.07
N SER A 308 -44.30 -26.99 -14.04
CA SER A 308 -45.58 -27.71 -13.86
C SER A 308 -46.57 -27.36 -14.96
N ASP A 309 -46.81 -26.07 -15.17
CA ASP A 309 -47.86 -25.64 -16.09
C ASP A 309 -47.41 -24.63 -17.14
N GLY A 310 -46.12 -24.26 -17.11
CA GLY A 310 -45.62 -23.30 -18.10
C GLY A 310 -45.98 -21.85 -17.85
N SER A 311 -46.67 -21.56 -16.76
CA SER A 311 -47.09 -20.18 -16.48
C SER A 311 -45.89 -19.28 -16.11
N ARG A 312 -46.04 -17.98 -16.39
CA ARG A 312 -44.99 -16.98 -16.15
C ARG A 312 -44.70 -16.80 -14.66
N VAL A 313 -43.42 -16.73 -14.32
CA VAL A 313 -42.98 -16.37 -12.98
C VAL A 313 -42.29 -15.01 -13.12
N GLY A 314 -42.94 -13.97 -12.61
CA GLY A 314 -42.46 -12.61 -12.82
C GLY A 314 -41.53 -12.15 -11.70
N MET A 315 -40.98 -10.94 -11.87
CA MET A 315 -40.07 -10.33 -10.91
C MET A 315 -40.70 -10.19 -9.53
N ASP A 316 -42.03 -10.05 -9.49
CA ASP A 316 -42.73 -9.96 -8.19
C ASP A 316 -42.63 -11.21 -7.33
N ASP A 317 -42.39 -12.35 -7.96
CA ASP A 317 -42.28 -13.63 -7.25
C ASP A 317 -40.91 -13.76 -6.58
N ARG A 318 -40.89 -14.29 -5.35
CA ARG A 318 -39.64 -14.52 -4.61
C ARG A 318 -38.63 -15.36 -5.40
N ARG A 319 -39.14 -16.27 -6.25
CA ARG A 319 -38.26 -17.14 -7.03
C ARG A 319 -37.39 -16.36 -8.03
N ALA A 320 -37.72 -15.08 -8.28
CA ALA A 320 -36.95 -14.26 -9.22
C ALA A 320 -35.62 -13.81 -8.59
N ASN A 321 -35.49 -14.01 -7.27
CA ASN A 321 -34.21 -13.78 -6.57
C ASN A 321 -33.91 -15.04 -5.77
N HIS A 322 -33.09 -15.94 -6.32
CA HIS A 322 -32.92 -17.27 -5.70
C HIS A 322 -31.51 -17.81 -5.90
N PHE A 323 -30.86 -18.25 -4.82
CA PHE A 323 -29.62 -19.04 -4.95
C PHE A 323 -29.99 -20.50 -4.80
N PHE A 324 -29.71 -21.29 -5.84
CA PHE A 324 -30.03 -22.71 -5.81
C PHE A 324 -29.18 -23.46 -4.79
N TRP A 325 -27.91 -23.05 -4.66
CA TRP A 325 -27.01 -23.59 -3.65
C TRP A 325 -26.94 -25.12 -3.79
N ALA A 326 -26.80 -25.56 -5.04
CA ALA A 326 -26.84 -26.97 -5.43
C ALA A 326 -25.72 -27.27 -6.45
N ASN A 327 -25.03 -28.38 -6.29
CA ASN A 327 -24.07 -28.79 -7.33
C ASN A 327 -24.78 -29.21 -8.61
N VAL A 328 -24.00 -29.43 -9.68
CA VAL A 328 -24.58 -29.77 -10.97
C VAL A 328 -25.54 -30.99 -10.91
N PHE A 329 -25.22 -31.98 -10.08
CA PHE A 329 -26.01 -33.21 -10.03
C PHE A 329 -27.22 -33.11 -9.13
N ASP A 330 -27.33 -31.99 -8.40
CA ASP A 330 -28.48 -31.69 -7.54
C ASP A 330 -29.35 -30.57 -8.11
N TYR A 331 -28.87 -29.92 -9.17
CA TYR A 331 -29.54 -28.74 -9.68
C TYR A 331 -30.95 -29.00 -10.21
N LYS A 332 -31.13 -30.08 -10.98
CA LYS A 332 -32.42 -30.33 -11.59
C LYS A 332 -33.47 -30.50 -10.47
N GLU A 333 -33.11 -31.23 -9.42
CA GLU A 333 -34.01 -31.42 -8.27
C GLU A 333 -34.32 -30.07 -7.58
N ALA A 334 -33.28 -29.25 -7.43
CA ALA A 334 -33.41 -27.91 -6.85
C ALA A 334 -34.36 -27.01 -7.65
N ALA A 335 -34.28 -27.10 -8.98
CA ALA A 335 -35.16 -26.34 -9.84
C ALA A 335 -36.60 -26.91 -9.79
N GLN A 336 -36.72 -28.23 -9.67
CA GLN A 336 -38.05 -28.85 -9.52
C GLN A 336 -38.71 -28.44 -8.20
N GLU A 337 -37.91 -28.28 -7.15
CA GLU A 337 -38.39 -27.88 -5.81
C GLU A 337 -39.07 -26.53 -5.84
N ILE A 338 -38.56 -25.61 -6.67
CA ILE A 338 -39.21 -24.30 -6.83
C ILE A 338 -40.06 -24.20 -8.09
N ASP A 339 -40.17 -25.31 -8.83
CA ASP A 339 -41.02 -25.39 -10.02
C ASP A 339 -40.68 -24.30 -11.04
N PHE A 340 -39.44 -24.30 -11.55
CA PHE A 340 -38.97 -23.16 -12.31
C PHE A 340 -38.09 -23.61 -13.46
N PHE A 341 -38.28 -22.98 -14.61
CA PHE A 341 -37.26 -23.01 -15.69
C PHE A 341 -37.11 -21.62 -16.32
N ASP A 342 -36.04 -21.43 -17.11
CA ASP A 342 -35.71 -20.08 -17.56
C ASP A 342 -36.28 -19.69 -18.89
N PHE A 343 -36.15 -20.55 -19.88
CA PHE A 343 -36.55 -20.19 -21.24
C PHE A 343 -36.93 -21.42 -22.05
N ARG A 344 -37.67 -21.19 -23.12
CA ARG A 344 -37.94 -22.25 -24.08
C ARG A 344 -36.99 -22.12 -25.27
N HIS A 345 -36.34 -23.22 -25.63
CA HIS A 345 -35.39 -23.17 -26.76
C HIS A 345 -36.10 -22.75 -28.05
N ALA A 346 -35.50 -21.82 -28.80
CA ALA A 346 -36.16 -21.26 -29.99
C ALA A 346 -36.43 -22.28 -31.08
N THR A 347 -35.59 -23.31 -31.16
CA THR A 347 -35.70 -24.34 -32.21
C THR A 347 -36.40 -25.60 -31.70
N THR A 348 -35.98 -26.09 -30.54
CA THR A 348 -36.52 -27.36 -30.10
C THR A 348 -37.81 -27.21 -29.31
N GLY A 349 -38.05 -26.01 -28.77
CA GLY A 349 -39.19 -25.77 -27.89
C GLY A 349 -39.05 -26.32 -26.48
N ALA A 350 -37.92 -26.94 -26.15
CA ALA A 350 -37.70 -27.51 -24.82
C ALA A 350 -37.65 -26.45 -23.72
N ALA A 351 -38.29 -26.74 -22.59
CA ALA A 351 -38.08 -25.96 -21.37
C ALA A 351 -36.63 -26.21 -20.92
N LEU A 352 -35.88 -25.13 -20.68
CA LEU A 352 -34.45 -25.23 -20.38
C LEU A 352 -34.08 -24.34 -19.19
N PRO A 353 -33.06 -24.75 -18.42
CA PRO A 353 -32.48 -23.91 -17.38
C PRO A 353 -31.43 -23.01 -18.03
N LYS A 354 -31.16 -21.86 -17.41
CA LYS A 354 -30.02 -21.02 -17.79
C LYS A 354 -29.07 -21.02 -16.63
N LEU A 355 -27.83 -21.43 -16.89
CA LEU A 355 -26.82 -21.53 -15.84
C LEU A 355 -25.86 -20.36 -15.90
N GLN A 356 -25.43 -19.91 -14.74
CA GLN A 356 -24.44 -18.83 -14.63
C GLN A 356 -23.39 -19.18 -13.60
N HIS A 357 -22.12 -19.04 -14.02
CA HIS A 357 -20.91 -19.04 -13.15
C HIS A 357 -21.08 -19.72 -11.78
N PRO A 358 -21.23 -21.04 -11.79
CA PRO A 358 -21.43 -21.77 -10.52
C PRO A 358 -20.10 -22.17 -9.88
N GLU A 359 -19.18 -21.20 -9.70
CA GLU A 359 -17.90 -21.58 -9.12
C GLU A 359 -17.98 -22.14 -7.70
N ALA A 360 -18.78 -21.52 -6.83
CA ALA A 360 -18.83 -21.97 -5.42
C ALA A 360 -19.38 -23.41 -5.36
N GLU A 361 -20.45 -23.69 -6.09
CA GLU A 361 -21.08 -25.00 -5.99
C GLU A 361 -20.25 -26.09 -6.68
N THR A 362 -19.41 -25.67 -7.64
CA THR A 362 -18.52 -26.58 -8.32
C THR A 362 -17.34 -26.94 -7.44
N PHE A 363 -16.87 -25.95 -6.68
CA PHE A 363 -15.69 -26.15 -5.85
C PHE A 363 -15.95 -27.17 -4.72
N TRP A 364 -17.19 -27.25 -4.22
CA TRP A 364 -17.51 -28.22 -3.15
C TRP A 364 -17.07 -29.63 -3.55
N GLY A 365 -16.42 -30.29 -2.61
CA GLY A 365 -16.10 -31.70 -2.75
C GLY A 365 -14.88 -31.95 -3.60
N SER A 366 -14.30 -30.91 -4.21
CA SER A 366 -13.06 -31.02 -4.95
C SER A 366 -11.88 -31.28 -4.03
N VAL A 367 -10.78 -31.76 -4.59
CA VAL A 367 -9.64 -32.10 -3.77
C VAL A 367 -9.15 -30.88 -2.98
N HIS A 368 -9.12 -29.70 -3.61
CA HIS A 368 -8.67 -28.53 -2.86
C HIS A 368 -9.65 -28.13 -1.75
N GLU A 369 -10.95 -28.15 -2.05
CA GLU A 369 -11.93 -27.77 -1.04
C GLU A 369 -11.88 -28.73 0.15
N ARG A 370 -11.75 -30.03 -0.16
CA ARG A 370 -11.68 -31.05 0.91
C ARG A 370 -10.43 -30.92 1.79
N ASN A 371 -9.39 -30.30 1.24
CA ASN A 371 -8.17 -30.05 1.96
C ASN A 371 -8.13 -28.68 2.63
N GLY A 372 -9.28 -27.98 2.64
CA GLY A 372 -9.39 -26.72 3.40
C GLY A 372 -8.86 -25.50 2.64
N VAL A 373 -8.61 -25.67 1.35
CA VAL A 373 -8.21 -24.56 0.49
C VAL A 373 -9.46 -23.73 0.16
N ALA A 374 -9.28 -22.40 0.01
CA ALA A 374 -10.40 -21.51 -0.29
C ALA A 374 -10.06 -20.59 -1.47
N CYS A 375 -11.08 -19.92 -2.04
CA CYS A 375 -10.87 -19.07 -3.21
C CYS A 375 -9.69 -18.13 -3.06
N ALA A 376 -9.62 -17.45 -1.91
CA ALA A 376 -8.56 -16.47 -1.72
C ALA A 376 -7.15 -17.05 -1.79
N ASP A 377 -6.97 -18.32 -1.41
CA ASP A 377 -5.63 -18.89 -1.46
C ASP A 377 -5.05 -18.87 -2.87
N CYS A 378 -5.92 -18.99 -3.87
CA CYS A 378 -5.46 -19.02 -5.27
C CYS A 378 -5.67 -17.70 -5.99
N HIS A 379 -6.64 -16.90 -5.54
CA HIS A 379 -7.04 -15.71 -6.28
C HIS A 379 -6.81 -14.38 -5.52
N MET A 380 -6.54 -14.45 -4.22
CA MET A 380 -6.26 -13.29 -3.36
C MET A 380 -5.21 -13.63 -2.35
N PRO A 381 -4.01 -14.06 -2.79
CA PRO A 381 -3.06 -14.56 -1.80
C PRO A 381 -2.43 -13.44 -0.97
N LYS A 382 -1.85 -13.80 0.16
CA LYS A 382 -1.00 -12.86 0.91
C LYS A 382 0.17 -12.45 0.03
N VAL A 383 0.55 -11.19 0.14
CA VAL A 383 1.72 -10.70 -0.61
C VAL A 383 2.99 -11.19 0.09
N GLN A 384 4.01 -11.52 -0.70
CA GLN A 384 5.29 -12.00 -0.18
C GLN A 384 6.23 -10.82 -0.31
N LEU A 385 6.82 -10.36 0.80
CA LEU A 385 7.75 -9.22 0.74
C LEU A 385 9.05 -9.57 1.40
N GLU A 386 10.16 -9.21 0.78
CA GLU A 386 11.47 -9.40 1.40
C GLU A 386 11.55 -8.61 2.71
N ASN A 387 10.99 -7.41 2.70
CA ASN A 387 10.93 -6.58 3.91
C ASN A 387 9.65 -5.77 3.83
N GLY A 388 8.70 -6.04 4.70
CA GLY A 388 7.46 -5.28 4.62
C GLY A 388 6.41 -5.89 5.50
N LYS A 389 5.35 -5.14 5.73
CA LYS A 389 4.22 -5.63 6.47
C LYS A 389 3.34 -6.37 5.46
N VAL A 390 3.09 -7.63 5.73
CA VAL A 390 2.22 -8.44 4.87
C VAL A 390 0.77 -7.92 4.89
N TYR A 391 0.14 -7.96 3.72
CA TYR A 391 -1.30 -7.74 3.61
C TYR A 391 -1.82 -8.71 2.58
N THR A 392 -3.13 -8.77 2.46
CA THR A 392 -3.79 -9.69 1.53
C THR A 392 -4.03 -9.00 0.20
N SER A 393 -3.52 -9.57 -0.89
CA SER A 393 -3.79 -8.97 -2.18
C SER A 393 -5.29 -9.00 -2.46
N HIS A 394 -5.86 -7.86 -2.89
CA HIS A 394 -7.25 -7.81 -3.31
C HIS A 394 -7.37 -7.78 -4.84
N SER A 395 -6.34 -8.25 -5.54
CA SER A 395 -6.45 -8.24 -6.99
C SER A 395 -6.90 -9.64 -7.32
C SER A 395 -7.40 -9.26 -7.66
N GLN A 396 -8.21 -9.83 -7.48
N GLN A 396 -7.87 -10.26 -6.94
CA GLN A 396 -8.88 -11.16 -7.53
C GLN A 396 -8.75 -11.50 -9.01
N ARG A 397 -7.83 -12.41 -9.29
CA ARG A 397 -7.46 -12.67 -10.70
C ARG A 397 -6.89 -14.07 -10.78
N THR A 398 -6.61 -14.50 -12.00
CA THR A 398 -6.00 -15.80 -12.20
C THR A 398 -4.70 -15.97 -11.41
N PRO A 399 -4.50 -17.17 -10.84
CA PRO A 399 -3.22 -17.49 -10.17
C PRO A 399 -2.02 -17.45 -11.13
N ARG A 400 -2.26 -17.48 -12.44
CA ARG A 400 -1.12 -17.44 -13.40
C ARG A 400 -0.27 -16.18 -13.17
N ASP A 401 -0.85 -15.12 -12.62
CA ASP A 401 -0.10 -13.89 -12.37
C ASP A 401 0.77 -13.87 -11.12
N MET A 402 0.60 -14.86 -10.26
CA MET A 402 1.21 -14.89 -8.93
C MET A 402 1.38 -16.33 -8.47
N MET A 403 2.02 -17.14 -9.33
CA MET A 403 2.07 -18.59 -9.08
C MET A 403 2.87 -18.96 -7.84
N GLY A 404 3.88 -18.17 -7.52
CA GLY A 404 4.69 -18.45 -6.33
C GLY A 404 3.82 -18.47 -5.07
N GLN A 405 2.96 -17.46 -4.93
CA GLN A 405 2.10 -17.35 -3.76
C GLN A 405 0.83 -18.21 -3.85
N ALA A 406 0.23 -18.24 -5.04
CA ALA A 406 -1.02 -18.99 -5.26
C ALA A 406 -0.88 -20.50 -5.27
N CYS A 407 0.25 -21.03 -5.73
CA CYS A 407 0.36 -22.50 -5.93
C CYS A 407 1.60 -23.09 -5.34
N LEU A 408 2.73 -22.42 -5.57
CA LEU A 408 4.02 -23.08 -5.35
C LEU A 408 4.49 -23.11 -3.91
N ASN A 409 3.92 -22.26 -3.05
CA ASN A 409 4.18 -22.42 -1.61
C ASN A 409 3.61 -23.73 -1.08
N CYS A 410 2.47 -24.15 -1.61
CA CYS A 410 1.89 -25.43 -1.24
C CYS A 410 2.56 -26.59 -1.99
N HIS A 411 2.72 -26.40 -3.30
CA HIS A 411 3.25 -27.43 -4.22
C HIS A 411 4.75 -27.21 -4.43
N ALA A 412 5.51 -27.47 -3.37
CA ALA A 412 6.97 -27.33 -3.38
C ALA A 412 7.67 -28.25 -4.39
N GLU A 413 7.02 -29.32 -4.79
CA GLU A 413 7.58 -30.30 -5.75
C GLU A 413 7.56 -29.81 -7.20
N TRP A 414 6.94 -28.67 -7.44
CA TRP A 414 6.76 -28.21 -8.80
C TRP A 414 7.45 -26.91 -9.06
N THR A 415 7.91 -26.74 -10.31
CA THR A 415 8.26 -25.41 -10.82
C THR A 415 7.00 -24.73 -11.33
N GLU A 416 7.11 -23.44 -11.63
CA GLU A 416 5.99 -22.70 -12.20
C GLU A 416 5.50 -23.35 -13.50
N ASP A 417 6.43 -23.72 -14.38
CA ASP A 417 6.01 -24.35 -15.64
C ASP A 417 5.26 -25.66 -15.40
N GLN A 418 5.69 -26.45 -14.42
CA GLN A 418 4.97 -27.72 -14.12
C GLN A 418 3.56 -27.48 -13.62
N ALA A 419 3.39 -26.49 -12.74
CA ALA A 419 2.07 -26.18 -12.22
C ALA A 419 1.13 -25.67 -13.34
N LEU A 420 1.66 -24.83 -14.21
CA LEU A 420 0.90 -24.34 -15.36
C LEU A 420 0.51 -25.49 -16.28
N TYR A 421 1.43 -26.42 -16.46
CA TYR A 421 1.16 -27.59 -17.31
C TYR A 421 0.02 -28.44 -16.74
N ALA A 422 -0.01 -28.59 -15.43
CA ALA A 422 -1.09 -29.34 -14.75
C ALA A 422 -2.43 -28.61 -14.93
N ILE A 423 -2.42 -27.28 -14.81
CA ILE A 423 -3.67 -26.51 -15.07
C ILE A 423 -4.13 -26.76 -16.50
N ASP A 424 -3.20 -26.66 -17.44
CA ASP A 424 -3.56 -26.77 -18.85
C ASP A 424 -4.04 -28.17 -19.26
N TYR A 425 -3.50 -29.21 -18.62
CA TYR A 425 -3.97 -30.57 -18.89
C TYR A 425 -5.47 -30.65 -18.57
N ILE A 426 -5.87 -30.10 -17.41
CA ILE A 426 -7.29 -30.13 -17.03
C ILE A 426 -8.14 -29.26 -17.96
N LYS A 427 -7.69 -28.03 -18.22
CA LYS A 427 -8.47 -27.12 -19.04
C LYS A 427 -8.60 -27.65 -20.48
N ASN A 428 -7.53 -28.19 -21.03
CA ASN A 428 -7.58 -28.75 -22.39
C ASN A 428 -8.52 -29.94 -22.48
N TYR A 429 -8.42 -30.85 -21.51
CA TYR A 429 -9.30 -32.03 -21.49
C TYR A 429 -10.75 -31.60 -21.34
N THR A 430 -11.01 -30.70 -20.39
CA THR A 430 -12.39 -30.25 -20.15
C THR A 430 -12.95 -29.51 -21.36
N HIS A 431 -12.16 -28.61 -21.93
CA HIS A 431 -12.62 -27.89 -23.13
C HIS A 431 -12.94 -28.81 -24.30
N GLY A 432 -12.12 -29.84 -24.48
CA GLY A 432 -12.40 -30.83 -25.52
C GLY A 432 -13.77 -31.48 -25.32
N LYS A 433 -14.12 -31.79 -24.07
CA LYS A 433 -15.43 -32.42 -23.80
C LYS A 433 -16.57 -31.41 -23.91
N ILE A 434 -16.32 -30.15 -23.58
CA ILE A 434 -17.29 -29.09 -23.84
C ILE A 434 -17.61 -28.99 -25.33
N VAL A 435 -16.56 -28.98 -26.16
CA VAL A 435 -16.72 -28.88 -27.61
C VAL A 435 -17.51 -30.10 -28.14
N LYS A 436 -17.17 -31.30 -27.68
CA LYS A 436 -17.91 -32.50 -28.10
C LYS A 436 -19.34 -32.46 -27.60
N SER A 437 -19.56 -31.94 -26.38
CA SER A 437 -20.94 -31.79 -25.88
C SER A 437 -21.73 -30.86 -26.79
N GLU A 438 -21.09 -29.79 -27.26
CA GLU A 438 -21.80 -28.84 -28.12
C GLU A 438 -22.07 -29.45 -29.47
N TYR A 439 -21.12 -30.24 -29.99
CA TYR A 439 -21.31 -30.93 -31.27
C TYR A 439 -22.59 -31.80 -31.24
N TRP A 440 -22.73 -32.60 -30.19
CA TRP A 440 -23.89 -33.51 -30.03
C TRP A 440 -25.18 -32.75 -29.73
N LEU A 441 -25.11 -31.72 -28.89
CA LEU A 441 -26.30 -30.87 -28.69
C LEU A 441 -26.78 -30.24 -29.99
N ALA A 442 -25.85 -29.68 -30.77
CA ALA A 442 -26.17 -29.04 -32.04
C ALA A 442 -26.76 -30.05 -33.03
N LYS A 443 -26.23 -31.26 -33.02
CA LYS A 443 -26.74 -32.34 -33.91
C LYS A 443 -28.20 -32.63 -33.54
N MET A 444 -28.46 -32.74 -32.24
CA MET A 444 -29.83 -33.00 -31.76
C MET A 444 -30.76 -31.85 -32.11
N ILE A 445 -30.32 -30.62 -31.86
CA ILE A 445 -31.14 -29.43 -32.09
C ILE A 445 -31.53 -29.37 -33.56
N ASP A 446 -30.58 -29.65 -34.44
CA ASP A 446 -30.83 -29.58 -35.88
C ASP A 446 -31.82 -30.65 -36.38
N LEU A 447 -32.00 -31.71 -35.59
CA LEU A 447 -32.97 -32.76 -35.98
C LEU A 447 -34.40 -32.36 -35.65
N PHE A 448 -34.60 -31.36 -34.80
CA PHE A 448 -35.97 -30.97 -34.42
C PHE A 448 -36.79 -30.45 -35.60
N PRO A 449 -36.22 -29.53 -36.41
CA PRO A 449 -36.95 -29.07 -37.60
C PRO A 449 -37.22 -30.20 -38.59
N VAL A 450 -36.25 -31.09 -38.76
CA VAL A 450 -36.38 -32.23 -39.67
C VAL A 450 -37.54 -33.12 -39.19
N ALA A 451 -37.54 -33.41 -37.90
CA ALA A 451 -38.58 -34.25 -37.29
C ALA A 451 -39.97 -33.61 -37.41
N LYS A 452 -40.07 -32.31 -37.11
CA LYS A 452 -41.34 -31.59 -37.24
C LYS A 452 -41.86 -31.64 -38.66
N ARG A 453 -40.99 -31.39 -39.62
CA ARG A 453 -41.37 -31.39 -41.03
C ARG A 453 -41.70 -32.79 -41.57
N ALA A 454 -41.14 -33.83 -40.94
CA ALA A 454 -41.43 -35.22 -41.32
C ALA A 454 -42.72 -35.75 -40.66
N GLY A 455 -43.36 -34.93 -39.83
CA GLY A 455 -44.58 -35.34 -39.14
C GLY A 455 -44.36 -36.25 -37.95
N VAL A 456 -43.19 -36.18 -37.32
CA VAL A 456 -42.93 -36.94 -36.09
C VAL A 456 -43.90 -36.49 -35.00
N SER A 457 -44.37 -37.43 -34.19
CA SER A 457 -45.40 -37.14 -33.17
C SER A 457 -44.91 -36.19 -32.07
N GLU A 458 -45.86 -35.46 -31.49
CA GLU A 458 -45.58 -34.58 -30.36
C GLU A 458 -45.05 -35.36 -29.16
N ASP A 459 -45.55 -36.58 -28.97
CA ASP A 459 -45.05 -37.45 -27.92
C ASP A 459 -43.53 -37.70 -28.05
N VAL A 460 -43.07 -37.99 -29.26
CA VAL A 460 -41.62 -38.21 -29.48
C VAL A 460 -40.85 -36.88 -29.31
N LEU A 461 -41.37 -35.79 -29.86
CA LEU A 461 -40.75 -34.47 -29.67
C LEU A 461 -40.66 -34.09 -28.18
N ASN A 462 -41.69 -34.41 -27.40
CA ASN A 462 -41.63 -34.17 -25.96
C ASN A 462 -40.63 -35.02 -25.21
N GLN A 463 -40.47 -36.29 -25.60
CA GLN A 463 -39.45 -37.13 -24.97
C GLN A 463 -38.06 -36.55 -25.28
N ALA A 464 -37.86 -36.10 -26.51
CA ALA A 464 -36.60 -35.44 -26.89
C ALA A 464 -36.37 -34.13 -26.11
N ARG A 465 -37.43 -33.35 -25.90
CA ARG A 465 -37.34 -32.10 -25.14
C ARG A 465 -36.94 -32.36 -23.70
N GLU A 466 -37.42 -33.47 -23.12
CA GLU A 466 -37.01 -33.85 -21.76
C GLU A 466 -35.52 -34.15 -21.71
N LEU A 467 -35.02 -34.85 -22.74
CA LEU A 467 -33.60 -35.15 -22.83
C LEU A 467 -32.80 -33.87 -23.03
N HIS A 468 -33.34 -32.95 -23.83
CA HIS A 468 -32.69 -31.65 -24.05
C HIS A 468 -32.42 -30.92 -22.73
N TYR A 469 -33.39 -30.93 -21.80
CA TYR A 469 -33.15 -30.28 -20.51
C TYR A 469 -31.85 -30.79 -19.87
N ASP A 470 -31.68 -32.11 -19.81
CA ASP A 470 -30.51 -32.70 -19.19
C ASP A 470 -29.24 -32.47 -20.03
N ALA A 471 -29.34 -32.68 -21.34
CA ALA A 471 -28.16 -32.50 -22.24
C ALA A 471 -27.66 -31.08 -22.06
N HIS A 472 -28.60 -30.15 -21.96
CA HIS A 472 -28.26 -28.74 -21.79
C HIS A 472 -27.64 -28.48 -20.43
N LEU A 473 -28.31 -28.90 -19.35
CA LEU A 473 -27.78 -28.67 -18.01
C LEU A 473 -26.35 -29.15 -17.85
N TYR A 474 -26.08 -30.38 -18.30
CA TYR A 474 -24.81 -31.03 -18.01
C TYR A 474 -23.67 -30.55 -18.91
N TRP A 475 -24.02 -29.77 -19.93
CA TRP A 475 -23.04 -29.02 -20.76
C TRP A 475 -22.90 -27.58 -20.22
N GLU A 476 -24.01 -26.83 -20.10
CA GLU A 476 -23.92 -25.37 -19.89
C GLU A 476 -23.29 -25.03 -18.55
N TRP A 477 -23.43 -25.93 -17.58
CA TRP A 477 -22.77 -25.70 -16.31
C TRP A 477 -21.29 -25.31 -16.52
N TRP A 478 -20.67 -25.96 -17.52
CA TRP A 478 -19.21 -25.90 -17.71
C TRP A 478 -18.74 -24.78 -18.63
N THR A 479 -19.60 -24.30 -19.54
CA THR A 479 -19.32 -23.03 -20.23
C THR A 479 -19.61 -21.84 -19.31
N ALA A 480 -20.57 -22.00 -18.39
CA ALA A 480 -20.87 -20.93 -17.43
C ALA A 480 -19.77 -20.83 -16.38
N GLU A 481 -19.29 -21.97 -15.89
CA GLU A 481 -18.30 -22.01 -14.84
C GLU A 481 -16.92 -21.60 -15.41
N ASN A 482 -16.21 -20.75 -14.68
CA ASN A 482 -15.07 -20.05 -15.28
C ASN A 482 -13.72 -20.74 -15.28
N SER A 483 -13.59 -21.87 -14.57
CA SER A 483 -12.26 -22.49 -14.42
C SER A 483 -11.96 -23.52 -15.53
N VAL A 484 -12.91 -23.73 -16.43
CA VAL A 484 -12.77 -24.76 -17.51
C VAL A 484 -12.32 -26.11 -16.92
N GLY A 485 -13.03 -26.49 -15.86
CA GLY A 485 -12.79 -27.74 -15.16
C GLY A 485 -11.83 -27.72 -13.99
N PHE A 486 -10.97 -26.70 -13.89
CA PHE A 486 -9.93 -26.78 -12.88
C PHE A 486 -10.50 -26.92 -11.46
N HIS A 487 -11.59 -26.21 -11.17
CA HIS A 487 -12.13 -26.26 -9.81
C HIS A 487 -12.62 -27.66 -9.41
N ASN A 488 -12.99 -28.50 -10.36
CA ASN A 488 -13.46 -29.87 -10.04
C ASN A 488 -13.41 -30.74 -11.29
N PRO A 489 -12.20 -31.20 -11.65
CA PRO A 489 -12.06 -31.84 -12.96
C PRO A 489 -12.83 -33.15 -13.12
N ASP A 490 -12.91 -33.96 -12.05
CA ASP A 490 -13.68 -35.20 -12.16
C ASP A 490 -15.18 -34.96 -12.32
N GLN A 491 -15.70 -33.93 -11.66
CA GLN A 491 -17.11 -33.59 -11.79
C GLN A 491 -17.42 -33.08 -13.21
N ALA A 492 -16.56 -32.21 -13.73
CA ALA A 492 -16.73 -31.71 -15.10
C ALA A 492 -16.78 -32.89 -16.08
N ARG A 493 -15.86 -33.83 -15.90
CA ARG A 493 -15.77 -34.96 -16.82
C ARG A 493 -17.06 -35.79 -16.76
N GLU A 494 -17.49 -36.11 -15.54
CA GLU A 494 -18.70 -36.93 -15.36
C GLU A 494 -19.92 -36.23 -15.95
N SER A 495 -20.03 -34.93 -15.68
CA SER A 495 -21.14 -34.15 -16.19
C SER A 495 -21.16 -34.05 -17.71
N LEU A 496 -20.02 -33.72 -18.31
CA LEU A 496 -19.96 -33.53 -19.76
C LEU A 496 -20.20 -34.85 -20.51
N MET A 497 -19.73 -35.95 -19.94
CA MET A 497 -20.07 -37.27 -20.53
C MET A 497 -21.54 -37.58 -20.41
N THR A 498 -22.18 -37.08 -19.36
CA THR A 498 -23.63 -37.22 -19.21
C THR A 498 -24.34 -36.39 -20.26
N SER A 499 -23.87 -35.16 -20.50
CA SER A 499 -24.47 -34.34 -21.57
C SER A 499 -24.44 -35.07 -22.91
N ILE A 500 -23.26 -35.55 -23.28
CA ILE A 500 -23.08 -36.25 -24.56
C ILE A 500 -23.99 -37.48 -24.63
N SER A 501 -24.06 -38.25 -23.53
CA SER A 501 -24.94 -39.44 -23.45
C SER A 501 -26.40 -39.06 -23.74
N LYS A 502 -26.87 -37.96 -23.13
CA LYS A 502 -28.25 -37.51 -23.29
C LYS A 502 -28.53 -37.07 -24.71
N SER A 503 -27.61 -36.30 -25.29
CA SER A 503 -27.76 -35.81 -26.66
C SER A 503 -27.79 -36.98 -27.64
N LYS A 504 -26.93 -37.97 -27.39
CA LYS A 504 -26.85 -39.16 -28.24
C LYS A 504 -28.17 -39.92 -28.17
N GLU A 505 -28.73 -40.01 -26.98
CA GLU A 505 -30.01 -40.70 -26.81
C GLU A 505 -31.10 -39.98 -27.60
N ALA A 506 -31.14 -38.65 -27.50
CA ALA A 506 -32.12 -37.86 -28.25
C ALA A 506 -31.93 -37.94 -29.77
N VAL A 507 -30.68 -37.93 -30.22
CA VAL A 507 -30.37 -38.04 -31.65
C VAL A 507 -30.90 -39.38 -32.19
N SER A 508 -30.64 -40.45 -31.44
CA SER A 508 -31.10 -41.80 -31.80
C SER A 508 -32.63 -41.83 -31.91
N LEU A 509 -33.29 -41.27 -30.89
CA LEU A 509 -34.75 -41.21 -30.83
C LEU A 509 -35.33 -40.48 -32.04
N LEU A 510 -34.82 -39.29 -32.30
CA LEU A 510 -35.31 -38.49 -33.43
C LEU A 510 -34.99 -39.11 -34.80
N ASN A 511 -33.76 -39.58 -34.99
CA ASN A 511 -33.40 -40.23 -36.26
C ASN A 511 -34.30 -41.42 -36.55
N ASP A 512 -34.53 -42.25 -35.53
CA ASP A 512 -35.41 -43.42 -35.70
C ASP A 512 -36.83 -42.97 -36.08
N ALA A 513 -37.35 -41.95 -35.38
CA ALA A 513 -38.71 -41.46 -35.63
C ALA A 513 -38.86 -40.85 -37.02
N ILE A 514 -37.84 -40.10 -37.45
CA ILE A 514 -37.84 -39.53 -38.80
C ILE A 514 -37.81 -40.66 -39.83
N ASP A 515 -36.94 -41.64 -39.61
CA ASP A 515 -36.78 -42.76 -40.53
C ASP A 515 -38.09 -43.54 -40.69
N ALA A 516 -38.81 -43.72 -39.59
CA ALA A 516 -40.12 -44.40 -39.58
C ALA A 516 -41.20 -43.63 -40.34
N GLN A 517 -41.12 -42.31 -40.33
CA GLN A 517 -42.03 -41.45 -41.10
C GLN A 517 -41.78 -41.53 -42.60
N VAL A 518 -40.51 -41.69 -42.98
CA VAL A 518 -40.12 -41.80 -44.39
C VAL A 518 -40.52 -43.17 -44.96
N ALA A 519 -40.45 -44.21 -44.12
CA ALA A 519 -40.77 -45.58 -44.51
C ALA A 519 -42.27 -45.85 -44.68
N ASN B 1 -7.52 -5.91 20.75
CA ASN B 1 -8.24 -4.81 20.07
C ASN B 1 -8.21 -3.53 20.92
N LEU B 2 -7.88 -2.42 20.26
CA LEU B 2 -7.82 -1.13 20.95
C LEU B 2 -9.20 -0.65 21.38
N LYS B 3 -9.26 -0.04 22.56
CA LYS B 3 -10.49 0.60 23.03
C LYS B 3 -10.22 2.10 23.14
N PRO B 4 -11.08 2.93 22.54
CA PRO B 4 -10.81 4.36 22.53
C PRO B 4 -10.96 4.99 23.91
N VAL B 5 -10.17 6.02 24.16
CA VAL B 5 -10.27 6.82 25.38
C VAL B 5 -10.94 8.15 25.08
N ASP B 6 -11.43 8.81 26.15
CA ASP B 6 -12.08 10.08 25.98
C ASP B 6 -11.00 11.18 25.93
N ALA B 7 -10.75 11.69 24.72
CA ALA B 7 -9.68 12.68 24.52
C ALA B 7 -10.01 14.00 25.23
N MET B 8 -11.30 14.29 25.46
CA MET B 8 -11.69 15.51 26.21
C MET B 8 -11.06 15.57 27.58
N GLN B 9 -10.94 14.42 28.24
CA GLN B 9 -10.25 14.34 29.50
C GLN B 9 -8.79 14.80 29.38
N CYS B 10 -8.09 14.34 28.35
CA CYS B 10 -6.71 14.75 28.17
C CYS B 10 -6.60 16.25 27.86
N PHE B 11 -7.51 16.74 27.03
CA PHE B 11 -7.44 18.12 26.53
C PHE B 11 -7.57 19.14 27.67
N ASP B 12 -8.18 18.73 28.78
CA ASP B 12 -8.27 19.64 29.94
C ASP B 12 -6.90 20.10 30.41
N CYS B 13 -5.87 19.25 30.27
CA CYS B 13 -4.53 19.57 30.70
C CYS B 13 -3.56 19.81 29.56
N HIS B 14 -3.94 19.36 28.37
CA HIS B 14 -3.02 19.38 27.24
C HIS B 14 -3.60 20.25 26.11
N THR B 15 -3.54 21.57 26.33
CA THR B 15 -4.16 22.51 25.43
C THR B 15 -3.42 22.65 24.09
N GLN B 16 -2.10 22.48 24.09
CA GLN B 16 -1.36 22.56 22.82
C GLN B 16 -1.74 21.35 21.97
N ILE B 17 -1.79 20.17 22.58
CA ILE B 17 -2.25 18.96 21.84
C ILE B 17 -3.69 19.17 21.34
N GLU B 18 -4.57 19.71 22.18
CA GLU B 18 -5.92 19.99 21.74
C GLU B 18 -5.95 20.83 20.47
N ASP B 19 -5.19 21.93 20.47
CA ASP B 19 -5.18 22.88 19.36
C ASP B 19 -4.66 22.24 18.07
N MET B 20 -3.72 21.30 18.21
CA MET B 20 -3.14 20.63 17.04
C MET B 20 -4.02 19.48 16.55
N HIS B 21 -4.44 18.63 17.49
CA HIS B 21 -5.20 17.40 17.16
C HIS B 21 -6.60 17.71 16.63
N THR B 22 -7.32 18.65 17.26
CA THR B 22 -8.70 18.86 16.82
C THR B 22 -8.85 19.51 15.45
N VAL B 23 -7.78 20.18 14.97
CA VAL B 23 -7.80 20.95 13.73
C VAL B 23 -7.28 20.14 12.53
N GLY B 24 -6.32 19.26 12.79
CA GLY B 24 -5.65 18.56 11.68
C GLY B 24 -6.35 17.33 11.15
N LYS B 25 -5.66 16.60 10.30
CA LYS B 25 -6.22 15.40 9.68
C LYS B 25 -6.17 14.12 10.53
N HIS B 26 -5.67 14.23 11.76
CA HIS B 26 -5.75 13.16 12.72
C HIS B 26 -6.82 13.45 13.82
N ALA B 27 -7.73 14.39 13.54
CA ALA B 27 -8.78 14.75 14.53
C ALA B 27 -9.59 13.54 14.96
N THR B 28 -9.72 12.53 14.06
CA THR B 28 -10.48 11.34 14.38
C THR B 28 -9.62 10.19 14.88
N VAL B 29 -8.30 10.41 14.98
CA VAL B 29 -7.40 9.33 15.38
C VAL B 29 -7.25 9.36 16.92
N ASN B 30 -7.79 8.34 17.56
CA ASN B 30 -7.85 8.29 19.01
C ASN B 30 -6.46 8.16 19.65
N CYS B 31 -6.27 8.77 20.82
CA CYS B 31 -4.98 8.73 21.52
C CYS B 31 -4.46 7.31 21.77
N VAL B 32 -5.36 6.33 21.90
CA VAL B 32 -4.99 4.95 22.26
C VAL B 32 -4.11 4.28 21.17
N HIS B 33 -4.14 4.84 19.96
CA HIS B 33 -3.24 4.34 18.90
C HIS B 33 -1.78 4.48 19.25
N CYS B 34 -1.46 5.45 20.12
CA CYS B 34 -0.07 5.76 20.41
C CYS B 34 0.24 5.94 21.89
N HIS B 35 -0.78 6.00 22.74
CA HIS B 35 -0.52 6.24 24.16
C HIS B 35 -1.33 5.28 25.04
N ASP B 36 -0.70 4.82 26.12
CA ASP B 36 -1.42 4.09 27.19
C ASP B 36 -1.32 4.99 28.42
N ALA B 37 -2.41 5.68 28.75
CA ALA B 37 -2.35 6.76 29.74
C ALA B 37 -3.34 6.55 30.88
N THR B 38 -3.80 5.31 31.06
CA THR B 38 -4.82 5.01 32.08
C THR B 38 -4.38 5.42 33.48
N GLU B 39 -3.20 4.96 33.90
CA GLU B 39 -2.71 5.30 35.24
C GLU B 39 -2.30 6.77 35.33
N HIS B 40 -1.76 7.29 34.22
CA HIS B 40 -1.44 8.72 34.12
C HIS B 40 -2.67 9.56 34.43
N VAL B 41 -3.81 9.27 33.80
CA VAL B 41 -5.01 10.08 33.99
C VAL B 41 -5.49 10.02 35.46
N GLU B 42 -5.27 8.88 36.10
CA GLU B 42 -5.70 8.64 37.48
C GLU B 42 -4.84 9.43 38.47
N THR B 43 -3.60 9.74 38.10
CA THR B 43 -2.62 10.31 39.03
C THR B 43 -2.11 11.71 38.69
N ALA B 44 -2.33 12.18 37.45
CA ALA B 44 -1.81 13.49 37.04
C ALA B 44 -2.54 14.64 37.71
N SER B 45 -1.85 15.77 37.88
CA SER B 45 -2.55 17.04 38.14
C SER B 45 -2.28 18.00 36.99
N SER B 46 -2.84 19.20 37.03
CA SER B 46 -2.62 20.13 35.92
C SER B 46 -1.14 20.52 35.74
N ARG B 47 -0.32 20.34 36.77
CA ARG B 47 1.10 20.69 36.60
C ARG B 47 2.09 19.56 36.92
N ARG B 48 1.59 18.45 37.47
CA ARG B 48 2.43 17.30 37.78
C ARG B 48 2.00 16.08 36.96
N MET B 49 2.97 15.41 36.33
CA MET B 49 2.69 14.27 35.45
C MET B 49 2.03 13.07 36.14
N GLY B 50 2.33 12.86 37.43
CA GLY B 50 1.97 11.59 38.09
C GLY B 50 2.61 10.42 37.36
N GLU B 51 1.87 9.31 37.23
CA GLU B 51 2.39 8.14 36.52
C GLU B 51 2.65 8.50 35.06
N ARG B 52 3.81 8.10 34.55
CA ARG B 52 4.18 8.46 33.19
C ARG B 52 3.41 7.56 32.20
N PRO B 53 2.67 8.16 31.25
CA PRO B 53 1.95 7.37 30.24
C PRO B 53 2.97 6.72 29.30
N VAL B 54 2.58 5.62 28.66
CA VAL B 54 3.46 4.98 27.68
C VAL B 54 3.17 5.63 26.33
N THR B 55 4.22 5.95 25.58
CA THR B 55 4.05 6.47 24.21
C THR B 55 4.75 5.51 23.26
N ARG B 56 4.01 5.05 22.27
CA ARG B 56 4.59 4.16 21.23
C ARG B 56 5.41 4.99 20.25
N MET B 57 6.61 4.51 19.97
CA MET B 57 7.47 5.17 18.99
C MET B 57 7.80 4.23 17.84
N ASP B 58 7.24 3.03 17.88
CA ASP B 58 7.45 2.04 16.79
C ASP B 58 6.74 2.52 15.51
N LEU B 59 7.33 2.22 14.36
CA LEU B 59 6.74 2.68 13.10
C LEU B 59 5.43 1.95 12.76
N GLU B 60 5.26 0.75 13.35
CA GLU B 60 4.03 0.01 13.17
C GLU B 60 2.82 0.77 13.72
N ALA B 61 3.04 1.73 14.64
CA ALA B 61 1.93 2.57 15.15
C ALA B 61 1.27 3.37 14.03
N CYS B 62 2.03 3.63 12.96
CA CYS B 62 1.53 4.35 11.78
C CYS B 62 1.16 3.41 10.64
N ALA B 63 1.82 2.25 10.60
CA ALA B 63 1.64 1.28 9.48
C ALA B 63 0.24 0.70 9.43
N THR B 64 -0.47 0.70 10.57
CA THR B 64 -1.83 0.19 10.62
C THR B 64 -2.77 0.94 9.68
N CYS B 65 -2.61 2.27 9.61
CA CYS B 65 -3.46 3.05 8.72
C CYS B 65 -2.75 3.56 7.47
N HIS B 66 -1.42 3.38 7.44
CA HIS B 66 -0.61 3.89 6.30
C HIS B 66 0.38 2.81 5.85
N THR B 67 -0.18 1.65 5.52
CA THR B 67 0.66 0.51 5.11
C THR B 67 1.49 0.83 3.88
N ALA B 68 0.92 1.55 2.90
CA ALA B 68 1.65 1.84 1.64
C ALA B 68 2.95 2.62 1.90
N GLN B 69 2.86 3.67 2.72
CA GLN B 69 4.02 4.48 3.05
C GLN B 69 5.02 3.69 3.87
N PHE B 70 4.54 2.90 4.83
CA PHE B 70 5.43 2.10 5.65
C PHE B 70 6.19 1.07 4.78
N ASN B 71 5.47 0.39 3.91
CA ASN B 71 6.12 -0.68 3.11
C ASN B 71 7.14 -0.10 2.15
N SER B 72 6.83 1.06 1.59
CA SER B 72 7.75 1.71 0.70
C SER B 72 9.00 2.16 1.47
N PHE B 73 8.83 2.66 2.69
CA PHE B 73 9.96 3.05 3.52
C PHE B 73 10.90 1.89 3.87
N VAL B 74 10.33 0.73 4.21
CA VAL B 74 11.15 -0.33 4.82
C VAL B 74 11.84 -1.16 3.72
N GLU B 75 11.46 -0.95 2.46
CA GLU B 75 12.09 -1.74 1.39
C GLU B 75 13.61 -1.58 1.45
N VAL B 76 14.33 -2.69 1.23
CA VAL B 76 15.79 -2.64 1.19
C VAL B 76 16.23 -2.59 -0.26
N ARG B 77 17.05 -1.59 -0.58
CA ARG B 77 17.58 -1.52 -1.94
C ARG B 77 18.84 -2.39 -1.99
N HIS B 78 18.74 -3.59 -2.57
CA HIS B 78 19.89 -4.47 -2.51
C HIS B 78 21.04 -3.98 -3.39
N GLU B 79 20.72 -3.13 -4.37
CA GLU B 79 21.74 -2.53 -5.23
C GLU B 79 22.58 -1.46 -4.51
N SER B 80 22.13 -1.01 -3.32
CA SER B 80 22.94 -0.09 -2.54
C SER B 80 23.91 -0.95 -1.75
N HIS B 81 25.12 -1.09 -2.29
CA HIS B 81 26.07 -2.06 -1.78
C HIS B 81 26.36 -1.83 -0.30
N PRO B 82 26.33 -2.91 0.49
CA PRO B 82 26.44 -2.70 1.92
C PRO B 82 27.87 -2.82 2.43
N ARG B 83 28.14 -2.10 3.51
CA ARG B 83 29.42 -2.14 4.21
C ARG B 83 30.63 -1.91 3.26
N LEU B 84 30.45 -1.01 2.31
CA LEU B 84 31.46 -0.78 1.25
C LEU B 84 32.31 0.42 1.69
N GLU B 85 33.57 0.15 2.01
CA GLU B 85 34.49 1.17 2.55
C GLU B 85 34.82 2.23 1.50
N LYS B 86 34.71 3.52 1.88
CA LYS B 86 34.98 4.61 0.94
C LYS B 86 36.48 4.83 0.66
N ALA B 87 37.34 4.39 1.58
CA ALA B 87 38.81 4.56 1.44
C ALA B 87 39.41 3.42 0.62
N THR B 88 38.83 3.15 -0.55
CA THR B 88 39.34 2.13 -1.45
C THR B 88 39.43 2.73 -2.86
N PRO B 89 40.24 2.12 -3.73
CA PRO B 89 40.45 2.73 -5.06
C PRO B 89 39.20 2.76 -5.91
N THR B 90 38.22 1.92 -5.60
CA THR B 90 37.00 1.81 -6.40
C THR B 90 35.82 2.56 -5.79
N SER B 91 36.06 3.29 -4.69
CA SER B 91 34.98 4.02 -4.06
C SER B 91 35.26 5.54 -4.07
N ARG B 92 34.67 6.25 -3.12
CA ARG B 92 34.58 7.71 -3.24
C ARG B 92 35.89 8.44 -2.93
N SER B 93 36.75 7.84 -2.11
CA SER B 93 37.93 8.59 -1.63
C SER B 93 39.15 7.68 -1.58
N PRO B 94 39.79 7.44 -2.73
CA PRO B 94 40.91 6.47 -2.75
C PRO B 94 42.05 6.78 -1.78
N MET B 95 42.30 8.07 -1.49
CA MET B 95 43.41 8.45 -0.59
C MET B 95 42.91 8.91 0.77
N PHE B 96 41.70 8.45 1.14
CA PHE B 96 41.09 8.90 2.40
C PHE B 96 41.96 8.63 3.64
N ASP B 97 42.60 7.47 3.71
CA ASP B 97 43.37 7.15 4.94
C ASP B 97 44.50 8.13 5.17
N LYS B 98 45.20 8.50 4.10
CA LYS B 98 46.30 9.45 4.24
C LYS B 98 45.77 10.84 4.62
N LEU B 99 44.67 11.22 4.00
CA LEU B 99 44.12 12.56 4.18
C LEU B 99 43.42 12.76 5.52
N ILE B 100 42.80 11.71 6.04
CA ILE B 100 41.99 11.81 7.27
C ILE B 100 42.76 11.34 8.51
N ALA B 101 44.02 10.94 8.33
CA ALA B 101 44.83 10.36 9.42
C ALA B 101 44.76 11.27 10.65
N GLY B 102 44.40 10.70 11.79
CA GLY B 102 44.20 11.50 13.01
C GLY B 102 42.74 11.52 13.42
N HIS B 103 41.84 11.19 12.48
CA HIS B 103 40.42 11.20 12.74
C HIS B 103 39.85 9.81 12.89
N GLY B 104 38.78 9.68 13.67
CA GLY B 104 38.13 8.38 13.88
C GLY B 104 37.58 7.73 12.61
N PHE B 105 37.25 8.53 11.59
CA PHE B 105 36.77 7.96 10.31
C PHE B 105 37.81 7.07 9.64
N ALA B 106 39.09 7.21 10.02
CA ALA B 106 40.12 6.29 9.48
C ALA B 106 39.84 4.83 9.85
N PHE B 107 39.05 4.60 10.90
CA PHE B 107 38.81 3.22 11.30
C PHE B 107 37.77 2.51 10.43
N GLU B 108 36.80 3.27 9.94
CA GLU B 108 35.82 2.75 8.97
C GLU B 108 34.91 3.87 8.52
N HIS B 109 34.69 3.95 7.20
CA HIS B 109 33.69 4.89 6.69
C HIS B 109 33.09 4.25 5.46
N ALA B 110 31.89 3.68 5.60
CA ALA B 110 31.26 2.99 4.47
C ALA B 110 30.32 3.92 3.73
N GLU B 111 29.96 3.54 2.52
CA GLU B 111 28.92 4.24 1.76
C GLU B 111 27.56 4.04 2.49
N PRO B 112 26.63 4.97 2.33
CA PRO B 112 25.31 4.79 2.96
C PRO B 112 24.56 3.64 2.26
N ARG B 113 23.62 3.04 2.99
CA ARG B 113 22.68 2.11 2.41
C ARG B 113 21.29 2.49 2.89
N SER B 114 20.28 1.65 2.61
CA SER B 114 18.89 2.01 2.88
C SER B 114 18.59 2.47 4.32
N HIS B 115 17.64 3.39 4.40
CA HIS B 115 17.26 4.04 5.69
C HIS B 115 16.89 3.02 6.79
N ALA B 116 16.29 1.87 6.42
CA ALA B 116 15.94 0.87 7.46
C ALA B 116 17.09 0.53 8.38
N PHE B 117 18.32 0.62 7.86
CA PHE B 117 19.49 0.16 8.61
C PHE B 117 20.20 1.26 9.37
N MET B 118 19.66 2.48 9.42
CA MET B 118 20.51 3.57 9.94
C MET B 118 20.97 3.38 11.39
N LEU B 119 20.06 2.91 12.25
CA LEU B 119 20.39 2.78 13.68
C LEU B 119 21.32 1.58 13.90
N VAL B 120 21.01 0.45 13.29
CA VAL B 120 21.91 -0.69 13.43
C VAL B 120 23.30 -0.41 12.83
N ASP B 121 23.37 0.29 11.70
CA ASP B 121 24.67 0.55 11.07
C ASP B 121 25.50 1.51 11.94
N HIS B 122 24.83 2.49 12.54
CA HIS B 122 25.47 3.37 13.51
C HIS B 122 26.07 2.55 14.68
N PHE B 123 25.30 1.59 15.18
CA PHE B 123 25.77 0.74 16.29
C PHE B 123 26.93 -0.19 15.94
N VAL B 124 26.97 -0.70 14.68
CA VAL B 124 27.99 -1.72 14.35
C VAL B 124 29.23 -1.24 13.61
N VAL B 125 29.24 0.01 13.12
CA VAL B 125 30.41 0.52 12.39
C VAL B 125 31.65 0.49 13.30
N ASP B 126 32.82 0.21 12.72
CA ASP B 126 34.03 0.03 13.53
C ASP B 126 34.46 1.30 14.23
N ARG B 127 34.02 2.49 13.76
CA ARG B 127 34.49 3.75 14.38
C ARG B 127 33.66 4.18 15.60
N ALA B 128 32.57 3.46 15.91
CA ALA B 128 31.55 4.02 16.83
C ALA B 128 31.64 3.56 18.29
N TYR B 129 31.64 2.25 18.51
CA TYR B 129 31.50 1.68 19.87
C TYR B 129 32.60 0.64 20.17
N GLY B 130 33.75 0.79 19.52
CA GLY B 130 34.87 -0.12 19.77
C GLY B 130 34.57 -1.56 19.41
N GLY B 131 33.62 -1.77 18.50
CA GLY B 131 33.24 -3.14 18.13
C GLY B 131 32.35 -3.84 19.16
N ARG B 132 31.83 -3.10 20.15
CA ARG B 132 30.97 -3.67 21.19
C ARG B 132 29.73 -4.37 20.62
N PHE B 133 29.11 -3.74 19.62
CA PHE B 133 27.87 -4.27 19.04
C PHE B 133 28.14 -4.93 17.69
N GLN B 134 27.45 -6.04 17.47
CA GLN B 134 27.50 -6.76 16.19
C GLN B 134 26.09 -7.21 15.85
N PHE B 135 25.82 -7.47 14.57
CA PHE B 135 24.64 -8.25 14.23
C PHE B 135 24.77 -9.64 14.88
N LYS B 136 23.62 -10.26 15.17
CA LYS B 136 23.61 -11.57 15.89
C LYS B 136 24.42 -12.61 15.12
N ASN B 137 24.40 -12.51 13.80
CA ASN B 137 25.30 -13.25 12.91
C ASN B 137 25.36 -12.51 11.59
N TRP B 138 26.14 -13.02 10.64
CA TRP B 138 26.33 -12.29 9.39
C TRP B 138 25.13 -12.42 8.45
N GLN B 139 24.19 -13.32 8.73
CA GLN B 139 22.94 -13.37 7.95
C GLN B 139 22.04 -12.18 8.20
N LYS B 140 22.12 -11.60 9.40
CA LYS B 140 21.13 -10.59 9.80
C LYS B 140 21.30 -9.26 9.09
N VAL B 141 22.41 -9.11 8.38
CA VAL B 141 22.69 -7.86 7.66
C VAL B 141 21.65 -7.56 6.60
N THR B 142 20.91 -8.60 6.19
CA THR B 142 19.89 -8.43 5.16
C THR B 142 18.54 -7.93 5.74
N ASP B 143 18.38 -8.00 7.07
CA ASP B 143 17.01 -7.96 7.63
C ASP B 143 16.55 -6.54 7.93
N GLY B 144 16.08 -5.84 6.91
CA GLY B 144 15.61 -4.46 7.07
C GLY B 144 14.37 -4.40 7.97
N MET B 145 13.40 -5.27 7.72
CA MET B 145 12.20 -5.28 8.54
C MET B 145 12.54 -5.54 10.02
N GLY B 146 13.48 -6.44 10.29
CA GLY B 146 13.94 -6.74 11.65
C GLY B 146 14.57 -5.53 12.30
N ALA B 147 15.44 -4.83 11.57
CA ALA B 147 16.06 -3.61 12.09
C ALA B 147 14.96 -2.60 12.44
N VAL B 148 13.94 -2.49 11.60
CA VAL B 148 12.89 -1.50 11.83
C VAL B 148 12.07 -1.89 13.08
N ARG B 149 11.79 -3.18 13.23
CA ARG B 149 11.13 -3.68 14.44
C ARG B 149 11.92 -3.32 15.69
N GLY B 150 13.24 -3.43 15.61
CA GLY B 150 14.09 -2.88 16.68
C GLY B 150 15.52 -3.38 16.58
N ALA B 151 16.46 -2.47 16.78
CA ALA B 151 17.89 -2.77 16.71
C ALA B 151 18.23 -4.00 17.56
N TRP B 152 17.66 -4.09 18.76
CA TRP B 152 18.11 -5.14 19.68
C TRP B 152 17.49 -6.48 19.37
N THR B 153 16.57 -6.52 18.41
CA THR B 153 16.11 -7.82 17.86
C THR B 153 17.11 -8.45 16.89
N VAL B 154 18.05 -7.65 16.37
CA VAL B 154 19.02 -8.16 15.38
C VAL B 154 20.49 -8.01 15.80
N LEU B 155 20.75 -7.29 16.89
CA LEU B 155 22.11 -7.04 17.37
C LEU B 155 22.41 -7.74 18.70
N THR B 156 23.70 -7.90 18.97
CA THR B 156 24.20 -8.41 20.24
C THR B 156 25.26 -7.43 20.82
N ASP B 157 25.37 -7.43 22.15
CA ASP B 157 26.30 -6.59 22.89
C ASP B 157 27.35 -7.53 23.47
N ALA B 158 28.62 -7.29 23.17
CA ALA B 158 29.73 -8.14 23.65
C ALA B 158 29.83 -8.19 25.18
N ASP B 159 29.37 -7.14 25.87
CA ASP B 159 29.44 -7.14 27.35
C ASP B 159 28.28 -6.39 27.99
N PRO B 160 27.12 -7.05 28.14
CA PRO B 160 25.97 -6.41 28.76
C PRO B 160 26.22 -5.92 30.19
N GLU B 161 27.27 -6.44 30.84
CA GLU B 161 27.62 -6.08 32.24
C GLU B 161 28.38 -4.77 32.44
N SER B 162 28.91 -4.18 31.37
CA SER B 162 29.62 -2.90 31.50
C SER B 162 28.99 -1.88 30.59
N SER B 163 29.17 -0.61 30.92
CA SER B 163 28.55 0.44 30.13
C SER B 163 29.55 1.46 29.59
N ASP B 164 30.84 1.16 29.73
CA ASP B 164 31.86 2.12 29.30
C ASP B 164 32.14 1.92 27.80
N GLN B 165 32.52 3.02 27.15
CA GLN B 165 33.06 2.94 25.78
C GLN B 165 34.48 2.43 25.83
N ARG B 166 34.75 1.31 25.16
CA ARG B 166 36.09 0.79 25.08
C ARG B 166 36.21 -0.05 23.81
N ARG B 167 37.46 -0.26 23.36
CA ARG B 167 37.74 -1.19 22.27
C ARG B 167 37.56 -2.66 22.66
N PHE B 168 36.79 -3.39 21.84
CA PHE B 168 36.67 -4.85 21.93
C PHE B 168 37.50 -5.54 20.85
N LEU B 169 37.81 -4.81 19.78
CA LEU B 169 38.76 -5.27 18.76
C LEU B 169 39.77 -4.14 18.55
N SER B 170 40.96 -4.47 18.09
CA SER B 170 42.05 -3.49 18.05
C SER B 170 41.80 -2.29 17.13
N GLN B 171 41.32 -2.54 15.91
CA GLN B 171 41.19 -1.47 14.92
C GLN B 171 39.75 -0.96 14.91
N THR B 172 39.33 -0.44 16.05
CA THR B 172 38.04 0.21 16.19
C THR B 172 38.26 1.51 16.95
N ALA B 173 37.23 2.35 16.95
CA ALA B 173 37.28 3.57 17.75
C ALA B 173 35.97 3.71 18.49
N THR B 174 35.93 4.67 19.41
CA THR B 174 34.73 4.89 20.23
C THR B 174 34.20 6.30 20.01
N ALA B 175 33.96 6.65 18.74
CA ALA B 175 33.52 8.01 18.40
C ALA B 175 32.09 8.31 18.79
N ALA B 176 31.26 7.28 18.97
CA ALA B 176 29.84 7.53 19.25
C ALA B 176 29.67 8.31 20.56
N ASN B 177 28.70 9.21 20.54
CA ASN B 177 28.23 9.95 21.70
C ASN B 177 26.72 10.18 21.55
N PRO B 178 26.05 10.73 22.59
CA PRO B 178 24.59 10.77 22.47
C PRO B 178 24.06 11.67 21.36
N VAL B 179 24.84 12.67 20.95
CA VAL B 179 24.34 13.57 19.91
C VAL B 179 24.11 12.80 18.60
N CYS B 180 24.97 11.83 18.30
CA CYS B 180 24.83 11.04 17.03
C CYS B 180 23.43 10.50 16.86
N LEU B 181 22.86 10.02 17.97
CA LEU B 181 21.60 9.29 17.90
C LEU B 181 20.43 10.11 17.37
N ASN B 182 20.51 11.45 17.48
CA ASN B 182 19.45 12.31 17.00
C ASN B 182 19.22 12.24 15.50
N CYS B 183 20.25 11.78 14.77
CA CYS B 183 20.10 11.55 13.33
C CYS B 183 19.92 10.07 12.97
N LYS B 184 19.60 9.22 13.95
CA LYS B 184 19.41 7.77 13.71
C LYS B 184 18.01 7.33 14.16
N THR B 185 17.42 8.06 15.12
CA THR B 185 16.20 7.63 15.80
C THR B 185 15.67 8.87 16.52
N GLN B 186 14.37 8.87 16.81
CA GLN B 186 13.85 9.83 17.79
C GLN B 186 13.03 9.08 18.84
N ASP B 187 13.43 7.83 19.14
CA ASP B 187 12.81 7.09 20.25
C ASP B 187 12.96 7.87 21.56
N HIS B 188 14.01 8.69 21.64
CA HIS B 188 14.30 9.43 22.88
C HIS B 188 13.63 10.82 22.93
N ILE B 189 12.67 11.09 22.05
CA ILE B 189 12.15 12.44 21.85
C ILE B 189 11.54 13.06 23.13
N LEU B 190 11.03 12.20 24.01
CA LEU B 190 10.46 12.68 25.30
C LEU B 190 11.45 12.56 26.47
N ASP B 191 12.68 12.09 26.18
CA ASP B 191 13.67 11.84 27.23
C ASP B 191 14.94 12.67 27.08
N TRP B 192 14.91 13.65 26.20
CA TRP B 192 16.10 14.41 25.77
C TRP B 192 15.63 15.86 25.70
N ALA B 193 16.29 16.75 26.45
CA ALA B 193 15.92 18.15 26.39
C ALA B 193 16.50 18.77 25.14
N TYR B 194 15.89 19.87 24.70
CA TYR B 194 16.35 20.59 23.51
C TYR B 194 17.87 20.79 23.53
N MET B 195 18.52 20.40 22.43
CA MET B 195 19.99 20.47 22.27
C MET B 195 20.81 19.48 23.08
N GLY B 196 20.14 18.70 23.93
CA GLY B 196 20.81 17.76 24.80
C GLY B 196 21.41 18.44 26.02
N ASP B 197 20.89 19.64 26.31
CA ASP B 197 21.33 20.36 27.52
C ASP B 197 20.94 19.52 28.74
N GLU B 198 21.66 19.72 29.86
CA GLU B 198 21.23 19.11 31.13
C GLU B 198 19.85 19.66 31.48
N HIS B 199 18.99 18.79 32.01
CA HIS B 199 17.62 19.19 32.36
C HIS B 199 17.12 18.18 33.38
N GLU B 200 16.44 18.66 34.43
CA GLU B 200 15.93 17.73 35.45
C GLU B 200 14.98 16.67 34.89
N ALA B 201 14.26 17.00 33.82
CA ALA B 201 13.24 16.11 33.24
C ALA B 201 13.82 15.17 32.16
N ALA B 202 15.09 15.37 31.82
CA ALA B 202 15.74 14.56 30.76
C ALA B 202 16.52 13.40 31.34
N LYS B 203 16.19 12.19 30.90
CA LYS B 203 16.92 10.98 31.21
C LYS B 203 18.30 10.98 30.53
N TRP B 204 18.34 11.53 29.31
CA TRP B 204 19.53 11.49 28.46
C TRP B 204 19.94 12.89 28.06
N SER B 205 21.23 13.09 27.83
CA SER B 205 21.74 14.40 27.44
C SER B 205 23.07 14.20 26.72
N ARG B 206 23.66 15.30 26.28
CA ARG B 206 24.99 15.21 25.62
C ARG B 206 26.06 14.49 26.45
N THR B 207 25.94 14.53 27.79
CA THR B 207 26.98 13.97 28.64
C THR B 207 26.67 12.56 29.17
N SER B 208 25.59 11.96 28.68
CA SER B 208 25.22 10.59 29.08
C SER B 208 26.26 9.55 28.65
N GLU B 209 26.25 8.39 29.32
CA GLU B 209 27.02 7.23 28.87
C GLU B 209 26.33 6.70 27.61
N VAL B 210 27.01 6.83 26.47
CA VAL B 210 26.36 6.53 25.20
C VAL B 210 25.96 5.06 25.07
N VAL B 211 26.72 4.15 25.69
CA VAL B 211 26.37 2.71 25.64
C VAL B 211 25.04 2.46 26.37
N GLU B 212 24.84 3.11 27.51
CA GLU B 212 23.55 3.00 28.20
C GLU B 212 22.41 3.59 27.36
N PHE B 213 22.65 4.76 26.75
CA PHE B 213 21.66 5.42 25.92
C PHE B 213 21.32 4.49 24.74
N ALA B 214 22.34 3.94 24.11
CA ALA B 214 22.17 3.04 22.96
C ALA B 214 21.20 1.90 23.24
N ARG B 215 21.33 1.31 24.42
CA ARG B 215 20.53 0.17 24.81
C ARG B 215 19.05 0.49 24.95
N ASP B 216 18.72 1.77 25.14
CA ASP B 216 17.34 2.23 25.28
C ASP B 216 16.66 2.58 23.94
N LEU B 217 17.41 2.46 22.82
CA LEU B 217 16.90 2.96 21.54
C LEU B 217 16.70 1.80 20.56
N ASN B 218 15.66 1.89 19.74
CA ASN B 218 15.28 0.74 18.90
C ASN B 218 15.01 1.00 17.44
N HIS B 219 14.31 2.08 17.15
CA HIS B 219 13.73 2.23 15.80
C HIS B 219 14.46 3.28 14.97
N PRO B 220 14.71 2.98 13.69
CA PRO B 220 15.26 4.01 12.83
C PRO B 220 14.22 5.00 12.34
N LEU B 221 14.67 6.23 12.03
CA LEU B 221 13.90 7.22 11.26
C LEU B 221 12.40 7.11 11.53
N ASN B 222 11.99 7.45 12.77
CA ASN B 222 10.59 7.29 13.09
C ASN B 222 9.71 8.14 12.17
N CYS B 223 8.52 7.66 11.85
CA CYS B 223 7.65 8.38 10.91
C CYS B 223 7.35 9.81 11.38
N PHE B 224 7.25 9.96 12.70
CA PHE B 224 6.96 11.29 13.26
C PHE B 224 8.14 12.27 13.19
N MET B 225 9.30 11.88 12.63
CA MET B 225 10.33 12.89 12.43
C MET B 225 9.93 13.98 11.42
N CYS B 226 9.00 13.67 10.51
CA CYS B 226 8.60 14.61 9.45
C CYS B 226 7.12 14.98 9.52
N HIS B 227 6.36 14.25 10.36
CA HIS B 227 4.92 14.41 10.39
C HIS B 227 4.54 14.50 11.87
N ASP B 228 3.87 15.58 12.24
CA ASP B 228 3.38 15.68 13.62
C ASP B 228 2.30 14.64 13.86
N PRO B 229 2.43 13.84 14.93
CA PRO B 229 1.48 12.75 15.11
C PRO B 229 0.10 13.26 15.54
N HIS B 230 0.07 14.48 16.08
CA HIS B 230 -1.21 15.08 16.53
C HIS B 230 -1.98 15.80 15.45
N SER B 231 -1.31 16.68 14.68
CA SER B 231 -1.95 17.39 13.57
C SER B 231 -1.83 16.69 12.18
N ALA B 232 -0.91 15.72 12.09
CA ALA B 232 -0.50 15.08 10.81
C ALA B 232 0.19 16.06 9.86
N GLY B 233 0.48 17.27 10.34
CA GLY B 233 1.12 18.29 9.50
C GLY B 233 2.63 18.15 9.41
N PRO B 234 3.23 18.85 8.44
CA PRO B 234 4.67 18.69 8.22
C PRO B 234 5.48 19.36 9.32
N ARG B 235 6.56 18.73 9.74
CA ARG B 235 7.41 19.31 10.78
C ARG B 235 8.83 18.76 10.72
N VAL B 236 9.69 19.35 11.55
CA VAL B 236 10.96 18.74 11.91
C VAL B 236 10.97 18.62 13.44
N VAL B 237 11.76 17.69 13.96
CA VAL B 237 11.95 17.54 15.40
C VAL B 237 13.41 17.74 15.82
N ARG B 238 14.33 17.84 14.84
CA ARG B 238 15.76 17.83 15.15
C ARG B 238 16.17 19.17 15.77
N ASP B 239 16.63 19.09 17.00
CA ASP B 239 16.98 20.31 17.77
C ASP B 239 17.98 21.20 17.05
N GLY B 240 19.06 20.61 16.54
CA GLY B 240 20.13 21.39 15.86
C GLY B 240 19.57 22.20 14.70
N LEU B 241 18.59 21.64 13.98
CA LEU B 241 18.04 22.34 12.83
C LEU B 241 17.16 23.51 13.26
N ILE B 242 16.30 23.25 14.24
CA ILE B 242 15.49 24.33 14.82
C ILE B 242 16.37 25.47 15.33
N ASN B 243 17.47 25.11 15.97
CA ASN B 243 18.37 26.11 16.52
C ASN B 243 18.96 27.00 15.45
N ALA B 244 19.35 26.40 14.31
CA ALA B 244 19.90 27.19 13.20
C ALA B 244 18.83 28.05 12.55
N VAL B 245 17.69 27.45 12.20
CA VAL B 245 16.67 28.12 11.43
C VAL B 245 15.98 29.21 12.26
N VAL B 246 15.61 28.85 13.47
CA VAL B 246 14.76 29.73 14.29
C VAL B 246 15.58 30.50 15.34
N ASP B 247 16.28 29.80 16.24
CA ASP B 247 16.95 30.51 17.36
C ASP B 247 17.96 31.52 16.82
N ARG B 248 18.76 31.10 15.84
CA ARG B 248 19.80 31.96 15.25
C ARG B 248 19.25 32.78 14.09
N GLY B 249 17.96 32.61 13.79
CA GLY B 249 17.23 33.39 12.81
C GLY B 249 17.78 33.31 11.40
N LEU B 250 18.45 32.20 11.06
CA LEU B 250 19.06 32.09 9.73
C LEU B 250 18.04 31.79 8.64
N GLY B 251 16.88 31.22 9.01
CA GLY B 251 15.81 30.96 8.06
C GLY B 251 15.98 29.59 7.41
N THR B 252 14.88 29.10 6.85
CA THR B 252 14.91 27.78 6.18
C THR B 252 15.77 27.81 4.88
N TYR B 253 15.84 28.97 4.23
CA TYR B 253 16.70 29.19 3.03
C TYR B 253 17.56 30.43 3.29
N PRO B 254 18.74 30.24 3.90
CA PRO B 254 19.54 31.40 4.34
C PRO B 254 19.95 32.35 3.23
N HIS B 255 19.99 31.86 1.98
CA HIS B 255 20.32 32.70 0.84
C HIS B 255 19.12 33.36 0.18
N ASP B 256 17.92 33.11 0.71
CA ASP B 256 16.70 33.60 0.05
C ASP B 256 15.66 34.00 1.10
N PRO B 257 15.64 35.29 1.49
CA PRO B 257 14.69 35.76 2.52
C PRO B 257 13.23 35.57 2.12
N VAL B 258 12.91 35.66 0.84
CA VAL B 258 11.52 35.56 0.38
C VAL B 258 11.05 34.11 0.52
N LYS B 259 11.87 33.16 0.03
CA LYS B 259 11.52 31.75 0.14
C LYS B 259 11.48 31.30 1.61
N SER B 260 12.38 31.83 2.44
CA SER B 260 12.38 31.57 3.89
C SER B 260 11.06 31.98 4.56
N GLU B 261 10.49 33.09 4.11
CA GLU B 261 9.19 33.58 4.65
C GLU B 261 8.02 32.72 4.14
N GLN B 262 8.05 32.35 2.85
CA GLN B 262 6.95 31.56 2.28
C GLN B 262 6.96 30.10 2.80
N GLN B 263 8.15 29.59 3.07
CA GLN B 263 8.38 28.18 3.44
C GLN B 263 9.13 28.16 4.74
N GLY B 264 8.51 28.73 5.78
CA GLY B 264 9.17 28.91 7.07
C GLY B 264 8.82 27.85 8.10
N MET B 265 9.34 28.05 9.31
CA MET B 265 9.24 27.12 10.40
C MET B 265 8.74 27.88 11.62
N THR B 266 7.86 27.25 12.40
CA THR B 266 7.37 27.82 13.66
C THR B 266 7.77 26.89 14.81
N LYS B 267 8.53 27.43 15.76
CA LYS B 267 9.01 26.64 16.89
C LYS B 267 7.87 26.50 17.92
N VAL B 268 7.61 25.25 18.31
CA VAL B 268 6.60 24.94 19.33
C VAL B 268 7.32 24.26 20.46
N THR B 269 7.14 24.79 21.69
CA THR B 269 7.91 24.34 22.82
C THR B 269 6.98 23.62 23.80
N PHE B 270 7.44 22.51 24.35
CA PHE B 270 6.73 21.77 25.40
C PHE B 270 7.53 21.85 26.69
N GLN B 271 6.81 21.95 27.80
CA GLN B 271 7.43 22.18 29.10
C GLN B 271 7.33 21.01 30.05
N ARG B 272 8.22 20.95 31.02
CA ARG B 272 8.12 20.00 32.13
C ARG B 272 8.30 20.83 33.41
N GLY B 273 7.36 20.69 34.35
CA GLY B 273 7.40 21.51 35.57
C GLY B 273 7.40 22.99 35.22
N ARG B 274 6.65 23.36 34.17
CA ARG B 274 6.55 24.72 33.63
C ARG B 274 7.90 25.36 33.24
N GLU B 275 8.85 24.53 32.87
CA GLU B 275 10.15 24.96 32.37
C GLU B 275 10.30 24.40 30.94
N ASP B 276 10.77 25.23 30.00
CA ASP B 276 10.99 24.72 28.62
C ASP B 276 11.76 23.41 28.65
N PHE B 277 11.34 22.45 27.82
CA PHE B 277 11.99 21.14 27.84
C PHE B 277 12.40 20.69 26.43
N ARG B 278 11.42 20.55 25.54
CA ARG B 278 11.68 20.08 24.18
C ARG B 278 10.96 20.96 23.16
N ALA B 279 11.30 20.83 21.85
CA ALA B 279 10.67 21.67 20.85
C ALA B 279 10.56 20.93 19.53
N ILE B 280 9.61 21.37 18.72
CA ILE B 280 9.46 20.92 17.33
C ILE B 280 9.38 22.17 16.46
N GLY B 281 9.57 21.98 15.14
CA GLY B 281 9.43 23.05 14.17
C GLY B 281 8.35 22.72 13.16
N LEU B 282 7.19 23.37 13.27
CA LEU B 282 6.11 23.15 12.31
C LEU B 282 6.43 23.87 11.01
N LEU B 283 6.31 23.17 9.88
CA LEU B 283 6.62 23.82 8.61
C LEU B 283 5.39 24.42 7.95
N ASP B 284 5.58 25.57 7.30
CA ASP B 284 4.50 26.23 6.56
C ASP B 284 3.95 25.36 5.45
N THR B 285 4.85 24.57 4.83
CA THR B 285 4.49 23.71 3.71
C THR B 285 5.16 22.36 3.90
N ALA B 286 4.77 21.38 3.09
CA ALA B 286 5.39 20.06 3.21
C ALA B 286 6.72 20.05 2.47
N ASP B 287 7.71 20.69 3.08
CA ASP B 287 8.95 21.01 2.36
C ASP B 287 10.03 20.00 2.66
N SER B 288 10.18 19.03 1.74
CA SER B 288 11.19 18.00 2.00
C SER B 288 12.62 18.55 2.08
N ASN B 289 12.92 19.72 1.49
CA ASN B 289 14.27 20.23 1.66
C ASN B 289 14.64 20.37 3.14
N VAL B 290 13.67 20.84 3.93
CA VAL B 290 13.91 21.10 5.34
C VAL B 290 13.73 19.83 6.19
N MET B 291 12.79 18.96 5.80
CA MET B 291 12.64 17.66 6.47
C MET B 291 13.93 16.83 6.37
N CYS B 292 14.50 16.75 5.17
CA CYS B 292 15.70 15.92 4.99
C CYS B 292 16.93 16.56 5.62
N ALA B 293 16.90 17.90 5.76
CA ALA B 293 17.98 18.65 6.43
C ALA B 293 18.05 18.41 7.94
N GLN B 294 17.13 17.62 8.49
CA GLN B 294 17.32 17.18 9.86
C GLN B 294 18.60 16.34 10.01
N CYS B 295 19.01 15.63 8.93
CA CYS B 295 20.16 14.74 9.02
C CYS B 295 21.20 14.94 7.94
N HIS B 296 20.75 15.29 6.75
CA HIS B 296 21.63 15.37 5.57
C HIS B 296 22.29 16.76 5.49
N VAL B 297 23.03 17.07 6.56
CA VAL B 297 23.71 18.37 6.73
C VAL B 297 25.10 18.13 7.33
N GLU B 298 25.94 19.15 7.21
CA GLU B 298 27.21 19.19 7.95
C GLU B 298 26.93 19.72 9.36
N TYR B 299 27.54 19.08 10.34
CA TYR B 299 27.20 19.30 11.74
C TYR B 299 28.43 19.07 12.63
N ASN B 300 28.32 19.50 13.89
CA ASN B 300 29.14 18.97 14.96
C ASN B 300 28.24 18.08 15.78
N CYS B 301 28.76 16.91 16.14
CA CYS B 301 28.07 15.93 16.99
C CYS B 301 29.18 15.15 17.67
N ASN B 302 30.05 15.90 18.33
CA ASN B 302 31.35 15.37 18.73
C ASN B 302 32.11 16.43 19.52
N PRO B 303 33.10 15.99 20.31
CA PRO B 303 34.00 16.97 20.92
C PRO B 303 34.99 17.48 19.87
N GLY B 304 35.71 18.56 20.19
CA GLY B 304 36.70 19.07 19.25
C GLY B 304 37.61 19.99 20.05
N TYR B 305 38.08 21.04 19.38
CA TYR B 305 39.12 21.94 19.92
C TYR B 305 38.80 23.35 19.50
N GLN B 306 39.33 24.34 20.23
CA GLN B 306 39.18 25.72 19.79
C GLN B 306 40.30 26.13 18.85
N LEU B 307 39.93 26.86 17.81
CA LEU B 307 40.91 27.41 16.87
C LEU B 307 41.80 28.44 17.59
N SER B 308 41.21 29.20 18.51
CA SER B 308 41.91 30.29 19.21
C SER B 308 43.08 29.80 20.06
N ASP B 309 42.85 28.80 20.91
CA ASP B 309 43.88 28.39 21.85
C ASP B 309 44.15 26.88 21.87
N GLY B 310 43.41 26.14 21.04
CA GLY B 310 43.64 24.72 20.95
C GLY B 310 43.04 23.90 22.08
N SER B 311 42.32 24.55 22.99
CA SER B 311 41.77 23.85 24.15
C SER B 311 40.60 22.95 23.73
N ARG B 312 40.38 21.90 24.51
CA ARG B 312 39.31 20.92 24.26
C ARG B 312 37.92 21.52 24.40
N VAL B 313 37.04 21.13 23.48
CA VAL B 313 35.64 21.47 23.55
C VAL B 313 34.92 20.12 23.75
N GLY B 314 34.39 19.89 24.94
CA GLY B 314 33.82 18.58 25.28
C GLY B 314 32.36 18.47 24.93
N MET B 315 31.81 17.28 25.13
CA MET B 315 30.38 17.04 24.92
C MET B 315 29.49 17.94 25.76
N ASP B 316 29.99 18.39 26.91
CA ASP B 316 29.18 19.26 27.74
C ASP B 316 28.91 20.63 27.10
N ASP B 317 29.74 21.02 26.15
CA ASP B 317 29.62 22.32 25.50
C ASP B 317 28.53 22.25 24.43
N ARG B 318 27.73 23.31 24.32
CA ARG B 318 26.66 23.41 23.33
C ARG B 318 27.20 23.19 21.90
N ARG B 319 28.46 23.58 21.67
CA ARG B 319 29.06 23.47 20.31
C ARG B 319 29.18 22.01 19.87
N ALA B 320 29.06 21.06 20.79
CA ALA B 320 29.13 19.63 20.44
C ALA B 320 27.85 19.15 19.75
N ASN B 321 26.80 19.97 19.73
CA ASN B 321 25.57 19.69 18.97
C ASN B 321 25.26 20.95 18.18
N HIS B 322 25.74 21.01 16.94
CA HIS B 322 25.71 22.27 16.17
C HIS B 322 25.46 22.01 14.71
N PHE B 323 24.47 22.68 14.14
CA PHE B 323 24.31 22.75 12.67
C PHE B 323 24.94 24.05 12.18
N PHE B 324 25.97 23.93 11.34
CA PHE B 324 26.63 25.12 10.80
C PHE B 324 25.72 25.90 9.87
N TRP B 325 24.88 25.19 9.10
CA TRP B 325 23.88 25.81 8.23
C TRP B 325 24.55 26.83 7.29
N ALA B 326 25.63 26.37 6.65
CA ALA B 326 26.49 27.22 5.82
C ALA B 326 26.96 26.39 4.64
N ASN B 327 26.95 27.00 3.46
CA ASN B 327 27.53 26.31 2.28
C ASN B 327 29.07 26.25 2.35
N VAL B 328 29.68 25.56 1.38
CA VAL B 328 31.13 25.28 1.48
C VAL B 328 31.94 26.59 1.57
N PHE B 329 31.47 27.62 0.88
CA PHE B 329 32.24 28.88 0.83
C PHE B 329 31.98 29.78 2.03
N ASP B 330 31.01 29.41 2.85
CA ASP B 330 30.73 30.10 4.11
C ASP B 330 31.13 29.29 5.35
N TYR B 331 31.56 28.04 5.12
CA TYR B 331 31.82 27.15 6.24
C TYR B 331 32.98 27.59 7.16
N LYS B 332 34.09 28.04 6.56
CA LYS B 332 35.23 28.41 7.36
C LYS B 332 34.81 29.55 8.33
N GLU B 333 34.08 30.52 7.81
CA GLU B 333 33.59 31.62 8.66
C GLU B 333 32.69 31.07 9.78
N ALA B 334 31.82 30.12 9.44
CA ALA B 334 30.92 29.52 10.44
C ALA B 334 31.67 28.75 11.54
N ALA B 335 32.78 28.09 11.18
CA ALA B 335 33.58 27.38 12.17
C ALA B 335 34.34 28.40 13.02
N GLN B 336 34.80 29.47 12.39
CA GLN B 336 35.51 30.54 13.14
C GLN B 336 34.56 31.23 14.12
N GLU B 337 33.30 31.36 13.73
CA GLU B 337 32.29 32.04 14.56
C GLU B 337 32.02 31.30 15.88
N ILE B 338 32.14 29.97 15.88
CA ILE B 338 32.05 29.21 17.11
C ILE B 338 33.41 28.77 17.64
N ASP B 339 34.48 29.23 16.99
CA ASP B 339 35.85 28.96 17.44
C ASP B 339 36.15 27.47 17.60
N PHE B 340 36.02 26.71 16.51
CA PHE B 340 35.98 25.25 16.61
C PHE B 340 36.69 24.59 15.45
N PHE B 341 37.46 23.54 15.77
CA PHE B 341 37.92 22.58 14.75
C PHE B 341 37.82 21.15 15.27
N ASP B 342 37.88 20.17 14.36
CA ASP B 342 37.63 18.78 14.76
C ASP B 342 38.82 17.95 15.19
N PHE B 343 39.91 18.02 14.44
CA PHE B 343 41.05 17.17 14.74
C PHE B 343 42.35 17.77 14.23
N ARG B 344 43.47 17.26 14.76
CA ARG B 344 44.77 17.61 14.22
C ARG B 344 45.27 16.48 13.32
N HIS B 345 45.70 16.83 12.11
CA HIS B 345 46.16 15.82 11.17
C HIS B 345 47.36 15.08 11.76
N ALA B 346 47.36 13.76 11.65
CA ALA B 346 48.39 12.93 12.29
C ALA B 346 49.79 13.20 11.75
N THR B 347 49.88 13.61 10.49
CA THR B 347 51.16 13.82 9.81
C THR B 347 51.53 15.31 9.79
N THR B 348 50.59 16.17 9.39
CA THR B 348 50.95 17.56 9.21
C THR B 348 50.80 18.39 10.48
N GLY B 349 50.03 17.88 11.43
CA GLY B 349 49.74 18.65 12.63
C GLY B 349 48.72 19.77 12.46
N ALA B 350 48.18 19.93 11.24
CA ALA B 350 47.23 21.03 10.97
C ALA B 350 45.93 20.82 11.72
N ALA B 351 45.40 21.90 12.27
CA ALA B 351 44.01 21.89 12.74
C ALA B 351 43.12 21.79 11.50
N LEU B 352 42.18 20.82 11.52
CA LEU B 352 41.31 20.55 10.36
C LEU B 352 39.86 20.42 10.79
N PRO B 353 38.95 20.73 9.85
CA PRO B 353 37.54 20.45 10.04
C PRO B 353 37.24 19.03 9.55
N LYS B 354 36.19 18.44 10.11
CA LYS B 354 35.67 17.17 9.60
C LYS B 354 34.28 17.46 9.03
N LEU B 355 34.11 17.15 7.73
CA LEU B 355 32.85 17.44 7.03
C LEU B 355 32.03 16.17 6.88
N GLN B 356 30.72 16.31 6.98
CA GLN B 356 29.82 15.18 6.84
C GLN B 356 28.65 15.58 5.97
N HIS B 357 28.38 14.75 4.95
CA HIS B 357 27.16 14.77 4.09
C HIS B 357 26.36 16.10 4.08
N PRO B 358 26.94 17.14 3.47
CA PRO B 358 26.26 18.45 3.46
C PRO B 358 25.32 18.58 2.26
N GLU B 359 24.39 17.62 2.08
CA GLU B 359 23.52 17.72 0.93
C GLU B 359 22.64 18.95 0.94
N ALA B 360 22.06 19.27 2.10
CA ALA B 360 21.11 20.39 2.14
C ALA B 360 21.82 21.72 1.78
N GLU B 361 23.01 21.92 2.35
CA GLU B 361 23.70 23.21 2.17
C GLU B 361 24.30 23.31 0.80
N THR B 362 24.59 22.17 0.18
CA THR B 362 25.06 22.11 -1.19
C THR B 362 23.93 22.41 -2.18
N PHE B 363 22.73 21.91 -1.88
CA PHE B 363 21.61 22.10 -2.78
C PHE B 363 21.21 23.56 -2.92
N TRP B 364 21.39 24.37 -1.86
CA TRP B 364 21.02 25.81 -1.96
C TRP B 364 21.65 26.50 -3.16
N GLY B 365 20.84 27.23 -3.89
CA GLY B 365 21.37 28.06 -4.97
C GLY B 365 21.61 27.31 -6.26
N SER B 366 21.45 25.99 -6.22
CA SER B 366 21.60 25.20 -7.43
C SER B 366 20.45 25.45 -8.40
N VAL B 367 20.61 25.03 -9.65
CA VAL B 367 19.58 25.28 -10.64
C VAL B 367 18.25 24.65 -10.19
N HIS B 368 18.30 23.41 -9.71
CA HIS B 368 17.06 22.77 -9.32
C HIS B 368 16.41 23.48 -8.12
N GLU B 369 17.20 23.85 -7.11
CA GLU B 369 16.65 24.51 -5.91
C GLU B 369 16.04 25.86 -6.30
N ARG B 370 16.73 26.59 -7.18
CA ARG B 370 16.23 27.89 -7.65
C ARG B 370 14.91 27.78 -8.41
N ASN B 371 14.66 26.63 -9.03
CA ASN B 371 13.43 26.37 -9.76
C ASN B 371 12.38 25.68 -8.90
N GLY B 372 12.59 25.65 -7.59
CA GLY B 372 11.57 25.17 -6.64
C GLY B 372 11.47 23.65 -6.52
N VAL B 373 12.47 22.94 -7.03
CA VAL B 373 12.53 21.48 -6.89
C VAL B 373 13.07 21.17 -5.48
N ALA B 374 12.64 20.04 -4.92
CA ALA B 374 13.03 19.66 -3.55
C ALA B 374 13.48 18.21 -3.51
N CYS B 375 14.16 17.80 -2.44
CA CYS B 375 14.73 16.44 -2.35
C CYS B 375 13.72 15.39 -2.76
N ALA B 376 12.48 15.52 -2.27
CA ALA B 376 11.50 14.46 -2.50
C ALA B 376 11.12 14.32 -3.98
N ASP B 377 11.27 15.37 -4.76
CA ASP B 377 10.92 15.28 -6.19
C ASP B 377 11.81 14.26 -6.88
N CYS B 378 13.06 14.15 -6.45
CA CYS B 378 14.00 13.21 -7.11
C CYS B 378 14.18 11.92 -6.32
N HIS B 379 13.90 11.93 -5.01
CA HIS B 379 14.24 10.78 -4.15
C HIS B 379 13.06 10.09 -3.46
N MET B 380 11.90 10.74 -3.44
CA MET B 380 10.69 10.06 -2.96
C MET B 380 9.48 10.65 -3.72
N PRO B 381 9.42 10.37 -5.03
CA PRO B 381 8.38 10.95 -5.88
C PRO B 381 7.01 10.29 -5.64
N LYS B 382 5.96 10.96 -6.11
CA LYS B 382 4.64 10.32 -6.15
C LYS B 382 4.70 9.05 -7.03
N VAL B 383 3.96 8.03 -6.63
CA VAL B 383 3.85 6.82 -7.45
C VAL B 383 2.92 7.10 -8.64
N GLN B 384 3.24 6.49 -9.78
CA GLN B 384 2.44 6.64 -10.99
C GLN B 384 1.67 5.34 -11.12
N LEU B 385 0.35 5.42 -11.16
CA LEU B 385 -0.48 4.20 -11.26
C LEU B 385 -1.45 4.34 -12.40
N GLU B 386 -1.54 3.33 -13.26
CA GLU B 386 -2.57 3.34 -14.29
C GLU B 386 -3.97 3.43 -13.68
N ASN B 387 -4.19 2.70 -12.58
CA ASN B 387 -5.48 2.73 -11.85
C ASN B 387 -5.15 2.56 -10.40
N GLY B 388 -5.29 3.63 -9.64
CA GLY B 388 -4.96 3.52 -8.22
C GLY B 388 -4.97 4.87 -7.55
N LYS B 389 -5.06 4.83 -6.22
CA LYS B 389 -4.96 6.02 -5.40
C LYS B 389 -3.47 6.36 -5.26
N VAL B 390 -3.11 7.55 -5.70
CA VAL B 390 -1.70 8.00 -5.65
C VAL B 390 -1.27 8.21 -4.18
N TYR B 391 -0.03 7.84 -3.89
CA TYR B 391 0.59 8.13 -2.61
C TYR B 391 2.06 8.49 -2.91
N THR B 392 2.75 8.99 -1.90
CA THR B 392 4.15 9.37 -2.06
C THR B 392 5.03 8.20 -1.70
N SER B 393 5.93 7.80 -2.61
CA SER B 393 6.88 6.75 -2.28
C SER B 393 7.75 7.21 -1.13
N HIS B 394 7.94 6.35 -0.13
CA HIS B 394 8.85 6.65 0.96
C HIS B 394 10.14 5.84 0.85
N SER B 395 10.47 5.39 -0.35
CA SER B 395 11.71 4.59 -0.45
C SER B 395 12.71 5.62 -0.95
C SER B 395 13.07 5.33 -0.40
N GLN B 396 13.51 6.18 -0.04
N GLN B 396 13.07 6.66 -0.43
CA GLN B 396 14.34 7.40 -0.31
C GLN B 396 15.58 6.78 -0.90
N ARG B 397 15.76 6.97 -2.19
CA ARG B 397 16.83 6.23 -2.87
C ARG B 397 17.21 7.01 -4.15
N THR B 398 18.22 6.52 -4.85
CA THR B 398 18.64 7.17 -6.08
C THR B 398 17.50 7.24 -7.12
N PRO B 399 17.40 8.37 -7.83
CA PRO B 399 16.40 8.46 -8.90
C PRO B 399 16.64 7.47 -10.05
N ARG B 400 17.84 6.86 -10.12
CA ARG B 400 18.08 5.85 -11.18
C ARG B 400 17.05 4.73 -11.15
N ASP B 401 16.46 4.48 -9.97
CA ASP B 401 15.45 3.44 -9.86
C ASP B 401 14.04 3.81 -10.30
N MET B 402 13.82 5.09 -10.60
CA MET B 402 12.48 5.58 -10.89
C MET B 402 12.58 6.83 -11.75
N MET B 403 13.31 6.71 -12.84
CA MET B 403 13.64 7.90 -13.63
C MET B 403 12.42 8.56 -14.26
N GLY B 404 11.40 7.77 -14.57
CA GLY B 404 10.17 8.28 -15.20
C GLY B 404 9.55 9.33 -14.31
N GLN B 405 9.42 9.01 -13.03
CA GLN B 405 8.79 9.92 -12.05
C GLN B 405 9.75 10.97 -11.50
N ALA B 406 11.02 10.58 -11.29
CA ALA B 406 11.98 11.49 -10.66
C ALA B 406 12.52 12.57 -11.60
N CYS B 407 12.58 12.28 -12.91
CA CYS B 407 13.27 13.22 -13.84
C CYS B 407 12.48 13.49 -15.08
N LEU B 408 11.92 12.42 -15.67
CA LEU B 408 11.45 12.53 -17.07
C LEU B 408 10.09 13.21 -17.22
N ASN B 409 9.31 13.29 -16.14
CA ASN B 409 8.08 14.05 -16.17
C ASN B 409 8.37 15.52 -16.34
N CYS B 410 9.45 15.99 -15.71
CA CYS B 410 9.90 17.38 -15.91
C CYS B 410 10.69 17.50 -17.21
N HIS B 411 11.64 16.60 -17.41
CA HIS B 411 12.52 16.66 -18.60
C HIS B 411 11.94 15.83 -19.77
N ALA B 412 10.87 16.34 -20.37
CA ALA B 412 10.18 15.65 -21.49
C ALA B 412 11.06 15.51 -22.75
N GLU B 413 12.09 16.32 -22.86
CA GLU B 413 12.99 16.32 -24.03
C GLU B 413 13.99 15.15 -24.00
N TRP B 414 13.99 14.38 -22.91
CA TRP B 414 14.99 13.35 -22.73
C TRP B 414 14.41 11.95 -22.61
N THR B 415 15.16 10.98 -23.11
CA THR B 415 14.92 9.57 -22.76
C THR B 415 15.63 9.27 -21.45
N GLU B 416 15.31 8.12 -20.87
CA GLU B 416 15.99 7.70 -19.64
C GLU B 416 17.52 7.66 -19.85
N ASP B 417 17.98 7.08 -20.96
CA ASP B 417 19.42 7.02 -21.18
C ASP B 417 20.06 8.41 -21.26
N GLN B 418 19.39 9.38 -21.86
CA GLN B 418 19.97 10.72 -21.96
C GLN B 418 20.06 11.35 -20.57
N ALA B 419 19.04 11.16 -19.73
CA ALA B 419 19.07 11.76 -18.41
C ALA B 419 20.17 11.11 -17.57
N LEU B 420 20.33 9.79 -17.71
CA LEU B 420 21.41 9.08 -16.99
C LEU B 420 22.79 9.58 -17.45
N TYR B 421 22.91 9.84 -18.75
CA TYR B 421 24.17 10.31 -19.34
C TYR B 421 24.51 11.69 -18.76
N ALA B 422 23.51 12.55 -18.61
CA ALA B 422 23.73 13.87 -18.00
C ALA B 422 24.19 13.77 -16.54
N ILE B 423 23.60 12.84 -15.78
CA ILE B 423 24.05 12.62 -14.40
C ILE B 423 25.51 12.18 -14.42
N ASP B 424 25.82 11.21 -15.27
CA ASP B 424 27.17 10.65 -15.29
C ASP B 424 28.21 11.64 -15.76
N TYR B 425 27.87 12.54 -16.66
CA TYR B 425 28.81 13.59 -17.06
C TYR B 425 29.25 14.40 -15.85
N ILE B 426 28.28 14.80 -15.04
CA ILE B 426 28.58 15.59 -13.83
C ILE B 426 29.38 14.77 -12.81
N LYS B 427 28.95 13.54 -12.55
CA LYS B 427 29.62 12.73 -11.53
C LYS B 427 31.06 12.37 -11.98
N ASN B 428 31.21 12.04 -13.27
CA ASN B 428 32.54 11.71 -13.76
C ASN B 428 33.47 12.89 -13.69
N TYR B 429 32.99 14.07 -14.09
CA TYR B 429 33.84 15.25 -14.02
C TYR B 429 34.21 15.61 -12.58
N THR B 430 33.21 15.59 -11.70
CA THR B 430 33.43 15.93 -10.29
C THR B 430 34.38 14.91 -9.64
N HIS B 431 34.15 13.62 -9.88
CA HIS B 431 35.03 12.62 -9.31
C HIS B 431 36.50 12.77 -9.78
N GLY B 432 36.70 13.13 -11.05
CA GLY B 432 38.04 13.36 -11.58
C GLY B 432 38.72 14.46 -10.78
N LYS B 433 37.96 15.52 -10.46
CA LYS B 433 38.54 16.64 -9.68
C LYS B 433 38.75 16.29 -8.20
N ILE B 434 37.90 15.40 -7.66
CA ILE B 434 38.14 14.87 -6.31
C ILE B 434 39.43 14.08 -6.28
N VAL B 435 39.66 13.24 -7.28
CA VAL B 435 40.87 12.42 -7.31
C VAL B 435 42.11 13.31 -7.45
N LYS B 436 42.01 14.35 -8.28
CA LYS B 436 43.15 15.27 -8.45
C LYS B 436 43.38 16.06 -7.16
N SER B 437 42.29 16.47 -6.49
CA SER B 437 42.43 17.17 -5.21
C SER B 437 43.15 16.28 -4.19
N GLU B 438 42.81 14.99 -4.18
CA GLU B 438 43.47 14.05 -3.26
C GLU B 438 44.94 13.85 -3.62
N TYR B 439 45.25 13.79 -4.92
CA TYR B 439 46.63 13.66 -5.36
C TYR B 439 47.50 14.80 -4.79
N TRP B 440 47.00 16.03 -4.91
CA TRP B 440 47.73 17.22 -4.49
C TRP B 440 47.79 17.34 -2.98
N LEU B 441 46.69 17.03 -2.30
CA LEU B 441 46.72 16.96 -0.82
C LEU B 441 47.71 15.94 -0.32
N ALA B 442 47.72 14.75 -0.93
CA ALA B 442 48.66 13.72 -0.53
C ALA B 442 50.12 14.16 -0.77
N LYS B 443 50.34 14.85 -1.89
CA LYS B 443 51.71 15.31 -2.24
C LYS B 443 52.17 16.31 -1.17
N MET B 444 51.27 17.22 -0.79
CA MET B 444 51.55 18.17 0.29
C MET B 444 51.80 17.48 1.63
N ILE B 445 50.91 16.56 2.01
CA ILE B 445 51.06 15.84 3.26
C ILE B 445 52.41 15.14 3.37
N ASP B 446 52.85 14.50 2.29
CA ASP B 446 54.08 13.73 2.28
C ASP B 446 55.32 14.61 2.41
N LEU B 447 55.18 15.90 2.12
CA LEU B 447 56.30 16.87 2.27
C LEU B 447 56.49 17.31 3.72
N PHE B 448 55.47 17.14 4.56
CA PHE B 448 55.60 17.57 5.96
C PHE B 448 56.73 16.84 6.70
N PRO B 449 56.80 15.49 6.63
CA PRO B 449 57.90 14.80 7.31
C PRO B 449 59.27 15.14 6.72
N VAL B 450 59.31 15.30 5.40
CA VAL B 450 60.55 15.68 4.71
C VAL B 450 60.99 17.07 5.22
N ALA B 451 60.05 18.02 5.28
CA ALA B 451 60.35 19.39 5.76
C ALA B 451 60.80 19.37 7.23
N LYS B 452 60.11 18.60 8.07
CA LYS B 452 60.44 18.51 9.49
C LYS B 452 61.86 18.00 9.64
N ARG B 453 62.19 16.95 8.92
CA ARG B 453 63.48 16.32 9.10
C ARG B 453 64.63 17.09 8.42
N ALA B 454 64.28 17.97 7.49
CA ALA B 454 65.23 18.89 6.87
C ALA B 454 65.49 20.15 7.72
N GLY B 455 64.75 20.32 8.81
CA GLY B 455 64.90 21.52 9.66
C GLY B 455 64.16 22.77 9.19
N VAL B 456 63.11 22.59 8.39
CA VAL B 456 62.28 23.73 7.99
C VAL B 456 61.66 24.39 9.23
N SER B 457 61.56 25.72 9.22
CA SER B 457 61.10 26.44 10.40
C SER B 457 59.64 26.15 10.73
N GLU B 458 59.28 26.28 12.01
CA GLU B 458 57.87 26.20 12.44
C GLU B 458 56.99 27.23 11.76
N ASP B 459 57.55 28.43 11.53
CA ASP B 459 56.85 29.51 10.84
C ASP B 459 56.36 29.04 9.45
N VAL B 460 57.24 28.44 8.66
CA VAL B 460 56.87 27.86 7.36
C VAL B 460 55.87 26.69 7.53
N LEU B 461 56.11 25.82 8.50
CA LEU B 461 55.21 24.68 8.72
C LEU B 461 53.81 25.17 9.09
N ASN B 462 53.73 26.21 9.92
CA ASN B 462 52.42 26.78 10.26
C ASN B 462 51.72 27.46 9.09
N GLN B 463 52.48 28.14 8.22
CA GLN B 463 51.91 28.66 6.97
C GLN B 463 51.31 27.52 6.14
N ALA B 464 52.03 26.42 6.04
CA ALA B 464 51.54 25.27 5.27
C ALA B 464 50.31 24.64 5.97
N ARG B 465 50.30 24.62 7.30
CA ARG B 465 49.15 24.11 8.07
C ARG B 465 47.88 24.95 7.86
N GLU B 466 48.03 26.28 7.76
CA GLU B 466 46.88 27.13 7.45
C GLU B 466 46.34 26.83 6.05
N LEU B 467 47.23 26.57 5.09
CA LEU B 467 46.79 26.19 3.75
C LEU B 467 46.12 24.81 3.76
N HIS B 468 46.62 23.90 4.59
CA HIS B 468 46.03 22.56 4.72
C HIS B 468 44.56 22.66 5.14
N TYR B 469 44.25 23.56 6.06
CA TYR B 469 42.83 23.74 6.47
C TYR B 469 41.91 23.95 5.24
N ASP B 470 42.30 24.90 4.37
CA ASP B 470 41.49 25.24 3.21
C ASP B 470 41.54 24.09 2.15
N ALA B 471 42.73 23.55 1.90
CA ALA B 471 42.87 22.45 0.92
C ALA B 471 41.96 21.29 1.33
N HIS B 472 41.93 21.01 2.63
CA HIS B 472 41.11 19.92 3.13
C HIS B 472 39.63 20.25 2.99
N LEU B 473 39.22 21.42 3.49
CA LEU B 473 37.79 21.81 3.46
C LEU B 473 37.23 21.72 2.05
N TYR B 474 37.97 22.26 1.08
CA TYR B 474 37.44 22.44 -0.27
C TYR B 474 37.50 21.14 -1.07
N TRP B 475 38.18 20.13 -0.52
CA TRP B 475 38.14 18.74 -1.02
C TRP B 475 37.08 17.92 -0.29
N GLU B 476 37.19 17.84 1.05
CA GLU B 476 36.40 16.85 1.82
C GLU B 476 34.91 17.10 1.75
N TRP B 477 34.50 18.35 1.53
CA TRP B 477 33.09 18.64 1.35
C TRP B 477 32.47 17.68 0.32
N TRP B 478 33.24 17.37 -0.72
CA TRP B 478 32.74 16.65 -1.90
C TRP B 478 32.84 15.15 -1.80
N THR B 479 33.77 14.62 -1.01
CA THR B 479 33.72 13.18 -0.65
C THR B 479 32.66 12.92 0.41
N ALA B 480 32.39 13.93 1.26
CA ALA B 480 31.34 13.78 2.27
C ALA B 480 29.98 13.87 1.61
N GLU B 481 29.83 14.79 0.67
CA GLU B 481 28.54 15.04 0.02
C GLU B 481 28.24 13.89 -0.97
N ASN B 482 27.01 13.37 -0.92
CA ASN B 482 26.73 12.07 -1.58
C ASN B 482 26.40 12.09 -3.06
N SER B 483 26.19 13.28 -3.65
CA SER B 483 25.75 13.34 -5.05
C SER B 483 26.90 13.33 -6.08
N VAL B 484 28.15 13.30 -5.59
CA VAL B 484 29.34 13.43 -6.47
C VAL B 484 29.15 14.62 -7.45
N GLY B 485 28.74 15.75 -6.88
CA GLY B 485 28.58 16.99 -7.62
C GLY B 485 27.22 17.24 -8.24
N PHE B 486 26.38 16.22 -8.38
CA PHE B 486 25.12 16.44 -9.08
C PHE B 486 24.25 17.55 -8.46
N HIS B 487 24.23 17.61 -7.13
CA HIS B 487 23.37 18.59 -6.49
C HIS B 487 23.79 20.04 -6.77
N ASN B 488 25.05 20.27 -7.14
CA ASN B 488 25.48 21.64 -7.43
C ASN B 488 26.83 21.58 -8.19
N PRO B 489 26.75 21.26 -9.48
CA PRO B 489 28.00 20.95 -10.20
C PRO B 489 28.97 22.10 -10.33
N ASP B 490 28.46 23.33 -10.52
CA ASP B 490 29.38 24.47 -10.61
C ASP B 490 30.08 24.76 -9.28
N GLN B 491 29.37 24.56 -8.17
CA GLN B 491 29.98 24.82 -6.86
C GLN B 491 31.04 23.78 -6.56
N ALA B 492 30.76 22.52 -6.91
CA ALA B 492 31.75 21.46 -6.70
C ALA B 492 33.01 21.79 -7.48
N ARG B 493 32.84 22.24 -8.72
CA ARG B 493 33.98 22.51 -9.61
C ARG B 493 34.80 23.65 -9.01
N GLU B 494 34.13 24.73 -8.62
CA GLU B 494 34.85 25.88 -8.06
C GLU B 494 35.59 25.50 -6.77
N SER B 495 34.92 24.75 -5.89
CA SER B 495 35.54 24.31 -4.65
C SER B 495 36.75 23.39 -4.87
N LEU B 496 36.61 22.40 -5.74
CA LEU B 496 37.70 21.45 -5.93
C LEU B 496 38.91 22.11 -6.60
N MET B 497 38.65 23.04 -7.51
CA MET B 497 39.76 23.83 -8.06
C MET B 497 40.46 24.68 -6.99
N THR B 498 39.68 25.17 -6.02
CA THR B 498 40.26 25.89 -4.88
C THR B 498 41.10 24.95 -4.04
N SER B 499 40.62 23.72 -3.80
CA SER B 499 41.42 22.76 -3.03
C SER B 499 42.78 22.54 -3.68
N ILE B 500 42.77 22.25 -4.97
CA ILE B 500 44.00 21.98 -5.73
C ILE B 500 44.93 23.20 -5.65
N SER B 501 44.37 24.40 -5.83
CA SER B 501 45.18 25.64 -5.75
C SER B 501 45.90 25.76 -4.40
N LYS B 502 45.16 25.49 -3.33
CA LYS B 502 45.72 25.60 -1.97
C LYS B 502 46.81 24.57 -1.74
N SER B 503 46.58 23.32 -2.17
CA SER B 503 47.60 22.29 -2.04
C SER B 503 48.85 22.65 -2.82
N LYS B 504 48.67 23.15 -4.05
CA LYS B 504 49.80 23.52 -4.91
C LYS B 504 50.58 24.65 -4.25
N GLU B 505 49.87 25.61 -3.63
CA GLU B 505 50.54 26.71 -2.93
C GLU B 505 51.41 26.14 -1.79
N ALA B 506 50.84 25.23 -1.00
CA ALA B 506 51.56 24.57 0.09
C ALA B 506 52.76 23.73 -0.38
N VAL B 507 52.57 22.96 -1.45
CA VAL B 507 53.65 22.18 -2.05
C VAL B 507 54.83 23.08 -2.45
N SER B 508 54.53 24.20 -3.10
CA SER B 508 55.59 25.11 -3.55
C SER B 508 56.30 25.71 -2.33
N LEU B 509 55.53 26.10 -1.31
CA LEU B 509 56.11 26.66 -0.08
C LEU B 509 57.07 25.66 0.59
N LEU B 510 56.62 24.42 0.72
CA LEU B 510 57.42 23.41 1.42
C LEU B 510 58.63 22.99 0.58
N ASN B 511 58.43 22.76 -0.71
CA ASN B 511 59.56 22.43 -1.58
C ASN B 511 60.66 23.47 -1.58
N ASP B 512 60.27 24.74 -1.67
CA ASP B 512 61.26 25.84 -1.62
C ASP B 512 62.01 25.84 -0.30
N ALA B 513 61.29 25.69 0.80
CA ALA B 513 61.90 25.68 2.14
C ALA B 513 62.84 24.49 2.36
N ILE B 514 62.44 23.32 1.87
CA ILE B 514 63.28 22.14 1.95
C ILE B 514 64.56 22.38 1.15
N ASP B 515 64.41 22.94 -0.05
CA ASP B 515 65.55 23.18 -0.93
C ASP B 515 66.53 24.20 -0.33
N ALA B 516 66.01 25.22 0.32
CA ALA B 516 66.85 26.23 1.01
C ALA B 516 67.65 25.61 2.16
N GLN B 517 67.07 24.63 2.84
CA GLN B 517 67.77 23.92 3.92
C GLN B 517 68.91 23.07 3.38
N VAL B 518 68.70 22.49 2.20
CA VAL B 518 69.69 21.65 1.56
C VAL B 518 70.90 22.47 1.06
N ALA B 519 70.63 23.62 0.46
CA ALA B 519 71.68 24.50 -0.07
C ALA B 519 72.51 25.24 1.00
FE HEC C . -23.65 -10.77 -13.83
CHA HEC C . -20.50 -11.23 -15.17
CHB HEC C . -24.52 -8.69 -16.48
CHC HEC C . -26.89 -10.75 -12.74
CHD HEC C . -22.67 -12.35 -10.95
NA HEC C . -22.70 -10.08 -15.50
C1A HEC C . -21.41 -10.30 -15.85
C2A HEC C . -21.04 -9.58 -17.06
C3A HEC C . -22.20 -8.85 -17.44
C4A HEC C . -23.17 -9.19 -16.40
CMA HEC C . -22.35 -7.95 -18.60
CAA HEC C . -19.72 -9.59 -17.78
CBA HEC C . -19.58 -10.85 -18.65
CGA HEC C . -20.66 -10.94 -19.73
O1A HEC C . -20.69 -10.11 -20.66
O2A HEC C . -21.50 -11.85 -19.64
NB HEC C . -25.39 -9.88 -14.48
C1B HEC C . -25.61 -9.15 -15.60
C2B HEC C . -27.02 -8.79 -15.87
C3B HEC C . -27.69 -9.43 -14.73
C4B HEC C . -26.63 -10.07 -13.98
CMB HEC C . -27.57 -7.98 -17.00
CAB HEC C . -29.14 -9.48 -14.40
CBB HEC C . -29.98 -10.04 -15.56
NC HEC C . -24.59 -11.41 -12.15
C1C HEC C . -25.90 -11.26 -11.83
C2C HEC C . -26.25 -11.78 -10.51
C3C HEC C . -25.01 -12.26 -9.96
C4C HEC C . -24.05 -11.99 -11.06
CMC HEC C . -27.60 -11.72 -9.85
CAC HEC C . -24.76 -12.78 -8.58
CBC HEC C . -25.47 -14.09 -8.21
ND HEC C . -21.93 -11.66 -13.19
C1D HEC C . -21.71 -12.30 -12.04
C2D HEC C . -20.37 -12.86 -11.89
C3D HEC C . -19.74 -12.56 -13.16
C4D HEC C . -20.78 -11.81 -13.87
CMD HEC C . -19.79 -13.63 -10.75
CAD HEC C . -18.35 -12.86 -13.61
CBD HEC C . -18.22 -14.33 -14.04
CGD HEC C . -18.75 -14.61 -15.42
O1D HEC C . -19.09 -15.79 -15.71
O2D HEC C . -18.86 -13.68 -16.25
FE HEC D . -10.74 -7.20 2.14
CHA HEC D . -8.54 -8.81 4.20
CHB HEC D . -9.69 -4.18 3.38
CHC HEC D . -12.69 -5.58 -0.15
CHD HEC D . -12.11 -10.16 1.23
NA HEC D . -9.36 -6.61 3.51
C1A HEC D . -8.67 -7.38 4.39
C2A HEC D . -7.91 -6.65 5.42
C3A HEC D . -8.25 -5.28 5.16
C4A HEC D . -9.17 -5.37 4.03
CMA HEC D . -7.79 -4.05 5.89
CAA HEC D . -7.02 -7.20 6.51
CBA HEC D . -5.56 -6.92 6.28
CGA HEC D . -5.12 -7.84 5.17
O1A HEC D . -4.75 -7.31 4.10
O2A HEC D . -5.14 -9.07 5.35
NB HEC D . -11.10 -5.25 1.66
C1B HEC D . -10.53 -4.15 2.19
C2B HEC D . -10.86 -2.87 1.54
C3B HEC D . -11.75 -3.32 0.49
C4B HEC D . -11.81 -4.75 0.65
CMB HEC D . -10.39 -1.50 1.91
CAB HEC D . -12.39 -2.52 -0.55
CBB HEC D . -11.30 -1.93 -1.47
NC HEC D . -12.14 -7.79 0.78
C1C HEC D . -12.98 -6.99 0.08
C2C HEC D . -14.07 -7.67 -0.60
C3C HEC D . -13.91 -9.04 -0.19
C4C HEC D . -12.74 -8.99 0.67
CMC HEC D . -15.09 -7.02 -1.47
CAC HEC D . -14.83 -10.18 -0.50
CBC HEC D . -15.03 -10.51 -1.96
ND HEC D . -10.33 -9.14 2.57
C1D HEC D . -10.92 -10.22 2.02
C2D HEC D . -10.34 -11.50 2.47
C3D HEC D . -9.28 -11.09 3.35
C4D HEC D . -9.37 -9.63 3.35
CMD HEC D . -10.74 -12.89 2.07
CAD HEC D . -8.31 -11.94 4.11
CBD HEC D . -9.01 -12.58 5.29
CGD HEC D . -7.98 -13.50 5.92
O1D HEC D . -7.73 -13.33 7.12
O2D HEC D . -7.42 -14.40 5.24
FE HEC E . -15.55 -11.96 -8.87
CHA HEC E . -14.78 -11.29 -12.18
CHB HEC E . -12.84 -14.02 -8.57
CHC HEC E . -15.94 -11.96 -5.43
CHD HEC E . -18.59 -10.44 -9.22
NA HEC E . -14.09 -12.57 -10.15
C1A HEC E . -13.89 -12.16 -11.41
C2A HEC E . -12.69 -12.73 -11.99
C3A HEC E . -12.12 -13.55 -10.94
C4A HEC E . -13.05 -13.35 -9.84
CMA HEC E . -10.85 -14.36 -10.93
CAA HEC E . -12.14 -12.49 -13.38
CBA HEC E . -11.18 -11.28 -13.21
CGA HEC E . -10.38 -11.07 -14.50
O1A HEC E . -9.19 -10.69 -14.45
O2A HEC E . -10.97 -11.30 -15.56
NB HEC E . -14.59 -12.85 -7.31
C1B HEC E . -13.51 -13.67 -7.34
C2B HEC E . -13.04 -14.20 -6.06
C3B HEC E . -13.97 -13.58 -5.13
C4B HEC E . -14.86 -12.76 -5.97
CMB HEC E . -11.89 -15.13 -5.82
CAB HEC E . -13.97 -13.72 -3.64
CBB HEC E . -12.69 -13.12 -3.05
NC HEC E . -16.99 -11.32 -7.58
C1C HEC E . -16.97 -11.35 -6.23
C2C HEC E . -18.15 -10.80 -5.58
C3C HEC E . -18.93 -10.37 -6.69
C4C HEC E . -18.13 -10.69 -7.89
CMC HEC E . -18.44 -10.74 -4.09
CAC HEC E . -20.29 -9.76 -6.66
CBC HEC E . -20.39 -8.38 -6.00
ND HEC E . -16.51 -11.08 -10.42
C1D HEC E . -17.73 -10.49 -10.40
C2D HEC E . -18.18 -9.89 -11.66
C3D HEC E . -17.04 -10.14 -12.53
C4D HEC E . -16.09 -10.86 -11.69
CMD HEC E . -19.51 -9.23 -11.90
CAD HEC E . -16.87 -9.75 -13.96
CBD HEC E . -16.61 -8.24 -13.96
CGD HEC E . -16.62 -7.65 -15.34
O1D HEC E . -16.76 -6.40 -15.44
O2D HEC E . -16.54 -8.39 -16.34
FE HEC F . -10.63 -20.30 -9.26
CHA HEC F . -10.23 -19.78 -12.63
CHB HEC F . -13.21 -18.07 -9.18
CHC HEC F . -11.35 -21.28 -6.06
CHD HEC F . -7.62 -21.90 -9.10
NA HEC F . -11.55 -19.14 -10.66
C1A HEC F . -11.20 -18.95 -11.95
C2A HEC F . -11.99 -17.93 -12.66
C3A HEC F . -12.87 -17.44 -11.63
C4A HEC F . -12.53 -18.24 -10.46
CMA HEC F . -13.93 -16.38 -11.74
CAA HEC F . -11.80 -17.46 -14.09
CBA HEC F . -10.48 -16.61 -13.98
CGA HEC F . -9.98 -16.18 -15.34
O1A HEC F . -9.34 -15.08 -15.46
O2A HEC F . -10.21 -16.94 -16.33
NB HEC F . -12.04 -19.79 -7.89
C1B HEC F . -13.02 -18.88 -8.02
C2B HEC F . -13.91 -18.78 -6.86
C3B HEC F . -13.35 -19.75 -5.94
C4B HEC F . -12.22 -20.33 -6.67
CMB HEC F . -15.08 -17.86 -6.72
CAB HEC F . -13.81 -20.14 -4.57
CBB HEC F . -15.22 -20.74 -4.63
NC HEC F . -9.66 -21.39 -7.84
C1C HEC F . -10.01 -21.60 -6.56
C2C HEC F . -9.02 -22.28 -5.73
C3C HEC F . -7.91 -22.46 -6.65
C4C HEC F . -8.39 -21.83 -7.87
CMC HEC F . -9.10 -22.68 -4.30
CAC HEC F . -6.55 -22.98 -6.31
CBC HEC F . -6.49 -24.37 -5.74
ND HEC F . -9.23 -20.81 -10.65
C1D HEC F . -8.13 -21.55 -10.42
C2D HEC F . -7.35 -21.79 -11.64
C3D HEC F . -8.14 -21.16 -12.68
C4D HEC F . -9.28 -20.60 -11.96
CMD HEC F . -6.05 -22.51 -11.81
CAD HEC F . -7.87 -21.07 -14.15
CBD HEC F . -7.00 -19.83 -14.28
CGD HEC F . -6.29 -19.77 -15.59
O1D HEC F . -5.67 -18.72 -15.86
O2D HEC F . -6.29 -20.75 -16.37
FE HEC G . -3.07 -27.93 -5.30
CHA HEC G . -4.11 -31.17 -5.39
CHB HEC G . -2.63 -27.89 -8.72
CHC HEC G . -2.93 -24.51 -5.19
CHD HEC G . -2.57 -28.08 -1.91
NA HEC G . -3.32 -29.31 -6.81
C1A HEC G . -3.82 -30.55 -6.68
C2A HEC G . -3.99 -31.24 -7.96
C3A HEC G . -3.56 -30.26 -8.97
C4A HEC G . -3.17 -29.12 -8.14
CMA HEC G . -3.48 -30.37 -10.46
CAA HEC G . -4.50 -32.63 -8.16
CBA HEC G . -6.01 -32.43 -8.24
CGA HEC G . -6.77 -33.75 -8.38
O1A HEC G . -8.01 -33.60 -8.52
O2A HEC G . -6.20 -34.90 -8.35
NB HEC G . -2.81 -26.48 -6.70
C1B HEC G . -2.59 -26.63 -8.04
C2B HEC G . -2.39 -25.39 -8.77
C3B HEC G . -2.46 -24.40 -7.71
C4B HEC G . -2.74 -25.15 -6.49
CMB HEC G . -2.14 -25.21 -10.25
CAB HEC G . -2.39 -22.93 -7.87
CBB HEC G . -3.57 -22.40 -8.66
NC HEC G . -2.83 -26.54 -3.81
C1C HEC G . -2.80 -25.20 -3.93
C2C HEC G . -2.60 -24.44 -2.70
C3C HEC G . -2.48 -25.49 -1.70
C4C HEC G . -2.63 -26.75 -2.48
CMC HEC G . -2.53 -22.93 -2.56
CAC HEC G . -2.11 -25.32 -0.27
CBC HEC G . -2.93 -24.37 0.57
ND HEC G . -3.31 -29.39 -3.89
C1D HEC G . -3.09 -29.29 -2.56
C2D HEC G . -3.34 -30.52 -1.79
C3D HEC G . -3.77 -31.43 -2.84
C4D HEC G . -3.70 -30.65 -4.08
CMD HEC G . -3.16 -30.77 -0.31
CAD HEC G . -4.16 -32.88 -2.71
CBD HEC G . -2.78 -33.55 -2.64
CGD HEC G . -2.83 -35.05 -2.61
O1D HEC G . -3.85 -35.61 -2.16
O2D HEC G . -1.83 -35.68 -3.04
FE HEC H . -22.29 2.77 10.20
CHA HEC H . -24.93 1.36 8.49
CHB HEC H . -24.38 3.61 12.83
CHC HEC H . -19.55 3.82 12.07
CHD HEC H . -20.28 2.44 7.43
NA HEC H . -24.28 2.54 10.56
C1A HEC H . -25.20 1.95 9.78
C2A HEC H . -26.54 1.91 10.38
C3A HEC H . -26.36 2.57 11.64
C4A HEC H . -24.96 2.91 11.69
CMA HEC H . -27.42 2.81 12.69
CAA HEC H . -27.80 1.33 9.80
CBA HEC H . -28.04 -0.06 10.37
CGA HEC H . -29.43 -0.41 9.90
O1A HEC H . -29.61 -0.80 8.73
O2A HEC H . -30.41 -0.26 10.70
NB HEC H . -22.03 3.56 12.08
C1B HEC H . -22.98 3.87 13.02
C2B HEC H . -22.47 4.49 14.21
C3B HEC H . -21.04 4.56 14.00
C4B HEC H . -20.87 3.99 12.65
CMB HEC H . -23.34 4.90 15.38
CAB HEC H . -20.02 5.13 14.93
CBB HEC H . -19.85 4.33 16.20
NC HEC H . -20.30 3.02 9.84
C1C HEC H . -19.34 3.45 10.69
C2C HEC H . -17.99 3.58 10.12
C3C HEC H . -18.24 3.20 8.73
C4C HEC H . -19.65 2.87 8.65
CMC HEC H . -16.73 4.02 10.79
CAC HEC H . -17.24 3.21 7.60
CBC HEC H . -15.85 2.73 7.98
ND HEC H . -22.55 2.00 8.32
C1D HEC H . -21.65 1.97 7.32
C2D HEC H . -22.16 1.37 6.09
C3D HEC H . -23.52 1.06 6.37
C4D HEC H . -23.68 1.52 7.77
CMD HEC H . -21.41 1.18 4.79
CAD HEC H . -24.55 0.42 5.47
CBD HEC H . -24.99 -0.95 6.04
CGD HEC H . -23.94 -2.02 6.13
O1D HEC H . -24.17 -2.99 6.89
O2D HEC H . -22.87 -1.92 5.45
FE HEC I . -10.50 -0.75 8.70
CHA HEC I . -9.00 -3.22 10.58
CHB HEC I . -11.83 -3.13 6.62
CHC HEC I . -12.38 1.69 7.19
CHD HEC I . -8.69 1.62 10.33
NA HEC I . -10.42 -2.80 8.59
C1A HEC I . -9.75 -3.63 9.42
C2A HEC I . -9.87 -5.05 9.06
C3A HEC I . -10.71 -5.03 7.89
C4A HEC I . -11.00 -3.61 7.70
CMA HEC I . -11.19 -6.18 7.09
CAA HEC I . -9.27 -6.24 9.75
CBA HEC I . -10.29 -6.63 10.82
CGA HEC I . -9.89 -7.92 11.49
O1A HEC I . -10.64 -8.35 12.38
O2A HEC I . -8.83 -8.53 11.19
NB HEC I . -11.84 -0.71 7.17
C1B HEC I . -12.29 -1.75 6.44
C2B HEC I . -13.32 -1.43 5.43
C3B HEC I . -13.48 0.00 5.61
C4B HEC I . -12.53 0.34 6.66
CMB HEC I . -13.98 -2.39 4.46
CAB HEC I . -14.39 0.86 4.82
CBB HEC I . -15.86 0.55 5.08
NC HEC I . -10.53 1.28 8.78
C1C HEC I . -11.30 2.13 8.06
C2C HEC I . -10.99 3.54 8.25
C3C HEC I . -9.87 3.52 9.14
C4C HEC I . -9.67 2.08 9.41
CMC HEC I . -11.71 4.71 7.62
CAC HEC I . -9.03 4.64 9.57
CBC HEC I . -9.69 5.84 10.23
ND HEC I . -9.15 -0.80 10.22
C1D HEC I . -8.55 0.25 10.83
C2D HEC I . -7.64 -0.10 11.92
C3D HEC I . -7.73 -1.54 11.98
C4D HEC I . -8.67 -1.84 10.91
CMD HEC I . -6.83 0.84 12.77
CAD HEC I . -7.06 -2.50 12.91
CBD HEC I . -5.73 -2.90 12.29
CGD HEC I . -5.08 -3.98 13.13
O1D HEC I . -4.59 -4.99 12.58
O2D HEC I . -5.07 -3.83 14.36
FE HEC J . -29.51 6.85 14.09
CHA HEC J . -31.29 5.31 11.56
CHB HEC J . -26.59 6.56 12.26
CHC HEC J . -27.80 8.70 16.49
CHD HEC J . -32.29 6.71 16.18
NA HEC J . -29.05 6.10 12.26
C1A HEC J . -29.87 5.48 11.40
C2A HEC J . -29.20 5.06 10.17
C3A HEC J . -27.82 5.42 10.37
C4A HEC J . -27.82 6.07 11.66
CMA HEC J . -26.65 5.25 9.44
CAA HEC J . -29.79 4.36 8.98
CBA HEC J . -30.29 5.44 8.03
CGA HEC J . -30.81 4.78 6.76
O1A HEC J . -30.43 5.23 5.66
O2A HEC J . -31.63 3.86 6.84
NB HEC J . -27.58 7.51 14.33
C1B HEC J . -26.51 7.29 13.51
C2B HEC J . -25.24 7.85 13.96
C3B HEC J . -25.58 8.51 15.21
C4B HEC J . -27.03 8.23 15.35
CMB HEC J . -23.92 7.77 13.24
CAB HEC J . -24.65 9.25 16.12
CBB HEC J . -24.05 10.47 15.40
NC HEC J . -29.98 7.58 15.96
C1C HEC J . -29.14 8.26 16.80
C2C HEC J . -29.72 8.60 18.10
C3C HEC J . -31.05 8.01 18.03
C4C HEC J . -31.12 7.39 16.68
CMC HEC J . -29.06 9.37 19.21
CAC HEC J . -32.07 7.97 19.14
CBC HEC J . -32.47 9.31 19.71
ND HEC J . -31.43 6.18 13.88
C1D HEC J . -32.43 6.20 14.82
C2D HEC J . -33.67 5.61 14.36
C3D HEC J . -33.38 5.18 13.00
C4D HEC J . -32.00 5.58 12.82
CMD HEC J . -34.95 5.49 15.15
CAD HEC J . -34.33 4.51 12.04
CBD HEC J . -33.91 3.04 11.91
CGD HEC J . -34.29 2.27 13.15
O1D HEC J . -35.51 2.25 13.48
O2D HEC J . -33.38 1.67 13.80
S SO3 K . -24.22 -12.59 -14.98
O1 SO3 K . -23.11 -13.31 -15.66
O2 SO3 K . -24.79 -13.64 -14.14
O3 SO3 K . -25.18 -12.38 -16.07
CA CA L . -29.59 -19.39 -13.56
C1 MPD M . -17.70 1.29 -25.50
C2 MPD M . -19.08 1.88 -25.82
O2 MPD M . -19.85 1.90 -24.59
CM MPD M . -18.93 3.30 -26.33
C3 MPD M . -19.89 1.09 -26.83
C4 MPD M . -20.20 -0.36 -26.45
O4 MPD M . -20.97 -0.48 -25.23
C5 MPD M . -20.95 -1.08 -27.58
S SO3 N . -28.93 -0.89 15.29
O1 SO3 N . -29.87 0.23 15.42
O2 SO3 N . -28.05 -0.81 16.42
O3 SO3 N . -29.67 -2.15 15.19
C ACT O . -35.74 -10.69 6.97
O ACT O . -36.87 -10.32 6.58
OXT ACT O . -35.49 -11.91 7.13
CH3 ACT O . -34.68 -9.65 7.25
C TRS P . -21.33 -25.90 -38.55
C1 TRS P . -20.74 -26.74 -39.69
C2 TRS P . -21.51 -26.76 -37.31
C3 TRS P . -22.66 -25.32 -39.00
N TRS P . -20.37 -24.81 -38.22
O1 TRS P . -21.49 -27.93 -39.89
O2 TRS P . -22.90 -27.03 -37.06
O3 TRS P . -22.58 -23.90 -39.12
S SO3 Q . -37.11 2.44 22.89
O1 SO3 Q . -37.15 3.84 23.30
O2 SO3 Q . -36.48 1.57 23.87
O3 SO3 Q . -38.41 2.00 22.41
C ACT R . -4.68 -3.10 8.65
O ACT R . -4.70 -2.28 7.71
OXT ACT R . -5.61 -3.95 8.84
CH3 ACT R . -3.47 -3.01 9.55
FE HEC S . 25.75 9.38 10.81
CHA HEC S . 25.61 7.76 7.79
CHB HEC S . 27.51 6.73 12.19
CHC HEC S . 26.25 11.18 13.62
CHD HEC S . 23.59 11.78 9.62
NA HEC S . 26.42 7.60 10.14
C1A HEC S . 26.23 7.06 8.90
C2A HEC S . 26.75 5.72 8.76
C3A HEC S . 27.31 5.43 10.06
C4A HEC S . 27.02 6.63 10.84
CMA HEC S . 28.03 4.17 10.49
CAA HEC S . 26.78 4.82 7.55
CBA HEC S . 27.92 5.22 6.58
CGA HEC S . 29.27 5.09 7.25
O1A HEC S . 29.72 3.96 7.57
O2A HEC S . 29.91 6.14 7.45
NB HEC S . 26.71 9.02 12.59
C1B HEC S . 27.45 7.96 12.98
C2B HEC S . 28.13 8.10 14.30
C3B HEC S . 27.72 9.44 14.69
C4B HEC S . 26.89 9.91 13.58
CMB HEC S . 28.99 7.09 14.99
CAB HEC S . 28.10 10.25 15.88
CBB HEC S . 29.61 10.38 16.02
NC HEC S . 25.04 11.16 11.50
C1C HEC S . 25.27 11.71 12.70
C2C HEC S . 24.54 12.95 12.93
C3C HEC S . 23.77 13.12 11.75
C4C HEC S . 24.12 11.95 10.93
CMC HEC S . 24.55 13.80 14.18
CAC HEC S . 22.72 14.15 11.47
CBC HEC S . 23.17 15.61 11.50
ND HEC S . 24.82 9.73 9.03
C1D HEC S . 24.02 10.75 8.69
C2D HEC S . 23.53 10.73 7.31
C3D HEC S . 24.15 9.55 6.76
C4D HEC S . 24.89 9.00 7.90
CMD HEC S . 22.64 11.74 6.65
CAD HEC S . 23.99 9.01 5.37
CBD HEC S . 24.88 9.79 4.37
CGD HEC S . 26.35 9.42 4.41
O1D HEC S . 27.19 10.25 3.99
O2D HEC S . 26.72 8.30 4.84
FE HEC T . 5.71 10.57 5.08
CHA HEC T . 3.69 12.07 2.77
CHB HEC T . 3.10 8.66 6.12
CHC HEC T . 7.77 8.89 7.17
CHD HEC T . 8.19 12.79 4.37
NA HEC T . 3.74 10.39 4.56
C1A HEC T . 3.04 11.17 3.73
C2A HEC T . 1.60 10.90 3.70
C3A HEC T . 1.44 9.86 4.67
C4A HEC T . 2.79 9.69 5.18
CMA HEC T . 0.18 9.19 5.10
CAA HEC T . 0.54 11.55 2.86
CBA HEC T . -0.03 10.65 1.77
CGA HEC T . 1.04 10.55 0.72
O1A HEC T . 1.54 9.43 0.57
O2A HEC T . 1.34 11.58 0.07
NB HEC T . 5.50 9.03 6.38
C1B HEC T . 4.40 8.27 6.58
C2B HEC T . 4.60 7.11 7.45
C3B HEC T . 6.00 7.21 7.75
C4B HEC T . 6.45 8.38 7.03
CMB HEC T . 3.56 6.11 7.89
CAB HEC T . 6.83 6.26 8.55
CBB HEC T . 6.86 4.87 7.84
NC HEC T . 7.62 10.82 5.69
C1C HEC T . 8.26 10.16 6.67
C2C HEC T . 9.57 10.69 7.07
C3C HEC T . 9.70 11.85 6.21
C4C HEC T . 8.46 11.85 5.44
CMC HEC T . 10.51 10.15 8.09
CAC HEC T . 10.79 12.88 6.29
CBC HEC T . 12.20 12.41 6.00
ND HEC T . 5.91 12.11 3.75
C1D HEC T . 7.03 12.81 3.50
C2D HEC T . 6.91 13.77 2.40
C3D HEC T . 5.56 13.56 1.92
C4D HEC T . 5.06 12.52 2.80
CMD HEC T . 7.96 14.71 1.91
CAD HEC T . 4.83 14.22 0.79
CBD HEC T . 4.38 15.58 1.24
CGD HEC T . 3.82 16.28 0.01
O1D HEC T . 2.71 16.81 0.12
O2D HEC T . 4.45 16.34 -1.06
FE HEC U . 18.62 9.88 4.43
CHA HEC U . 20.70 7.29 3.58
CHB HEC U . 17.95 10.49 1.13
CHC HEC U . 16.01 11.92 5.34
CHD HEC U . 19.68 9.74 7.68
NA HEC U . 19.26 9.06 2.67
C1A HEC U . 20.04 7.98 2.51
C2A HEC U . 20.16 7.60 1.12
C3A HEC U . 19.36 8.54 0.39
C4A HEC U . 18.83 9.39 1.46
CMA HEC U . 19.14 8.64 -1.09
CAA HEC U . 20.95 6.44 0.53
CBA HEC U . 19.98 5.26 0.53
CGA HEC U . 20.63 4.12 -0.26
O1A HEC U . 21.86 3.92 -0.12
O2A HEC U . 19.90 3.43 -1.01
NB HEC U . 17.28 10.99 3.43
C1B HEC U . 17.14 11.19 2.09
C2B HEC U . 16.09 12.11 1.65
C3B HEC U . 15.51 12.53 2.91
C4B HEC U . 16.28 11.79 3.93
CMB HEC U . 15.74 12.47 0.23
CAB HEC U . 14.36 13.47 3.11
CBB HEC U . 13.09 12.88 2.53
NC HEC U . 17.95 10.68 6.19
C1C HEC U . 16.87 11.44 6.37
C2C HEC U . 16.63 11.81 7.76
C3C HEC U . 17.74 11.20 8.46
C4C HEC U . 18.47 10.46 7.41
CMC HEC U . 15.52 12.71 8.25
CAC HEC U . 18.09 11.26 9.90
CBC HEC U . 17.02 10.70 10.84
ND HEC U . 19.97 8.76 5.44
C1D HEC U . 20.28 8.80 6.74
C2D HEC U . 21.27 7.83 7.21
C3D HEC U . 21.57 7.09 6.00
C4D HEC U . 20.73 7.74 4.99
CMD HEC U . 21.82 7.70 8.59
CAD HEC U . 22.51 5.94 5.82
CBD HEC U . 21.80 4.73 6.46
CGD HEC U . 22.69 3.52 6.54
O1D HEC U . 22.33 2.57 7.29
O2D HEC U . 23.76 3.46 5.89
FE HEC V . 19.99 13.93 -4.28
CHA HEC V . 22.34 11.54 -4.91
CHB HEC V . 20.19 13.30 -0.91
CHC HEC V . 18.04 16.69 -3.66
CHD HEC V . 19.18 14.03 -7.57
NA HEC V . 21.09 12.67 -3.14
C1A HEC V . 21.89 11.66 -3.54
C2A HEC V . 22.41 10.81 -2.47
C3A HEC V . 21.80 11.36 -1.28
C4A HEC V . 20.99 12.46 -1.80
CMA HEC V . 21.95 10.88 0.13
CAA HEC V . 23.31 9.61 -2.63
CBA HEC V . 22.34 8.54 -3.21
CGA HEC V . 23.07 7.25 -3.56
O1A HEC V . 22.47 6.16 -3.49
O2A HEC V . 24.27 7.30 -3.95
NB HEC V . 19.26 14.84 -2.60
C1B HEC V . 19.46 14.48 -1.32
C2B HEC V . 18.84 15.40 -0.34
C3B HEC V . 18.25 16.41 -1.20
C4B HEC V . 18.57 16.00 -2.55
CMB HEC V . 18.87 15.30 1.16
CAB HEC V . 17.49 17.62 -0.79
CBB HEC V . 18.40 18.56 0.01
NC HEC V . 18.83 15.12 -5.40
C1C HEC V . 18.02 16.13 -5.01
C2C HEC V . 17.17 16.70 -6.06
C3C HEC V . 17.50 15.89 -7.23
C4C HEC V . 18.49 14.96 -6.71
CMC HEC V . 16.19 17.81 -5.94
CAC HEC V . 16.84 15.91 -8.57
CBC HEC V . 16.86 17.25 -9.27
ND HEC V . 20.69 13.02 -5.95
C1D HEC V . 20.32 13.25 -7.20
C2D HEC V . 21.07 12.45 -8.18
C3D HEC V . 22.03 11.74 -7.39
C4D HEC V . 21.70 12.15 -6.03
CMD HEC V . 20.92 12.42 -9.67
CAD HEC V . 23.06 10.73 -7.86
CBD HEC V . 22.30 9.41 -7.87
CGD HEC V . 23.05 8.34 -8.66
O1D HEC V . 22.58 7.16 -8.62
O2D HEC V . 24.06 8.64 -9.32
FE HEC W . 16.37 18.85 -13.98
CHA HEC W . 18.20 21.57 -14.90
CHB HEC W . 18.88 16.76 -14.92
CHC HEC W . 14.89 16.33 -12.13
CHD HEC W . 13.49 20.66 -13.89
NA HEC W . 18.23 19.13 -14.80
C1A HEC W . 18.86 20.29 -15.03
C2A HEC W . 20.22 20.15 -15.47
C3A HEC W . 20.45 18.71 -15.50
C4A HEC W . 19.15 18.18 -15.03
CMA HEC W . 21.68 17.92 -15.89
CAA HEC W . 21.16 21.27 -15.84
CBA HEC W . 21.74 21.72 -14.51
CGA HEC W . 22.78 22.82 -14.65
O1A HEC W . 23.40 23.04 -13.58
O2A HEC W . 22.96 23.48 -15.75
NB HEC W . 16.80 16.88 -13.62
C1B HEC W . 17.84 16.18 -14.11
C2B HEC W . 17.86 14.78 -13.74
C3B HEC W . 16.69 14.68 -12.90
C4B HEC W . 16.10 16.00 -12.88
CMB HEC W . 18.92 13.78 -14.13
CAB HEC W . 16.21 13.49 -12.18
CBB HEC W . 17.21 13.10 -11.11
NC HEC W . 14.54 18.56 -13.14
C1C HEC W . 14.09 17.52 -12.42
C2C HEC W . 12.68 17.57 -11.97
C3C HEC W . 12.26 18.85 -12.52
C4C HEC W . 13.46 19.38 -13.21
CMC HEC W . 11.96 16.54 -11.15
CAC HEC W . 10.87 19.43 -12.50
CBC HEC W . 10.16 19.48 -11.18
ND HEC W . 15.93 20.81 -14.36
C1D HEC W . 14.70 21.37 -14.26
C2D HEC W . 14.70 22.80 -14.60
C3D HEC W . 16.09 23.07 -14.92
C4D HEC W . 16.76 21.77 -14.75
CMD HEC W . 13.50 23.72 -14.59
CAD HEC W . 16.71 24.35 -15.36
CBD HEC W . 16.25 24.40 -16.83
CGD HEC W . 16.80 25.59 -17.60
O1D HEC W . 17.21 25.39 -18.78
O2D HEC W . 16.79 26.71 -17.06
FE HEC X . 0.47 12.07 21.43
CHA HEC X . 3.59 13.20 22.49
CHB HEC X . -1.07 13.68 24.06
CHC HEC X . -2.63 11.27 20.13
CHD HEC X . 1.98 10.02 19.10
NA HEC X . 1.14 13.22 22.97
C1A HEC X . 2.41 13.56 23.25
C2A HEC X . 2.52 14.45 24.44
C3A HEC X . 1.16 14.58 24.89
C4A HEC X . 0.38 13.81 23.94
CMA HEC X . 0.69 15.39 26.08
CAA HEC X . 3.76 15.05 25.04
CBA HEC X . 3.88 16.51 24.61
CGA HEC X . 5.03 17.04 25.46
O1A HEC X . 6.21 16.73 25.16
O2A HEC X . 4.76 17.76 26.47
NB HEC X . -1.48 12.41 22.00
C1B HEC X . -1.94 13.05 23.10
C2B HEC X . -3.39 13.08 23.24
C3B HEC X . -3.87 12.36 22.07
C4B HEC X . -2.61 11.99 21.39
CMB HEC X . -4.18 13.75 24.34
CAB HEC X . -5.30 12.07 21.72
CBB HEC X . -6.08 13.32 21.38
NC HEC X . -0.19 10.88 19.90
C1C HEC X . -1.46 10.70 19.50
C2C HEC X . -1.64 9.76 18.38
C3C HEC X . -0.25 9.39 18.10
C4C HEC X . 0.54 10.13 19.06
CMC HEC X . -2.94 9.35 17.76
CAC HEC X . 0.24 8.35 17.12
CBC HEC X . -0.47 8.35 15.77
ND HEC X . 2.41 11.71 20.89
C1D HEC X . 2.84 10.84 19.94
C2D HEC X . 4.28 10.77 19.81
C3D HEC X . 4.79 11.71 20.80
C4D HEC X . 3.55 12.21 21.42
CMD HEC X . 5.04 9.93 18.84
CAD HEC X . 6.22 12.08 21.11
CBD HEC X . 6.43 13.58 20.83
CGD HEC X . 6.29 14.01 19.39
O1D HEC X . 6.14 15.22 19.17
O2D HEC X . 6.32 13.16 18.44
FE HEC Y . -2.19 9.34 9.65
CHA HEC Y . -3.44 11.63 7.39
CHB HEC Y . 0.96 10.47 9.03
CHC HEC Y . -1.07 7.38 12.21
CHD HEC Y . -5.23 7.80 9.81
NA HEC Y . -1.39 10.77 8.43
C1A HEC Y . -2.01 11.58 7.56
C2A HEC Y . -1.12 12.46 6.80
C3A HEC Y . 0.19 12.12 7.30
C4A HEC Y . -0.09 11.09 8.28
CMA HEC Y . 1.51 12.71 6.91
CAA HEC Y . -1.49 13.48 5.76
CBA HEC Y . -1.74 14.78 6.53
CGA HEC Y . -2.00 15.95 5.63
O1A HEC Y . -2.31 17.03 6.19
O2A HEC Y . -1.91 15.83 4.40
NB HEC Y . -0.38 8.97 10.49
C1B HEC Y . 0.80 9.53 10.15
C2B HEC Y . 1.95 9.11 10.93
C3B HEC Y . 1.34 8.21 11.88
C4B HEC Y . -0.07 8.16 11.51
CMB HEC Y . 3.37 9.57 10.77
CAB HEC Y . 2.07 7.47 12.95
CBB HEC Y . 2.62 8.42 14.01
NC HEC Y . -3.01 7.88 10.83
C1C HEC Y . -2.42 7.16 11.77
C2C HEC Y . -3.23 6.10 12.38
C3C HEC Y . -4.43 6.19 11.61
C4C HEC Y . -4.21 7.30 10.70
CMC HEC Y . -2.87 5.12 13.45
CAC HEC Y . -5.58 5.27 11.64
CBC HEC Y . -6.36 5.05 12.92
ND HEC Y . -4.00 9.69 8.79
C1D HEC Y . -5.16 9.01 8.99
C2D HEC Y . -6.31 9.53 8.27
C3D HEC Y . -5.77 10.66 7.55
C4D HEC Y . -4.37 10.68 7.96
CMD HEC Y . -7.74 9.04 8.26
CAD HEC Y . -6.50 11.61 6.65
CBD HEC Y . -6.43 11.05 5.23
CGD HEC Y . -6.90 12.13 4.28
O1D HEC Y . -6.28 12.34 3.23
O2D HEC Y . -7.88 12.82 4.58
FE HEC Z . -0.88 14.01 30.26
CHA HEC Z . 2.56 14.43 30.32
CHB HEC Z . -0.63 12.12 27.38
CHC HEC Z . -4.27 13.27 30.44
CHD HEC Z . -1.24 16.35 32.77
NA HEC Z . 0.69 13.37 29.09
C1A HEC Z . 1.98 13.65 29.24
C2A HEC Z . 2.83 13.03 28.22
C3A HEC Z . 1.88 12.36 27.36
C4A HEC Z . 0.60 12.60 27.97
CMA HEC Z . 2.15 11.54 26.12
CAA HEC Z . 4.31 13.12 28.12
CBA HEC Z . 4.87 11.91 28.87
CGA HEC Z . 6.37 11.86 28.78
O1A HEC Z . 6.91 10.75 28.65
O2A HEC Z . 7.04 12.92 28.84
NB HEC Z . -2.21 12.90 29.13
C1B HEC Z . -1.95 12.24 27.97
C2B HEC Z . -3.10 11.56 27.36
C3B HEC Z . -4.18 11.90 28.29
C4B HEC Z . -3.53 12.74 29.31
CMB HEC Z . -3.12 10.71 26.11
CAB HEC Z . -5.59 11.49 28.11
CBB HEC Z . -5.79 9.98 28.20
NC HEC Z . -2.46 14.66 31.43
C1C HEC Z . -3.76 14.30 31.33
C2C HEC Z . -4.68 14.96 32.26
C3C HEC Z . -3.77 15.89 32.93
C4C HEC Z . -2.45 15.65 32.34
CMC HEC Z . -6.15 14.73 32.39
CAC HEC Z . -4.13 16.94 33.95
CBC HEC Z . -4.73 16.36 35.22
ND HEC Z . 0.44 15.13 31.37
C1D HEC Z . 0.12 16.04 32.33
C2D HEC Z . 1.26 16.73 32.91
C3D HEC Z . 2.41 16.19 32.19
C4D HEC Z . 1.78 15.24 31.24
CMD HEC Z . 1.22 17.76 34.01
CAD HEC Z . 3.86 16.52 32.34
CBD HEC Z . 4.16 17.50 31.20
CGD HEC Z . 3.48 18.84 31.33
O1D HEC Z . 2.78 19.27 30.39
O2D HEC Z . 3.65 19.49 32.39
C ACT AA . -3.77 8.83 3.65
O ACT AA . -3.14 9.87 3.98
OXT ACT AA . -3.43 7.70 4.04
CH3 ACT AA . -4.97 8.92 2.76
S SO3 BA . 27.66 10.31 10.09
O1 SO3 BA . 27.92 10.03 8.62
O2 SO3 BA . 27.60 11.76 10.09
O3 SO3 BA . 28.87 9.90 10.81
CA CA CA . 31.41 18.15 10.87
C1 MPD DA . 28.01 -8.24 10.57
C2 MPD DA . 28.67 -8.33 11.93
O2 MPD DA . 28.03 -7.37 12.79
CM MPD DA . 28.45 -9.72 12.51
C3 MPD DA . 30.18 -8.03 11.94
C4 MPD DA . 30.54 -6.59 11.54
O4 MPD DA . 29.94 -5.57 12.37
C5 MPD DA . 32.06 -6.38 11.56
S SO3 EA . 0.82 20.18 25.70
O1 SO3 EA . -0.54 20.41 25.24
O2 SO3 EA . 1.57 21.45 25.69
O3 SO3 EA . 0.78 19.68 27.07
C ACT FA . 14.09 25.54 24.25
O ACT FA . 14.39 26.51 23.51
OXT ACT FA . 14.69 25.33 25.32
CH3 ACT FA . 13.00 24.60 23.82
C TRS GA . 50.52 5.66 -3.82
C1 TRS GA . 50.89 7.12 -3.96
C2 TRS GA . 50.43 5.27 -2.35
C3 TRS GA . 51.57 4.83 -4.52
N TRS GA . 49.19 5.40 -4.46
O1 TRS GA . 50.25 7.92 -2.95
O2 TRS GA . 51.70 4.83 -1.85
O3 TRS GA . 52.58 5.68 -5.07
#